data_3MJB
# 
_entry.id   3MJB 
# 
_audit_conform.dict_name       mmcif_pdbx.dic 
_audit_conform.dict_version    5.379 
_audit_conform.dict_location   http://mmcif.pdb.org/dictionaries/ascii/mmcif_pdbx.dic 
# 
loop_
_database_2.database_id 
_database_2.database_code 
_database_2.pdbx_database_accession 
_database_2.pdbx_DOI 
PDB   3MJB         pdb_00003mjb 10.2210/pdb3mjb/pdb 
NDB   NA0521       ?            ?                   
RCSB  RCSB058615   ?            ?                   
WWPDB D_1000058615 ?            ?                   
# 
loop_
_pdbx_database_related.db_name 
_pdbx_database_related.db_id 
_pdbx_database_related.details 
_pdbx_database_related.content_type 
PDB 3MJ3 . unspecified 
PDB 3MJA . unspecified 
# 
_pdbx_database_status.entry_id                        3MJB 
_pdbx_database_status.deposit_site                    RCSB 
_pdbx_database_status.process_site                    RCSB 
_pdbx_database_status.recvd_initial_deposition_date   2010-04-12 
_pdbx_database_status.status_code                     REL 
_pdbx_database_status.status_code_sf                  REL 
_pdbx_database_status.status_code_mr                  ? 
_pdbx_database_status.SG_entry                        ? 
_pdbx_database_status.pdb_format_compatible           Y 
_pdbx_database_status.status_code_cs                  ? 
_pdbx_database_status.status_code_nmr_data            ? 
_pdbx_database_status.methods_development_category    ? 
# 
loop_
_audit_author.name 
_audit_author.pdbx_ordinal 
'Kieft, J.S.'      1 
'Golden, B.L.'     2 
'Costantino, D.A.' 3 
'Chase, E.'        4 
# 
_citation.id                        primary 
_citation.title                     'Identification and characterization of anion binding sites in RNA.' 
_citation.journal_abbrev            Rna 
_citation.journal_volume            16 
_citation.page_first                1118 
_citation.page_last                 1123 
_citation.year                      2010 
_citation.journal_id_ASTM           RNARFU 
_citation.country                   UK 
_citation.journal_id_ISSN           1355-8382 
_citation.journal_id_CSD            2122 
_citation.book_publisher            ? 
_citation.pdbx_database_id_PubMed   20410239 
_citation.pdbx_database_id_DOI      10.1261/rna.2072710 
# 
loop_
_citation_author.citation_id 
_citation_author.name 
_citation_author.ordinal 
_citation_author.identifier_ORCID 
primary 'Kieft, J.S.'      1 ? 
primary 'Chase, E.'        2 ? 
primary 'Costantino, D.A.' 3 ? 
primary 'Golden, B.L.'     4 ? 
# 
_cell.entry_id           3MJB 
_cell.length_a           58.940 
_cell.length_b           58.940 
_cell.length_c           99.370 
_cell.angle_alpha        90.00 
_cell.angle_beta         90.00 
_cell.angle_gamma        90.00 
_cell.Z_PDB              8 
_cell.pdbx_unique_axis   ? 
_cell.length_a_esd       ? 
_cell.length_b_esd       ? 
_cell.length_c_esd       ? 
_cell.angle_alpha_esd    ? 
_cell.angle_beta_esd     ? 
_cell.angle_gamma_esd    ? 
# 
_symmetry.entry_id                         3MJB 
_symmetry.space_group_name_H-M             'P 41 21 2' 
_symmetry.pdbx_full_space_group_name_H-M   ? 
_symmetry.cell_setting                     ? 
_symmetry.Int_Tables_number                92 
_symmetry.space_group_name_Hall            ? 
# 
loop_
_entity.id 
_entity.type 
_entity.src_method 
_entity.pdbx_description 
_entity.formula_weight 
_entity.pdbx_number_of_molecules 
_entity.pdbx_ec 
_entity.pdbx_mutation 
_entity.pdbx_fragment 
_entity.details 
1 polymer     syn 'Domain 3 of the cricket paralysis virus intergenic region IRES RNA' 9326.556 1 ? U6178A 'Domain 3 RNA' ? 
2 polymer     syn 
;RNA (5'-R(P*UP*AP*AP*GP*AP*AP*AP*UP*UP*UP*AP*CP*CP*U)-3')
;
4416.675 1 ? A6199G 'Domain 3 RNA' ? 
3 non-polymer syn 'SULFATE ION'                                                        96.063   4 ? A6198U 'Domain 3 RNA' ? 
# 
loop_
_entity_poly.entity_id 
_entity_poly.type 
_entity_poly.nstd_linkage 
_entity_poly.nstd_monomer 
_entity_poly.pdbx_seq_one_letter_code 
_entity_poly.pdbx_seq_one_letter_code_can 
_entity_poly.pdbx_strand_id 
_entity_poly.pdbx_target_identifier 
1 polyribonucleotide no no GGUUAUUCAGAUUAGGUAGUCGAAUGACC GGUUAUUCAGAUUAGGUAGUCGAAUGACC A ? 
2 polyribonucleotide no no UAAGAAAUUUACCU                UAAGAAAUUUACCU                B ? 
# 
loop_
_entity_poly_seq.entity_id 
_entity_poly_seq.num 
_entity_poly_seq.mon_id 
_entity_poly_seq.hetero 
1 1  G n 
1 2  G n 
1 3  U n 
1 4  U n 
1 5  A n 
1 6  U n 
1 7  U n 
1 8  C n 
1 9  A n 
1 10 G n 
1 11 A n 
1 12 U n 
1 13 U n 
1 14 A n 
1 15 G n 
1 16 G n 
1 17 U n 
1 18 A n 
1 19 G n 
1 20 U n 
1 21 C n 
1 22 G n 
1 23 A n 
1 24 A n 
1 25 U n 
1 26 G n 
1 27 A n 
1 28 C n 
1 29 C n 
2 1  U n 
2 2  A n 
2 3  A n 
2 4  G n 
2 5  A n 
2 6  A n 
2 7  A n 
2 8  U n 
2 9  U n 
2 10 U n 
2 11 A n 
2 12 C n 
2 13 C n 
2 14 U n 
# 
_pdbx_entity_src_syn.entity_id              1 
_pdbx_entity_src_syn.pdbx_src_id            1 
_pdbx_entity_src_syn.pdbx_alt_source_flag   sample 
_pdbx_entity_src_syn.pdbx_beg_seq_num       ? 
_pdbx_entity_src_syn.pdbx_end_seq_num       ? 
_pdbx_entity_src_syn.organism_scientific    ? 
_pdbx_entity_src_syn.organism_common_name   ? 
_pdbx_entity_src_syn.ncbi_taxonomy_id       ? 
_pdbx_entity_src_syn.details                'In vitro transcription' 
# 
loop_
_struct_ref.id 
_struct_ref.db_name 
_struct_ref.db_code 
_struct_ref.pdbx_db_accession 
_struct_ref.entity_id 
_struct_ref.pdbx_align_begin 
_struct_ref.pdbx_seq_one_letter_code 
_struct_ref.pdbx_db_isoform 
1 PDB 3MJB 3MJB 1 1 GGUUAUUCAGAUUAGGUAGUCGAAUGACC ? 
2 PDB 3MJB 3MJB 2 1 UAAGAAAUUUACCU                ? 
# 
loop_
_struct_ref_seq.align_id 
_struct_ref_seq.ref_id 
_struct_ref_seq.pdbx_PDB_id_code 
_struct_ref_seq.pdbx_strand_id 
_struct_ref_seq.seq_align_beg 
_struct_ref_seq.pdbx_seq_align_beg_ins_code 
_struct_ref_seq.seq_align_end 
_struct_ref_seq.pdbx_seq_align_end_ins_code 
_struct_ref_seq.pdbx_db_accession 
_struct_ref_seq.db_align_beg 
_struct_ref_seq.pdbx_db_align_beg_ins_code 
_struct_ref_seq.db_align_end 
_struct_ref_seq.pdbx_db_align_end_ins_code 
_struct_ref_seq.pdbx_auth_seq_align_beg 
_struct_ref_seq.pdbx_auth_seq_align_end 
1 1 3MJB A 1 ? 29 ? 3MJB 6174 ? 6202 ? 6174 6202 
2 2 3MJB B 1 ? 14 ? 3MJB 6203 ? 6216 ? 6203 6216 
# 
loop_
_chem_comp.id 
_chem_comp.type 
_chem_comp.mon_nstd_flag 
_chem_comp.name 
_chem_comp.pdbx_synonyms 
_chem_comp.formula 
_chem_comp.formula_weight 
A   'RNA linking' y "ADENOSINE-5'-MONOPHOSPHATE" ? 'C10 H14 N5 O7 P' 347.221 
C   'RNA linking' y "CYTIDINE-5'-MONOPHOSPHATE"  ? 'C9 H14 N3 O8 P'  323.197 
G   'RNA linking' y "GUANOSINE-5'-MONOPHOSPHATE" ? 'C10 H14 N5 O8 P' 363.221 
SO4 non-polymer   . 'SULFATE ION'                ? 'O4 S -2'         96.063  
U   'RNA linking' y "URIDINE-5'-MONOPHOSPHATE"   ? 'C9 H13 N2 O9 P'  324.181 
# 
_exptl.crystals_number   1 
_exptl.entry_id          3MJB 
_exptl.method            'X-RAY DIFFRACTION' 
# 
_exptl_crystal.id                    1 
_exptl_crystal.density_Matthews      3.14 
_exptl_crystal.density_meas          ? 
_exptl_crystal.density_percent_sol   60.82 
_exptl_crystal.description           ? 
_exptl_crystal.F_000                 ? 
_exptl_crystal.preparation           ? 
# 
_exptl_crystal_grow.crystal_id      1 
_exptl_crystal_grow.method          'VAPOR DIFFUSION' 
_exptl_crystal_grow.pH              7.5 
_exptl_crystal_grow.temp            293 
_exptl_crystal_grow.temp_details    ? 
_exptl_crystal_grow.pdbx_details    
;1.4 M lithium sulfate, 42.5 mM magnesium chloride, 0.5 mM spermidine, 10 mM HEPES-KOH, 50 mM HEPES-NaOH; transferred to saturated lithium sulfate, 42.5 mM magnesium chloride, 0.5 mM spermidine, 10 mM HEPES-KOH, 50 mM HEPES-NaOH for cryo-protection, pH 7.5, VAPOR DIFFUSION, temperature 293K
;
_exptl_crystal_grow.pdbx_pH_range   ? 
# 
_diffrn.id                     1 
_diffrn.ambient_temp           ? 
_diffrn.ambient_temp_details   ? 
_diffrn.crystal_id             1 
# 
_diffrn_radiation.diffrn_id                        1 
_diffrn_radiation.wavelength_id                    1 
_diffrn_radiation.pdbx_diffrn_protocol             'SINGLE WAVELENGTH' 
_diffrn_radiation.monochromator                    ? 
_diffrn_radiation.pdbx_monochromatic_or_laue_m_l   M 
_diffrn_radiation.pdbx_scattering_type             x-ray 
# 
_diffrn_radiation_wavelength.id           1 
_diffrn_radiation_wavelength.wavelength   1.1271 
_diffrn_radiation_wavelength.wt           1.0 
# 
_diffrn_source.diffrn_id                   1 
_diffrn_source.source                      SYNCHROTRON 
_diffrn_source.type                        'ALS BEAMLINE 8.2.1' 
_diffrn_source.pdbx_wavelength             ? 
_diffrn_source.pdbx_wavelength_list        1.1271 
_diffrn_source.pdbx_synchrotron_site       ALS 
_diffrn_source.pdbx_synchrotron_beamline   8.2.1 
# 
_reflns.entry_id                     3MJB 
_reflns.observed_criterion_sigma_F   2.0 
_reflns.observed_criterion_sigma_I   2.0 
_reflns.d_resolution_high            2.2 
_reflns.d_resolution_low             41.68 
_reflns.number_all                   9451 
_reflns.number_obs                   9451 
_reflns.percent_possible_obs         100 
_reflns.pdbx_netI_over_sigmaI        ? 
_reflns.B_iso_Wilson_estimate        ? 
_reflns.pdbx_redundancy              ? 
_reflns.R_free_details               ? 
_reflns.limit_h_max                  ? 
_reflns.limit_h_min                  ? 
_reflns.limit_k_max                  ? 
_reflns.limit_k_min                  ? 
_reflns.limit_l_max                  ? 
_reflns.limit_l_min                  ? 
_reflns.observed_criterion_F_max     ? 
_reflns.observed_criterion_F_min     ? 
_reflns.pdbx_chi_squared             ? 
_reflns.pdbx_scaling_rejects         ? 
_reflns.pdbx_Rmerge_I_obs            ? 
_reflns.pdbx_Rsym_value              ? 
_reflns.pdbx_diffrn_id               1 
_reflns.pdbx_ordinal                 1 
# 
_refine.entry_id                                 3MJB 
_refine.ls_d_res_high                            2.800 
_refine.ls_d_res_low                             41.68 
_refine.pdbx_ls_sigma_F                          0.00 
_refine.pdbx_data_cutoff_high_absF               ? 
_refine.pdbx_data_cutoff_low_absF                ? 
_refine.ls_percent_reflns_obs                    99.700 
_refine.ls_number_reflns_obs                     8202 
_refine.ls_number_reflns_all                     ? 
_refine.pdbx_ls_cross_valid_method               ? 
_refine.pdbx_R_Free_selection_details            'RANDOM 10%' 
_refine.details                                  ? 
_refine.ls_R_factor_all                          ? 
_refine.ls_R_factor_obs                          ? 
_refine.ls_R_factor_R_work                       0.242 
_refine.ls_wR_factor_R_work                      ? 
_refine.ls_R_factor_R_free                       0.276 
_refine.ls_wR_factor_R_free                      ? 
_refine.ls_percent_reflns_R_free                 8.900 
_refine.ls_number_reflns_R_free                  735 
_refine.ls_R_factor_R_free_error                 ? 
_refine.B_iso_mean                               47.222 
_refine.solvent_model_param_bsol                 35.000 
_refine.solvent_model_param_ksol                 ? 
_refine.pdbx_isotropic_thermal_model             ? 
_refine.aniso_B[1][1]                            -1.694 
_refine.aniso_B[2][2]                            -1.694 
_refine.aniso_B[3][3]                            3.387 
_refine.aniso_B[1][2]                            0.000 
_refine.aniso_B[1][3]                            0.000 
_refine.aniso_B[2][3]                            0.000 
_refine.correlation_coeff_Fo_to_Fc               ? 
_refine.correlation_coeff_Fo_to_Fc_free          ? 
_refine.overall_SU_R_Cruickshank_DPI             ? 
_refine.overall_SU_R_free                        ? 
_refine.pdbx_overall_ESU_R_Free                  ? 
_refine.overall_SU_ML                            ? 
_refine.overall_SU_B                             ? 
_refine.solvent_model_details                    ? 
_refine.pdbx_solvent_vdw_probe_radii             ? 
_refine.pdbx_solvent_ion_probe_radii             ? 
_refine.pdbx_solvent_shrinkage_radii             ? 
_refine.ls_number_parameters                     ? 
_refine.ls_number_restraints                     ? 
_refine.pdbx_starting_model                      'PDB entry 3B31' 
_refine.pdbx_method_to_determine_struct          'MOLECULAR REPLACEMENT' 
_refine.pdbx_stereochemistry_target_values       'Engh & Huber' 
_refine.pdbx_stereochem_target_val_spec_case     ? 
_refine.overall_FOM_work_R_set                   ? 
_refine.B_iso_max                                95.09 
_refine.B_iso_min                                24.68 
_refine.occupancy_max                            1.00 
_refine.occupancy_min                            1.00 
_refine.pdbx_ls_sigma_I                          ? 
_refine.ls_redundancy_reflns_obs                 ? 
_refine.ls_R_factor_R_free_error_details         ? 
_refine.pdbx_data_cutoff_high_rms_absF           ? 
_refine.overall_FOM_free_R_set                   ? 
_refine.pdbx_overall_phase_error                 ? 
_refine.pdbx_refine_id                           'X-RAY DIFFRACTION' 
_refine.pdbx_overall_ESU_R                       ? 
_refine.pdbx_diffrn_id                           1 
_refine.pdbx_TLS_residual_ADP_flag               ? 
_refine.pdbx_overall_SU_R_free_Cruickshank_DPI   ? 
_refine.pdbx_overall_SU_R_Blow_DPI               ? 
_refine.pdbx_overall_SU_R_free_Blow_DPI          ? 
# 
_refine_hist.pdbx_refine_id                   'X-RAY DIFFRACTION' 
_refine_hist.cycle_id                         LAST 
_refine_hist.pdbx_number_atoms_protein        0 
_refine_hist.pdbx_number_atoms_nucleic_acid   917 
_refine_hist.pdbx_number_atoms_ligand         20 
_refine_hist.number_atoms_solvent             0 
_refine_hist.number_atoms_total               937 
_refine_hist.d_res_high                       2.800 
_refine_hist.d_res_low                        41.68 
# 
loop_
_refine_ls_restr.type 
_refine_ls_restr.number 
_refine_ls_restr.dev_ideal 
_refine_ls_restr.dev_ideal_target 
_refine_ls_restr.weight 
_refine_ls_restr.pdbx_refine_id 
_refine_ls_restr.pdbx_restraint_function 
c_bond_d     ? 0.006 ?     ? 'X-RAY DIFFRACTION' ? 
c_angle_d    ? 1.388 ?     ? 'X-RAY DIFFRACTION' ? 
c_mcbond_it  ? 1.494 1.500 ? 'X-RAY DIFFRACTION' ? 
c_mcangle_it ? 2.395 2.000 ? 'X-RAY DIFFRACTION' ? 
# 
loop_
_pdbx_xplor_file.serial_no 
_pdbx_xplor_file.param_file 
_pdbx_xplor_file.topol_file 
_pdbx_xplor_file.pdbx_refine_id 
1 protein_rep.param protein.top 'X-RAY DIFFRACTION' 
2 dna-rna_rep.param dna-rna.top 'X-RAY DIFFRACTION' 
3 water_rep.param   water.top   'X-RAY DIFFRACTION' 
4 ion.param         ion.top     'X-RAY DIFFRACTION' 
5 irhex.param       irhex.top   'X-RAY DIFFRACTION' 
# 
_struct.entry_id                  3MJB 
_struct.title                     'Cricket Paralysis Virus IGR IRES Domain 3 RNA bound to sulfate' 
_struct.pdbx_model_details        ? 
_struct.pdbx_CASP_flag            ? 
_struct.pdbx_model_type_details   ? 
# 
_struct_keywords.entry_id        3MJB 
_struct_keywords.pdbx_keywords   RNA 
_struct_keywords.text            'RNA pseudoknot, anions, sulfate, RNA' 
# 
loop_
_struct_asym.id 
_struct_asym.pdbx_blank_PDB_chainid_flag 
_struct_asym.pdbx_modified 
_struct_asym.entity_id 
_struct_asym.details 
A N N 1 ? 
B N N 2 ? 
C N N 3 ? 
D N N 3 ? 
E N N 3 ? 
F N N 3 ? 
# 
_struct_biol.id        1 
_struct_biol.details   ? 
# 
loop_
_struct_conn.id 
_struct_conn.conn_type_id 
_struct_conn.pdbx_leaving_atom_flag 
_struct_conn.pdbx_PDB_id 
_struct_conn.ptnr1_label_asym_id 
_struct_conn.ptnr1_label_comp_id 
_struct_conn.ptnr1_label_seq_id 
_struct_conn.ptnr1_label_atom_id 
_struct_conn.pdbx_ptnr1_label_alt_id 
_struct_conn.pdbx_ptnr1_PDB_ins_code 
_struct_conn.pdbx_ptnr1_standard_comp_id 
_struct_conn.ptnr1_symmetry 
_struct_conn.ptnr2_label_asym_id 
_struct_conn.ptnr2_label_comp_id 
_struct_conn.ptnr2_label_seq_id 
_struct_conn.ptnr2_label_atom_id 
_struct_conn.pdbx_ptnr2_label_alt_id 
_struct_conn.pdbx_ptnr2_PDB_ins_code 
_struct_conn.ptnr1_auth_asym_id 
_struct_conn.ptnr1_auth_comp_id 
_struct_conn.ptnr1_auth_seq_id 
_struct_conn.ptnr2_auth_asym_id 
_struct_conn.ptnr2_auth_comp_id 
_struct_conn.ptnr2_auth_seq_id 
_struct_conn.ptnr2_symmetry 
_struct_conn.pdbx_ptnr3_label_atom_id 
_struct_conn.pdbx_ptnr3_label_seq_id 
_struct_conn.pdbx_ptnr3_label_comp_id 
_struct_conn.pdbx_ptnr3_label_asym_id 
_struct_conn.pdbx_ptnr3_label_alt_id 
_struct_conn.pdbx_ptnr3_PDB_ins_code 
_struct_conn.details 
_struct_conn.pdbx_dist_value 
_struct_conn.pdbx_value_order 
_struct_conn.pdbx_role 
hydrog1  hydrog ? ? A G 1  N1 ? ? ? 1_555 A C 29 N3 ? ? A G 6174 A C 6202 1_555 ? ? ? ? ? ? WATSON-CRICK  ? ? ? 
hydrog2  hydrog ? ? A G 1  N2 ? ? ? 1_555 A C 29 O2 ? ? A G 6174 A C 6202 1_555 ? ? ? ? ? ? WATSON-CRICK  ? ? ? 
hydrog3  hydrog ? ? A G 1  O6 ? ? ? 1_555 A C 29 N4 ? ? A G 6174 A C 6202 1_555 ? ? ? ? ? ? WATSON-CRICK  ? ? ? 
hydrog4  hydrog ? ? A G 2  N1 ? ? ? 1_555 A C 28 N3 ? ? A G 6175 A C 6201 1_555 ? ? ? ? ? ? WATSON-CRICK  ? ? ? 
hydrog5  hydrog ? ? A G 2  N2 ? ? ? 1_555 A C 28 O2 ? ? A G 6175 A C 6201 1_555 ? ? ? ? ? ? WATSON-CRICK  ? ? ? 
hydrog6  hydrog ? ? A G 2  O6 ? ? ? 1_555 A C 28 N4 ? ? A G 6175 A C 6201 1_555 ? ? ? ? ? ? WATSON-CRICK  ? ? ? 
hydrog7  hydrog ? ? A U 3  N3 ? ? ? 1_555 A A 27 N1 ? ? A U 6176 A A 6200 1_555 ? ? ? ? ? ? WATSON-CRICK  ? ? ? 
hydrog8  hydrog ? ? A U 3  O4 ? ? ? 1_555 A A 27 N6 ? ? A U 6176 A A 6200 1_555 ? ? ? ? ? ? WATSON-CRICK  ? ? ? 
hydrog9  hydrog ? ? A U 4  O2 ? ? ? 1_555 A G 26 N2 ? ? A U 6177 A G 6199 1_555 ? ? ? ? ? ? 'U-G MISPAIR' ? ? ? 
hydrog10 hydrog ? ? A A 5  N1 ? ? ? 1_555 A U 25 N3 ? ? A A 6178 A U 6198 1_555 ? ? ? ? ? ? WATSON-CRICK  ? ? ? 
hydrog11 hydrog ? ? A A 5  N6 ? ? ? 1_555 A U 25 O4 ? ? A A 6178 A U 6198 1_555 ? ? ? ? ? ? WATSON-CRICK  ? ? ? 
hydrog12 hydrog ? ? A U 6  N3 ? ? ? 1_555 A A 24 N1 ? ? A U 6179 A A 6197 1_555 ? ? ? ? ? ? WATSON-CRICK  ? ? ? 
hydrog13 hydrog ? ? A U 6  O4 ? ? ? 1_555 A A 24 N6 ? ? A U 6179 A A 6197 1_555 ? ? ? ? ? ? WATSON-CRICK  ? ? ? 
hydrog14 hydrog ? ? A U 7  N3 ? ? ? 1_555 A A 23 N1 ? ? A U 6180 A A 6196 1_555 ? ? ? ? ? ? WATSON-CRICK  ? ? ? 
hydrog15 hydrog ? ? A U 7  O4 ? ? ? 1_555 A A 23 N6 ? ? A U 6180 A A 6196 1_555 ? ? ? ? ? ? WATSON-CRICK  ? ? ? 
hydrog16 hydrog ? ? A C 8  N3 ? ? ? 1_555 A G 22 N1 ? ? A C 6181 A G 6195 1_555 ? ? ? ? ? ? WATSON-CRICK  ? ? ? 
hydrog17 hydrog ? ? A C 8  N4 ? ? ? 1_555 A G 22 O6 ? ? A C 6181 A G 6195 1_555 ? ? ? ? ? ? WATSON-CRICK  ? ? ? 
hydrog18 hydrog ? ? A C 8  O2 ? ? ? 1_555 A G 22 N2 ? ? A C 6181 A G 6195 1_555 ? ? ? ? ? ? WATSON-CRICK  ? ? ? 
hydrog19 hydrog ? ? A G 10 N1 ? ? ? 1_555 A C 21 N3 ? ? A G 6183 A C 6194 1_555 ? ? ? ? ? ? WATSON-CRICK  ? ? ? 
hydrog20 hydrog ? ? A G 10 N2 ? ? ? 1_555 A C 21 O2 ? ? A G 6183 A C 6194 1_555 ? ? ? ? ? ? WATSON-CRICK  ? ? ? 
hydrog21 hydrog ? ? A G 10 O6 ? ? ? 1_555 A C 21 N4 ? ? A G 6183 A C 6194 1_555 ? ? ? ? ? ? WATSON-CRICK  ? ? ? 
hydrog22 hydrog ? ? A A 11 N6 ? ? ? 1_555 A G 19 O6 ? ? A A 6184 A G 6192 1_555 ? ? ? ? ? ? 'A-G MISPAIR' ? ? ? 
hydrog23 hydrog ? ? A A 11 N1 ? ? ? 1_555 A U 20 N3 ? ? A A 6184 A U 6193 1_555 ? ? ? ? ? ? WATSON-CRICK  ? ? ? 
hydrog24 hydrog ? ? A A 11 N6 ? ? ? 1_555 A U 20 O4 ? ? A A 6184 A U 6193 1_555 ? ? ? ? ? ? WATSON-CRICK  ? ? ? 
hydrog25 hydrog ? ? A A 14 N1 ? ? ? 1_555 B U 14 N3 ? ? A A 6187 B U 6216 1_555 ? ? ? ? ? ? WATSON-CRICK  ? ? ? 
hydrog26 hydrog ? ? A A 14 N6 ? ? ? 1_555 B U 14 O4 ? ? A A 6187 B U 6216 1_555 ? ? ? ? ? ? WATSON-CRICK  ? ? ? 
hydrog27 hydrog ? ? A G 15 N1 ? ? ? 1_555 B C 13 N3 ? ? A G 6188 B C 6215 1_555 ? ? ? ? ? ? WATSON-CRICK  ? ? ? 
hydrog28 hydrog ? ? A G 15 N2 ? ? ? 1_555 B C 13 O2 ? ? A G 6188 B C 6215 1_555 ? ? ? ? ? ? WATSON-CRICK  ? ? ? 
hydrog29 hydrog ? ? A G 15 O6 ? ? ? 1_555 B C 13 N4 ? ? A G 6188 B C 6215 1_555 ? ? ? ? ? ? WATSON-CRICK  ? ? ? 
hydrog30 hydrog ? ? A G 16 N1 ? ? ? 1_555 B C 12 N3 ? ? A G 6189 B C 6214 1_555 ? ? ? ? ? ? WATSON-CRICK  ? ? ? 
hydrog31 hydrog ? ? A G 16 N2 ? ? ? 1_555 B C 12 O2 ? ? A G 6189 B C 6214 1_555 ? ? ? ? ? ? WATSON-CRICK  ? ? ? 
hydrog32 hydrog ? ? A G 16 O6 ? ? ? 1_555 B C 12 N4 ? ? A G 6189 B C 6214 1_555 ? ? ? ? ? ? WATSON-CRICK  ? ? ? 
hydrog33 hydrog ? ? A U 17 N3 ? ? ? 1_555 B A 11 N1 ? ? A U 6190 B A 6213 1_555 ? ? ? ? ? ? WATSON-CRICK  ? ? ? 
hydrog34 hydrog ? ? A U 17 O4 ? ? ? 1_555 B A 11 N6 ? ? A U 6190 B A 6213 1_555 ? ? ? ? ? ? WATSON-CRICK  ? ? ? 
hydrog35 hydrog ? ? A A 18 N1 ? ? ? 1_555 B U 10 N3 ? ? A A 6191 B U 6212 1_555 ? ? ? ? ? ? WATSON-CRICK  ? ? ? 
hydrog36 hydrog ? ? A A 18 N6 ? ? ? 1_555 B U 10 O4 ? ? A A 6191 B U 6212 1_555 ? ? ? ? ? ? WATSON-CRICK  ? ? ? 
hydrog37 hydrog ? ? A G 19 N2 ? ? ? 1_555 B A 7  N3 ? ? A G 6192 B A 6209 1_555 ? ? ? ? ? ? 'G-A MISPAIR' ? ? ? 
# 
_struct_conn_type.id          hydrog 
_struct_conn_type.criteria    ? 
_struct_conn_type.reference   ? 
# 
loop_
_struct_site.id 
_struct_site.pdbx_evidence_code 
_struct_site.pdbx_auth_asym_id 
_struct_site.pdbx_auth_comp_id 
_struct_site.pdbx_auth_seq_id 
_struct_site.pdbx_auth_ins_code 
_struct_site.pdbx_num_residues 
_struct_site.details 
AC1 Software A SO4 100 ? 3 'BINDING SITE FOR RESIDUE SO4 A 100' 
AC2 Software B SO4 101 ? 2 'BINDING SITE FOR RESIDUE SO4 B 101' 
AC3 Software B SO4 102 ? 2 'BINDING SITE FOR RESIDUE SO4 B 102' 
AC4 Software A SO4 103 ? 2 'BINDING SITE FOR RESIDUE SO4 A 103' 
# 
loop_
_struct_site_gen.id 
_struct_site_gen.site_id 
_struct_site_gen.pdbx_num_res 
_struct_site_gen.label_comp_id 
_struct_site_gen.label_asym_id 
_struct_site_gen.label_seq_id 
_struct_site_gen.pdbx_auth_ins_code 
_struct_site_gen.auth_comp_id 
_struct_site_gen.auth_asym_id 
_struct_site_gen.auth_seq_id 
_struct_site_gen.label_atom_id 
_struct_site_gen.label_alt_id 
_struct_site_gen.symmetry 
_struct_site_gen.details 
1 AC1 3 G A 10 ? G A 6183 . ? 1_555 ? 
2 AC1 3 G A 22 ? G A 6195 . ? 1_555 ? 
3 AC1 3 A A 23 ? A A 6196 . ? 1_555 ? 
4 AC2 2 C B 12 ? C B 6214 . ? 1_555 ? 
5 AC2 2 C B 13 ? C B 6215 . ? 1_555 ? 
6 AC3 2 G B 4  ? G B 6206 . ? 1_555 ? 
7 AC3 2 A B 5  ? A B 6207 . ? 1_555 ? 
8 AC4 2 C A 28 ? C A 6201 . ? 1_555 ? 
9 AC4 2 C A 29 ? C A 6202 . ? 1_555 ? 
# 
_atom_sites.entry_id                    3MJB 
_atom_sites.fract_transf_matrix[1][1]   0.00556170 
_atom_sites.fract_transf_matrix[1][2]   -0.00711047 
_atom_sites.fract_transf_matrix[1][3]   0.01436502 
_atom_sites.fract_transf_matrix[2][1]   -0.01087938 
_atom_sites.fract_transf_matrix[2][2]   0.00949157 
_atom_sites.fract_transf_matrix[2][3]   0.00891035 
_atom_sites.fract_transf_matrix[3][1]   -0.00698159 
_atom_sites.fract_transf_matrix[3][2]   -0.00719609 
_atom_sites.fract_transf_matrix[3][3]   -0.00085890 
_atom_sites.fract_transf_vector[1]      0.310765 
_atom_sites.fract_transf_vector[2]      -0.038159 
_atom_sites.fract_transf_vector[3]      -0.146725 
# 
loop_
_atom_type.symbol 
C 
N 
O 
P 
S 
# 
loop_
_atom_site.group_PDB 
_atom_site.id 
_atom_site.type_symbol 
_atom_site.label_atom_id 
_atom_site.label_alt_id 
_atom_site.label_comp_id 
_atom_site.label_asym_id 
_atom_site.label_entity_id 
_atom_site.label_seq_id 
_atom_site.pdbx_PDB_ins_code 
_atom_site.Cartn_x 
_atom_site.Cartn_y 
_atom_site.Cartn_z 
_atom_site.occupancy 
_atom_site.B_iso_or_equiv 
_atom_site.pdbx_formal_charge 
_atom_site.auth_seq_id 
_atom_site.auth_comp_id 
_atom_site.auth_asym_id 
_atom_site.auth_atom_id 
_atom_site.pdbx_PDB_model_num 
ATOM   1   O OP3   . G   A 1 1  ? 11.900  -12.138 9.895   1.00 101.18 ? 6174 G   A OP3   1 
ATOM   2   P P     . G   A 1 1  ? 12.002  -10.738 9.285   1.00 101.59 ? 6174 G   A P     1 
ATOM   3   O OP1   . G   A 1 1  ? 12.499  -10.785 7.838   1.00 100.82 ? 6174 G   A OP1   1 
ATOM   4   O OP2   . G   A 1 1  ? 10.709  -9.928  9.428   1.00 100.79 ? 6174 G   A OP2   1 
ATOM   5   O "O5'" . G   A 1 1  ? 13.139  -9.945  10.163  1.00 96.67  ? 6174 G   A "O5'" 1 
ATOM   6   C "C5'" . G   A 1 1  ? 13.164  -10.044 11.607  1.00 89.29  ? 6174 G   A "C5'" 1 
ATOM   7   C "C4'" . G   A 1 1  ? 13.891  -8.864  12.218  1.00 84.19  ? 6174 G   A "C4'" 1 
ATOM   8   O "O4'" . G   A 1 1  ? 15.325  -9.063  12.160  1.00 81.41  ? 6174 G   A "O4'" 1 
ATOM   9   C "C3'" . G   A 1 1  ? 13.700  -7.510  11.559  1.00 82.49  ? 6174 G   A "C3'" 1 
ATOM   10  O "O3'" . G   A 1 1  ? 12.464  -6.915  11.938  1.00 81.84  ? 6174 G   A "O3'" 1 
ATOM   11  C "C2'" . G   A 1 1  ? 14.887  -6.727  12.110  1.00 80.77  ? 6174 G   A "C2'" 1 
ATOM   12  O "O2'" . G   A 1 1  ? 14.687  -6.242  13.419  1.00 81.35  ? 6174 G   A "O2'" 1 
ATOM   13  C "C1'" . G   A 1 1  ? 15.973  -7.801  12.136  1.00 78.82  ? 6174 G   A "C1'" 1 
ATOM   14  N N9    . G   A 1 1  ? 16.817  -7.734  10.952  1.00 75.60  ? 6174 G   A N9    1 
ATOM   15  C C8    . G   A 1 1  ? 16.960  -8.689  9.975   1.00 74.29  ? 6174 G   A C8    1 
ATOM   16  N N7    . G   A 1 1  ? 17.785  -8.332  9.029   1.00 73.24  ? 6174 G   A N7    1 
ATOM   17  C C5    . G   A 1 1  ? 18.213  -7.066  9.406   1.00 72.93  ? 6174 G   A C5    1 
ATOM   18  C C6    . G   A 1 1  ? 19.114  -6.173  8.771   1.00 72.32  ? 6174 G   A C6    1 
ATOM   19  O O6    . G   A 1 1  ? 19.743  -6.333  7.720   1.00 71.86  ? 6174 G   A O6    1 
ATOM   20  N N1    . G   A 1 1  ? 19.252  -4.989  9.489   1.00 72.09  ? 6174 G   A N1    1 
ATOM   21  C C2    . G   A 1 1  ? 18.609  -4.703  10.668  1.00 72.28  ? 6174 G   A C2    1 
ATOM   22  N N2    . G   A 1 1  ? 18.863  -3.499  11.205  1.00 71.32  ? 6174 G   A N2    1 
ATOM   23  N N3    . G   A 1 1  ? 17.776  -5.532  11.277  1.00 72.86  ? 6174 G   A N3    1 
ATOM   24  C C4    . G   A 1 1  ? 17.624  -6.684  10.592  1.00 73.66  ? 6174 G   A C4    1 
ATOM   25  P P     . G   A 1 2  ? 11.671  -5.991  10.892  1.00 80.62  ? 6175 G   A P     1 
ATOM   26  O OP1   . G   A 1 2  ? 10.347  -5.729  11.510  1.00 81.99  ? 6175 G   A OP1   1 
ATOM   27  O OP2   . G   A 1 2  ? 11.735  -6.612  9.542   1.00 80.06  ? 6175 G   A OP2   1 
ATOM   28  O "O5'" . G   A 1 2  ? 12.491  -4.625  10.888  1.00 79.39  ? 6175 G   A "O5'" 1 
ATOM   29  C "C5'" . G   A 1 2  ? 12.367  -3.708  11.969  1.00 79.18  ? 6175 G   A "C5'" 1 
ATOM   30  C "C4'" . G   A 1 2  ? 13.096  -2.426  11.654  1.00 79.15  ? 6175 G   A "C4'" 1 
ATOM   31  O "O4'" . G   A 1 2  ? 14.520  -2.692  11.585  1.00 78.39  ? 6175 G   A "O4'" 1 
ATOM   32  C "C3'" . G   A 1 2  ? 12.769  -1.797  10.310  1.00 79.86  ? 6175 G   A "C3'" 1 
ATOM   33  O "O3'" . G   A 1 2  ? 11.604  -0.988  10.382  1.00 82.87  ? 6175 G   A "O3'" 1 
ATOM   34  C "C2'" . G   A 1 2  ? 14.014  -0.963  10.037  1.00 78.67  ? 6175 G   A "C2'" 1 
ATOM   35  O "O2'" . G   A 1 2  ? 14.018  0.285   10.704  1.00 77.26  ? 6175 G   A "O2'" 1 
ATOM   36  C "C1'" . G   A 1 2  ? 15.110  -1.888  10.575  1.00 76.97  ? 6175 G   A "C1'" 1 
ATOM   37  N N9    . G   A 1 2  ? 15.628  -2.773  9.535   1.00 74.58  ? 6175 G   A N9    1 
ATOM   38  C C8    . G   A 1 2  ? 15.246  -4.069  9.275   1.00 73.05  ? 6175 G   A C8    1 
ATOM   39  N N7    . G   A 1 2  ? 15.868  -4.589  8.251   1.00 72.22  ? 6175 G   A N7    1 
ATOM   40  C C5    . G   A 1 2  ? 16.719  -3.577  7.817   1.00 72.30  ? 6175 G   A C5    1 
ATOM   41  C C6    . G   A 1 2  ? 17.641  -3.543  6.734   1.00 71.76  ? 6175 G   A C6    1 
ATOM   42  O O6    . G   A 1 2  ? 17.911  -4.430  5.916   1.00 72.31  ? 6175 G   A O6    1 
ATOM   43  N N1    . G   A 1 2  ? 18.284  -2.316  6.651   1.00 70.62  ? 6175 G   A N1    1 
ATOM   44  C C2    . G   A 1 2  ? 18.077  -1.261  7.492   1.00 70.36  ? 6175 G   A C2    1 
ATOM   45  N N2    . G   A 1 2  ? 18.796  -0.164  7.239   1.00 70.41  ? 6175 G   A N2    1 
ATOM   46  N N3    . G   A 1 2  ? 17.230  -1.277  8.503   1.00 70.91  ? 6175 G   A N3    1 
ATOM   47  C C4    . G   A 1 2  ? 16.588  -2.456  8.604   1.00 72.41  ? 6175 G   A C4    1 
ATOM   48  P P     . U   A 1 3  ? 10.675  -0.804  9.079   1.00 85.47  ? 6176 U   A P     1 
ATOM   49  O OP1   . U   A 1 3  ? 9.408   -0.221  9.592   1.00 86.20  ? 6176 U   A OP1   1 
ATOM   50  O OP2   . U   A 1 3  ? 10.637  -2.079  8.311   1.00 84.81  ? 6176 U   A OP2   1 
ATOM   51  O "O5'" . U   A 1 3  ? 11.438  0.288   8.194   1.00 84.24  ? 6176 U   A "O5'" 1 
ATOM   52  C "C5'" . U   A 1 3  ? 11.705  1.591   8.709   1.00 84.25  ? 6176 U   A "C5'" 1 
ATOM   53  C "C4'" . U   A 1 3  ? 12.724  2.306   7.847   1.00 84.67  ? 6176 U   A "C4'" 1 
ATOM   54  O "O4'" . U   A 1 3  ? 14.005  1.614   7.927   1.00 83.38  ? 6176 U   A "O4'" 1 
ATOM   55  C "C3'" . U   A 1 3  ? 12.442  2.359   6.350   1.00 85.04  ? 6176 U   A "C3'" 1 
ATOM   56  O "O3'" . U   A 1 3  ? 11.519  3.379   5.979   1.00 86.57  ? 6176 U   A "O3'" 1 
ATOM   57  C "C2'" . U   A 1 3  ? 13.835  2.631   5.796   1.00 84.20  ? 6176 U   A "C2'" 1 
ATOM   58  O "O2'" . U   A 1 3  ? 14.252  3.969   5.988   1.00 83.47  ? 6176 U   A "O2'" 1 
ATOM   59  C "C1'" . U   A 1 3  ? 14.674  1.700   6.671   1.00 82.82  ? 6176 U   A "C1'" 1 
ATOM   60  N N1    . U   A 1 3  ? 14.750  0.350   6.089   1.00 82.28  ? 6176 U   A N1    1 
ATOM   61  C C2    . U   A 1 3  ? 15.545  0.172   4.970   1.00 81.78  ? 6176 U   A C2    1 
ATOM   62  O O2    . U   A 1 3  ? 16.178  1.076   4.456   1.00 83.20  ? 6176 U   A O2    1 
ATOM   63  N N3    . U   A 1 3  ? 15.570  -1.106  4.475   1.00 80.14  ? 6176 U   A N3    1 
ATOM   64  C C4    . U   A 1 3  ? 14.902  -2.199  4.972   1.00 79.76  ? 6176 U   A C4    1 
ATOM   65  O O4    . U   A 1 3  ? 15.067  -3.297  4.445   1.00 79.16  ? 6176 U   A O4    1 
ATOM   66  C C5    . U   A 1 3  ? 14.101  -1.936  6.123   1.00 80.28  ? 6176 U   A C5    1 
ATOM   67  C C6    . U   A 1 3  ? 14.055  -0.702  6.631   1.00 81.66  ? 6176 U   A C6    1 
ATOM   68  P P     . U   A 1 4  ? 10.644  3.210   4.631   1.00 88.25  ? 6177 U   A P     1 
ATOM   69  O OP1   . U   A 1 4  ? 9.687   4.346   4.592   1.00 88.21  ? 6177 U   A OP1   1 
ATOM   70  O OP2   . U   A 1 4  ? 10.131  1.814   4.551   1.00 87.76  ? 6177 U   A OP2   1 
ATOM   71  O "O5'" . U   A 1 4  ? 11.691  3.409   3.446   1.00 86.05  ? 6177 U   A "O5'" 1 
ATOM   72  C "C5'" . U   A 1 4  ? 12.202  4.704   3.121   1.00 84.67  ? 6177 U   A "C5'" 1 
ATOM   73  C "C4'" . U   A 1 4  ? 13.185  4.607   1.972   1.00 83.80  ? 6177 U   A "C4'" 1 
ATOM   74  O "O4'" . U   A 1 4  ? 14.257  3.694   2.355   1.00 83.14  ? 6177 U   A "O4'" 1 
ATOM   75  C "C3'" . U   A 1 4  ? 12.644  4.014   0.674   1.00 82.88  ? 6177 U   A "C3'" 1 
ATOM   76  O "O3'" . U   A 1 4  ? 11.951  4.971   -0.134  1.00 81.98  ? 6177 U   A "O3'" 1 
ATOM   77  C "C2'" . U   A 1 4  ? 13.916  3.488   0.013   1.00 82.64  ? 6177 U   A "C2'" 1 
ATOM   78  O "O2'" . U   A 1 4  ? 14.695  4.484   -0.625  1.00 82.02  ? 6177 U   A "O2'" 1 
ATOM   79  C "C1'" . U   A 1 4  ? 14.672  2.936   1.225   1.00 82.29  ? 6177 U   A "C1'" 1 
ATOM   80  N N1    . U   A 1 4  ? 14.361  1.517   1.465   1.00 80.81  ? 6177 U   A N1    1 
ATOM   81  C C2    . U   A 1 4  ? 15.070  0.578   0.736   1.00 80.19  ? 6177 U   A C2    1 
ATOM   82  O O2    . U   A 1 4  ? 15.959  0.879   -0.039  1.00 80.15  ? 6177 U   A O2    1 
ATOM   83  N N3    . U   A 1 4  ? 14.702  -0.725  0.953   1.00 79.98  ? 6177 U   A N3    1 
ATOM   84  C C4    . U   A 1 4  ? 13.725  -1.176  1.813   1.00 80.42  ? 6177 U   A C4    1 
ATOM   85  O O4    . U   A 1 4  ? 13.476  -2.381  1.863   1.00 79.76  ? 6177 U   A O4    1 
ATOM   86  C C5    . U   A 1 4  ? 13.055  -0.147  2.553   1.00 80.27  ? 6177 U   A C5    1 
ATOM   87  C C6    . U   A 1 4  ? 13.390  1.133   2.359   1.00 80.09  ? 6177 U   A C6    1 
ATOM   88  P P     . A   A 1 5  ? 10.925  4.462   -1.276  1.00 82.04  ? 6178 A   A P     1 
ATOM   89  O OP1   . A   A 1 5  ? 10.341  5.662   -1.917  1.00 83.49  ? 6178 A   A OP1   1 
ATOM   90  O OP2   . A   A 1 5  ? 10.021  3.425   -0.716  1.00 81.93  ? 6178 A   A OP2   1 
ATOM   91  O "O5'" . A   A 1 5  ? 11.858  3.756   -2.356  1.00 78.86  ? 6178 A   A "O5'" 1 
ATOM   92  C "C5'" . A   A 1 5  ? 12.659  4.521   -3.251  1.00 74.62  ? 6178 A   A "C5'" 1 
ATOM   93  C "C4'" . A   A 1 5  ? 13.328  3.601   -4.240  1.00 72.18  ? 6178 A   A "C4'" 1 
ATOM   94  O "O4'" . A   A 1 5  ? 14.229  2.721   -3.516  1.00 70.14  ? 6178 A   A "O4'" 1 
ATOM   95  C "C3'" . A   A 1 5  ? 12.369  2.659   -4.952  1.00 70.89  ? 6178 A   A "C3'" 1 
ATOM   96  O "O3'" . A   A 1 5  ? 11.796  3.259   -6.108  1.00 69.30  ? 6178 A   A "O3'" 1 
ATOM   97  C "C2'" . A   A 1 5  ? 13.263  1.473   -5.286  1.00 70.09  ? 6178 A   A "C2'" 1 
ATOM   98  O "O2'" . A   A 1 5  ? 14.091  1.691   -6.413  1.00 70.87  ? 6178 A   A "O2'" 1 
ATOM   99  C "C1'" . A   A 1 5  ? 14.122  1.401   -4.025  1.00 69.18  ? 6178 A   A "C1'" 1 
ATOM   100 N N9    . A   A 1 5  ? 13.559  0.550   -2.973  1.00 66.76  ? 6178 A   A N9    1 
ATOM   101 C C8    . A   A 1 5  ? 12.947  0.934   -1.804  1.00 65.51  ? 6178 A   A C8    1 
ATOM   102 N N7    . A   A 1 5  ? 12.600  -0.070  -1.034  1.00 65.01  ? 6178 A   A N7    1 
ATOM   103 C C5    . A   A 1 5  ? 12.997  -1.190  -1.752  1.00 65.00  ? 6178 A   A C5    1 
ATOM   104 C C6    . A   A 1 5  ? 12.927  -2.570  -1.473  1.00 65.48  ? 6178 A   A C6    1 
ATOM   105 N N6    . A   A 1 5  ? 12.401  -3.075  -0.353  1.00 66.57  ? 6178 A   A N6    1 
ATOM   106 N N1    . A   A 1 5  ? 13.427  -3.425  -2.395  1.00 64.36  ? 6178 A   A N1    1 
ATOM   107 C C2    . A   A 1 5  ? 13.949  -2.919  -3.517  1.00 64.69  ? 6178 A   A C2    1 
ATOM   108 N N3    . A   A 1 5  ? 14.069  -1.644  -3.893  1.00 64.44  ? 6178 A   A N3    1 
ATOM   109 C C4    . A   A 1 5  ? 13.573  -0.823  -2.953  1.00 64.93  ? 6178 A   A C4    1 
ATOM   110 P P     . U   A 1 6  ? 10.370  2.747   -6.640  1.00 68.49  ? 6179 U   A P     1 
ATOM   111 O OP1   . U   A 1 6  ? 9.862   3.703   -7.656  1.00 69.74  ? 6179 U   A OP1   1 
ATOM   112 O OP2   . U   A 1 6  ? 9.568   2.468   -5.422  1.00 69.43  ? 6179 U   A OP2   1 
ATOM   113 O "O5'" . U   A 1 6  ? 10.699  1.396   -7.414  1.00 65.50  ? 6179 U   A "O5'" 1 
ATOM   114 C "C5'" . U   A 1 6  ? 11.571  1.407   -8.538  1.00 62.21  ? 6179 U   A "C5'" 1 
ATOM   115 C "C4'" . U   A 1 6  ? 11.957  0.002   -8.906  1.00 60.40  ? 6179 U   A "C4'" 1 
ATOM   116 O "O4'" . U   A 1 6  ? 12.653  -0.608  -7.790  1.00 59.41  ? 6179 U   A "O4'" 1 
ATOM   117 C "C3'" . U   A 1 6  ? 10.777  -0.917  -9.134  1.00 60.93  ? 6179 U   A "C3'" 1 
ATOM   118 O "O3'" . U   A 1 6  ? 10.292  -0.808  -10.452 1.00 62.46  ? 6179 U   A "O3'" 1 
ATOM   119 C "C2'" . U   A 1 6  ? 11.375  -2.286  -8.865  1.00 59.43  ? 6179 U   A "C2'" 1 
ATOM   120 O "O2'" . U   A 1 6  ? 12.140  -2.781  -9.949  1.00 60.07  ? 6179 U   A "O2'" 1 
ATOM   121 C "C1'" . U   A 1 6  ? 12.274  -1.970  -7.675  1.00 57.66  ? 6179 U   A "C1'" 1 
ATOM   122 N N1    . U   A 1 6  ? 11.579  -2.150  -6.393  1.00 55.04  ? 6179 U   A N1    1 
ATOM   123 C C2    . U   A 1 6  ? 11.344  -3.444  -5.977  1.00 54.21  ? 6179 U   A C2    1 
ATOM   124 O O2    . U   A 1 6  ? 11.659  -4.415  -6.643  1.00 52.72  ? 6179 U   A O2    1 
ATOM   125 N N3    . U   A 1 6  ? 10.723  -3.557  -4.756  1.00 53.62  ? 6179 U   A N3    1 
ATOM   126 C C4    . U   A 1 6  ? 10.317  -2.527  -3.928  1.00 54.43  ? 6179 U   A C4    1 
ATOM   127 O O4    . U   A 1 6  ? 9.854   -2.794  -2.817  1.00 55.39  ? 6179 U   A O4    1 
ATOM   128 C C5    . U   A 1 6  ? 10.574  -1.211  -4.440  1.00 54.48  ? 6179 U   A C5    1 
ATOM   129 C C6    . U   A 1 6  ? 11.184  -1.071  -5.625  1.00 54.45  ? 6179 U   A C6    1 
ATOM   130 P P     . U   A 1 7  ? 8.735   -1.034  -10.725 1.00 64.14  ? 6180 U   A P     1 
ATOM   131 O OP1   . U   A 1 7  ? 8.456   -0.593  -12.116 1.00 64.89  ? 6180 U   A OP1   1 
ATOM   132 O OP2   . U   A 1 7  ? 8.017   -0.403  -9.580  1.00 62.90  ? 6180 U   A OP2   1 
ATOM   133 O "O5'" . U   A 1 7  ? 8.556   -2.614  -10.668 1.00 63.28  ? 6180 U   A "O5'" 1 
ATOM   134 C "C5'" . U   A 1 7  ? 9.342   -3.466  -11.497 1.00 61.67  ? 6180 U   A "C5'" 1 
ATOM   135 C "C4'" . U   A 1 7  ? 9.258   -4.887  -11.000 1.00 60.61  ? 6180 U   A "C4'" 1 
ATOM   136 O "O4'" . U   A 1 7  ? 9.777   -4.954  -9.645  1.00 60.55  ? 6180 U   A "O4'" 1 
ATOM   137 C "C3'" . U   A 1 7  ? 7.844   -5.400  -10.850 1.00 61.93  ? 6180 U   A "C3'" 1 
ATOM   138 O "O3'" . U   A 1 7  ? 7.359   -5.880  -12.084 1.00 64.01  ? 6180 U   A "O3'" 1 
ATOM   139 C "C2'" . U   A 1 7  ? 8.007   -6.512  -9.830  1.00 60.53  ? 6180 U   A "C2'" 1 
ATOM   140 O "O2'" . U   A 1 7  ? 8.553   -7.678  -10.401 1.00 62.08  ? 6180 U   A "O2'" 1 
ATOM   141 C "C1'" . U   A 1 7  ? 9.030   -5.893  -8.887  1.00 58.39  ? 6180 U   A "C1'" 1 
ATOM   142 N N1    . U   A 1 7  ? 8.437   -5.190  -7.744  1.00 55.62  ? 6180 U   A N1    1 
ATOM   143 C C2    . U   A 1 7  ? 8.059   -5.950  -6.644  1.00 54.29  ? 6180 U   A C2    1 
ATOM   144 O O2    . U   A 1 7  ? 8.111   -7.177  -6.633  1.00 52.72  ? 6180 U   A O2    1 
ATOM   145 N N3    . U   A 1 7  ? 7.610   -5.222  -5.567  1.00 52.55  ? 6180 U   A N3    1 
ATOM   146 C C4    . U   A 1 7  ? 7.480   -3.844  -5.488  1.00 53.40  ? 6180 U   A C4    1 
ATOM   147 O O4    . U   A 1 7  ? 7.237   -3.321  -4.395  1.00 52.08  ? 6180 U   A O4    1 
ATOM   148 C C5    . U   A 1 7  ? 7.828   -3.141  -6.694  1.00 53.49  ? 6180 U   A C5    1 
ATOM   149 C C6    . U   A 1 7  ? 8.286   -3.821  -7.750  1.00 53.86  ? 6180 U   A C6    1 
ATOM   150 P P     . C   A 1 8  ? 5.966   -5.320  -12.637 1.00 65.96  ? 6181 C   A P     1 
ATOM   151 O OP1   . C   A 1 8  ? 5.411   -6.378  -13.532 1.00 64.56  ? 6181 C   A OP1   1 
ATOM   152 O OP2   . C   A 1 8  ? 6.152   -3.923  -13.140 1.00 66.50  ? 6181 C   A OP2   1 
ATOM   153 O "O5'" . C   A 1 8  ? 5.063   -5.234  -11.336 1.00 63.99  ? 6181 C   A "O5'" 1 
ATOM   154 C "C5'" . C   A 1 8  ? 3.860   -5.971  -11.278 1.00 63.75  ? 6181 C   A "C5'" 1 
ATOM   155 C "C4'" . C   A 1 8  ? 4.153   -7.434  -11.030 1.00 60.89  ? 6181 C   A "C4'" 1 
ATOM   156 O "O4'" . C   A 1 8  ? 4.858   -7.592  -9.784  1.00 58.61  ? 6181 C   A "O4'" 1 
ATOM   157 C "C3'" . C   A 1 8  ? 2.911   -8.280  -10.914 1.00 60.28  ? 6181 C   A "C3'" 1 
ATOM   158 O "O3'" . C   A 1 8  ? 3.010   -9.447  -11.710 1.00 61.74  ? 6181 C   A "O3'" 1 
ATOM   159 C "C2'" . C   A 1 8  ? 2.633   -8.417  -9.427  1.00 60.27  ? 6181 C   A "C2'" 1 
ATOM   160 O "O2'" . C   A 1 8  ? 2.363   -9.770  -9.155  1.00 65.63  ? 6181 C   A "O2'" 1 
ATOM   161 C "C1'" . C   A 1 8  ? 3.991   -8.088  -8.791  1.00 56.66  ? 6181 C   A "C1'" 1 
ATOM   162 N N1    . C   A 1 8  ? 3.963   -7.077  -7.715  1.00 51.26  ? 6181 C   A N1    1 
ATOM   163 C C2    . C   A 1 8  ? 3.872   -7.494  -6.378  1.00 49.58  ? 6181 C   A C2    1 
ATOM   164 O O2    . C   A 1 8  ? 3.760   -8.710  -6.134  1.00 49.50  ? 6181 C   A O2    1 
ATOM   165 N N3    . C   A 1 8  ? 3.915   -6.558  -5.389  1.00 46.82  ? 6181 C   A N3    1 
ATOM   166 C C4    . C   A 1 8  ? 4.034   -5.261  -5.702  1.00 46.42  ? 6181 C   A C4    1 
ATOM   167 N N4    . C   A 1 8  ? 4.081   -4.372  -4.713  1.00 44.23  ? 6181 C   A N4    1 
ATOM   168 C C5    . C   A 1 8  ? 4.108   -4.817  -7.053  1.00 46.53  ? 6181 C   A C5    1 
ATOM   169 C C6    . C   A 1 8  ? 4.060   -5.746  -8.015  1.00 48.83  ? 6181 C   A C6    1 
ATOM   170 P P     . A   A 1 9  ? 1.702   -10.283 -12.091 1.00 61.90  ? 6182 A   A P     1 
ATOM   171 O OP1   . A   A 1 9  ? 1.615   -11.486 -11.227 1.00 62.69  ? 6182 A   A OP1   1 
ATOM   172 O OP2   . A   A 1 9  ? 1.759   -10.445 -13.566 1.00 64.10  ? 6182 A   A OP2   1 
ATOM   173 O "O5'" . A   A 1 9  ? 0.493   -9.313  -11.739 1.00 61.68  ? 6182 A   A "O5'" 1 
ATOM   174 C "C5'" . A   A 1 9  ? 0.283   -8.113  -12.468 1.00 59.00  ? 6182 A   A "C5'" 1 
ATOM   175 C "C4'" . A   A 1 9  ? -1.043  -8.163  -13.182 1.00 56.64  ? 6182 A   A "C4'" 1 
ATOM   176 O "O4'" . A   A 1 9  ? -0.940  -8.911  -14.417 1.00 57.66  ? 6182 A   A "O4'" 1 
ATOM   177 C "C3'" . A   A 1 9  ? -2.161  -8.883  -12.468 1.00 55.78  ? 6182 A   A "C3'" 1 
ATOM   178 O "O3'" . A   A 1 9  ? -2.662  -8.088  -11.408 1.00 55.51  ? 6182 A   A "O3'" 1 
ATOM   179 C "C2'" . A   A 1 9  ? -3.158  -9.094  -13.603 1.00 56.36  ? 6182 A   A "C2'" 1 
ATOM   180 O "O2'" . A   A 1 9  ? -3.905  -7.946  -13.929 1.00 56.05  ? 6182 A   A "O2'" 1 
ATOM   181 C "C1'" . A   A 1 9  ? -2.225  -9.386  -14.777 1.00 55.84  ? 6182 A   A "C1'" 1 
ATOM   182 N N9    . A   A 1 9  ? -2.124  -10.805 -15.106 1.00 56.55  ? 6182 A   A N9    1 
ATOM   183 C C8    . A   A 1 9  ? -1.019  -11.620 -15.062 1.00 56.57  ? 6182 A   A C8    1 
ATOM   184 N N7    . A   A 1 9  ? -1.258  -12.854 -15.442 1.00 56.91  ? 6182 A   A N7    1 
ATOM   185 C C5    . A   A 1 9  ? -2.611  -12.848 -15.755 1.00 56.39  ? 6182 A   A C5    1 
ATOM   186 C C6    . A   A 1 9  ? -3.475  -13.847 -16.234 1.00 56.54  ? 6182 A   A C6    1 
ATOM   187 N N6    . A   A 1 9  ? -3.088  -15.096 -16.499 1.00 57.75  ? 6182 A   A N6    1 
ATOM   188 N N1    . A   A 1 9  ? -4.768  -13.512 -16.441 1.00 56.68  ? 6182 A   A N1    1 
ATOM   189 C C2    . A   A 1 9  ? -5.152  -12.254 -16.187 1.00 56.29  ? 6182 A   A C2    1 
ATOM   190 N N3    . A   A 1 9  ? -4.433  -11.226 -15.741 1.00 55.92  ? 6182 A   A N3    1 
ATOM   191 C C4    . A   A 1 9  ? -3.157  -11.595 -15.544 1.00 55.57  ? 6182 A   A C4    1 
ATOM   192 P P     . G   A 1 10 ? -3.260  -8.803  -10.105 1.00 54.33  ? 6183 G   A P     1 
ATOM   193 O OP1   . G   A 1 10 ? -4.473  -9.526  -10.569 1.00 55.76  ? 6183 G   A OP1   1 
ATOM   194 O OP2   . G   A 1 10 ? -3.361  -7.819  -8.990  1.00 55.41  ? 6183 G   A OP2   1 
ATOM   195 O "O5'" . G   A 1 10 ? -2.153  -9.873  -9.700  1.00 52.73  ? 6183 G   A "O5'" 1 
ATOM   196 C "C5'" . G   A 1 10 ? -0.992  -9.481  -8.969  1.00 47.45  ? 6183 G   A "C5'" 1 
ATOM   197 C "C4'" . G   A 1 10 ? -0.873  -10.292 -7.702  1.00 42.74  ? 6183 G   A "C4'" 1 
ATOM   198 O "O4'" . G   A 1 10 ? 0.342   -9.897  -7.025  1.00 39.96  ? 6183 G   A "O4'" 1 
ATOM   199 C "C3'" . G   A 1 10 ? -1.980  -10.045 -6.687  1.00 42.58  ? 6183 G   A "C3'" 1 
ATOM   200 O "O3'" . G   A 1 10 ? -3.075  -10.927 -6.903  1.00 41.59  ? 6183 G   A "O3'" 1 
ATOM   201 C "C2'" . G   A 1 10 ? -1.280  -10.327 -5.368  1.00 41.26  ? 6183 G   A "C2'" 1 
ATOM   202 O "O2'" . G   A 1 10 ? -1.145  -11.710 -5.138  1.00 42.68  ? 6183 G   A "O2'" 1 
ATOM   203 C "C1'" . G   A 1 10 ? 0.099   -9.740  -5.641  1.00 39.80  ? 6183 G   A "C1'" 1 
ATOM   204 N N9    . G   A 1 10 ? 0.180   -8.317  -5.348  1.00 38.47  ? 6183 G   A N9    1 
ATOM   205 C C8    . G   A 1 10 ? 0.469   -7.310  -6.235  1.00 37.09  ? 6183 G   A C8    1 
ATOM   206 N N7    . G   A 1 10 ? 0.481   -6.129  -5.678  1.00 38.21  ? 6183 G   A N7    1 
ATOM   207 C C5    . G   A 1 10 ? 0.182   -6.372  -4.342  1.00 38.30  ? 6183 G   A C5    1 
ATOM   208 C C6    . G   A 1 10 ? 0.060   -5.469  -3.232  1.00 38.34  ? 6183 G   A C6    1 
ATOM   209 O O6    . G   A 1 10 ? 0.201   -4.236  -3.208  1.00 38.48  ? 6183 G   A O6    1 
ATOM   210 N N1    . G   A 1 10 ? -0.258  -6.143  -2.063  1.00 39.57  ? 6183 G   A N1    1 
ATOM   211 C C2    . G   A 1 10 ? -0.434  -7.502  -1.962  1.00 41.12  ? 6183 G   A C2    1 
ATOM   212 N N2    . G   A 1 10 ? -0.731  -7.964  -0.730  1.00 41.50  ? 6183 G   A N2    1 
ATOM   213 N N3    . G   A 1 10 ? -0.323  -8.349  -2.982  1.00 38.74  ? 6183 G   A N3    1 
ATOM   214 C C4    . G   A 1 10 ? -0.015  -7.720  -4.127  1.00 38.17  ? 6183 G   A C4    1 
ATOM   215 P P     . A   A 1 11 ? -4.542  -10.504 -6.411  1.00 40.82  ? 6184 A   A P     1 
ATOM   216 O OP1   . A   A 1 11 ? -5.449  -11.630 -6.746  1.00 40.46  ? 6184 A   A OP1   1 
ATOM   217 O OP2   . A   A 1 11 ? -4.854  -9.142  -6.929  1.00 43.39  ? 6184 A   A OP2   1 
ATOM   218 O "O5'" . A   A 1 11 ? -4.371  -10.374 -4.836  1.00 37.04  ? 6184 A   A "O5'" 1 
ATOM   219 C "C5'" . A   A 1 11 ? -4.436  -11.515 -4.000  1.00 38.21  ? 6184 A   A "C5'" 1 
ATOM   220 C "C4'" . A   A 1 11 ? -4.520  -11.084 -2.564  1.00 36.73  ? 6184 A   A "C4'" 1 
ATOM   221 O "O4'" . A   A 1 11 ? -3.469  -10.112 -2.356  1.00 38.81  ? 6184 A   A "O4'" 1 
ATOM   222 C "C3'" . A   A 1 11 ? -5.775  -10.321 -2.210  1.00 36.61  ? 6184 A   A "C3'" 1 
ATOM   223 O "O3'" . A   A 1 11 ? -6.803  -11.191 -1.819  1.00 36.75  ? 6184 A   A "O3'" 1 
ATOM   224 C "C2'" . A   A 1 11 ? -5.330  -9.466  -1.042  1.00 37.84  ? 6184 A   A "C2'" 1 
ATOM   225 O "O2'" . A   A 1 11 ? -5.312  -10.182 0.170   1.00 39.59  ? 6184 A   A "O2'" 1 
ATOM   226 C "C1'" . A   A 1 11 ? -3.908  -9.110  -1.462  1.00 37.21  ? 6184 A   A "C1'" 1 
ATOM   227 N N9    . A   A 1 11 ? -3.821  -7.828  -2.150  1.00 35.39  ? 6184 A   A N9    1 
ATOM   228 C C8    . A   A 1 11 ? -3.656  -7.573  -3.493  1.00 36.45  ? 6184 A   A C8    1 
ATOM   229 N N7    . A   A 1 11 ? -3.589  -6.294  -3.781  1.00 35.30  ? 6184 A   A N7    1 
ATOM   230 C C5    . A   A 1 11 ? -3.717  -5.671  -2.543  1.00 34.54  ? 6184 A   A C5    1 
ATOM   231 C C6    . A   A 1 11 ? -3.698  -4.323  -2.155  1.00 33.81  ? 6184 A   A C6    1 
ATOM   232 N N6    . A   A 1 11 ? -3.510  -3.307  -3.004  1.00 34.05  ? 6184 A   A N6    1 
ATOM   233 N N1    . A   A 1 11 ? -3.868  -4.048  -0.844  1.00 33.96  ? 6184 A   A N1    1 
ATOM   234 C C2    . A   A 1 11 ? -4.029  -5.069  0.012   1.00 33.54  ? 6184 A   A C2    1 
ATOM   235 N N3    . A   A 1 11 ? -4.046  -6.375  -0.230  1.00 33.43  ? 6184 A   A N3    1 
ATOM   236 C C4    . A   A 1 11 ? -3.880  -6.609  -1.538  1.00 34.52  ? 6184 A   A C4    1 
ATOM   237 P P     . U   A 1 12 ? -8.310  -10.808 -2.180  1.00 40.25  ? 6185 U   A P     1 
ATOM   238 O OP1   . U   A 1 12 ? -9.203  -11.632 -1.319  1.00 39.14  ? 6185 U   A OP1   1 
ATOM   239 O OP2   . U   A 1 12 ? -8.443  -10.879 -3.656  1.00 35.70  ? 6185 U   A OP2   1 
ATOM   240 O "O5'" . U   A 1 12 ? -8.424  -9.297  -1.686  1.00 37.68  ? 6185 U   A "O5'" 1 
ATOM   241 C "C5'" . U   A 1 12 ? -8.524  -9.002  -0.299  1.00 35.86  ? 6185 U   A "C5'" 1 
ATOM   242 C "C4'" . U   A 1 12 ? -8.738  -7.519  -0.085  1.00 35.53  ? 6185 U   A "C4'" 1 
ATOM   243 O "O4'" . U   A 1 12 ? -7.545  -6.789  -0.459  1.00 37.31  ? 6185 U   A "O4'" 1 
ATOM   244 C "C3'" . U   A 1 12 ? -9.826  -6.889  -0.927  1.00 36.17  ? 6185 U   A "C3'" 1 
ATOM   245 O "O3'" . U   A 1 12 ? -11.086 -7.047  -0.320  1.00 34.89  ? 6185 U   A "O3'" 1 
ATOM   246 C "C2'" . U   A 1 12 ? -9.421  -5.431  -0.931  1.00 35.88  ? 6185 U   A "C2'" 1 
ATOM   247 O "O2'" . U   A 1 12 ? -9.760  -4.814  0.281   1.00 37.92  ? 6185 U   A "O2'" 1 
ATOM   248 C "C1'" . U   A 1 12 ? -7.907  -5.544  -1.029  1.00 36.47  ? 6185 U   A "C1'" 1 
ATOM   249 N N1    . U   A 1 12 ? -7.460  -5.530  -2.424  1.00 38.02  ? 6185 U   A N1    1 
ATOM   250 C C2    . U   A 1 12 ? -7.364  -4.308  -3.018  1.00 38.53  ? 6185 U   A C2    1 
ATOM   251 O O2    . U   A 1 12 ? -7.636  -3.283  -2.420  1.00 39.37  ? 6185 U   A O2    1 
ATOM   252 N N3    . U   A 1 12 ? -6.951  -4.325  -4.331  1.00 38.38  ? 6185 U   A N3    1 
ATOM   253 C C4    . U   A 1 12 ? -6.644  -5.442  -5.087  1.00 40.25  ? 6185 U   A C4    1 
ATOM   254 O O4    . U   A 1 12 ? -6.362  -5.311  -6.281  1.00 42.30  ? 6185 U   A O4    1 
ATOM   255 C C5    . U   A 1 12 ? -6.766  -6.688  -4.385  1.00 39.62  ? 6185 U   A C5    1 
ATOM   256 C C6    . U   A 1 12 ? -7.159  -6.689  -3.109  1.00 38.97  ? 6185 U   A C6    1 
ATOM   257 P P     . U   A 1 13 ? -12.335 -7.456  -1.225  1.00 35.48  ? 6186 U   A P     1 
ATOM   258 O OP1   . U   A 1 13 ? -13.496 -7.496  -0.294  1.00 38.44  ? 6186 U   A OP1   1 
ATOM   259 O OP2   . U   A 1 13 ? -11.970 -8.657  -2.020  1.00 38.22  ? 6186 U   A OP2   1 
ATOM   260 O "O5'" . U   A 1 13 ? -12.504 -6.231  -2.233  1.00 36.73  ? 6186 U   A "O5'" 1 
ATOM   261 C "C5'" . U   A 1 13 ? -12.877 -4.951  -1.736  1.00 37.35  ? 6186 U   A "C5'" 1 
ATOM   262 C "C4'" . U   A 1 13 ? -13.088 -3.968  -2.865  1.00 39.05  ? 6186 U   A "C4'" 1 
ATOM   263 O "O4'" . U   A 1 13 ? -11.826 -3.586  -3.473  1.00 36.53  ? 6186 U   A "O4'" 1 
ATOM   264 C "C3'" . U   A 1 13 ? -13.919 -4.446  -4.037  1.00 39.61  ? 6186 U   A "C3'" 1 
ATOM   265 O "O3'" . U   A 1 13 ? -15.296 -4.407  -3.732  1.00 40.21  ? 6186 U   A "O3'" 1 
ATOM   266 C "C2'" . U   A 1 13 ? -13.536 -3.451  -5.124  1.00 39.13  ? 6186 U   A "C2'" 1 
ATOM   267 O "O2'" . U   A 1 13 ? -14.246 -2.230  -5.020  1.00 38.04  ? 6186 U   A "O2'" 1 
ATOM   268 C "C1'" . U   A 1 13 ? -12.047 -3.241  -4.827  1.00 38.81  ? 6186 U   A "C1'" 1 
ATOM   269 N N1    . U   A 1 13 ? -11.203 -4.114  -5.644  1.00 38.97  ? 6186 U   A N1    1 
ATOM   270 C C2    . U   A 1 13 ? -10.607 -3.557  -6.736  1.00 39.87  ? 6186 U   A C2    1 
ATOM   271 O O2    . U   A 1 13 ? -10.737 -2.375  -7.027  1.00 42.04  ? 6186 U   A O2    1 
ATOM   272 N N3    . U   A 1 13 ? -9.853  -4.424  -7.479  1.00 39.45  ? 6186 U   A N3    1 
ATOM   273 C C4    . U   A 1 13 ? -9.653  -5.765  -7.238  1.00 38.38  ? 6186 U   A C4    1 
ATOM   274 O O4    . U   A 1 13 ? -9.054  -6.445  -8.072  1.00 39.51  ? 6186 U   A O4    1 
ATOM   275 C C5    . U   A 1 13 ? -10.294 -6.257  -6.072  1.00 38.47  ? 6186 U   A C5    1 
ATOM   276 C C6    . U   A 1 13 ? -11.026 -5.434  -5.330  1.00 38.07  ? 6186 U   A C6    1 
ATOM   277 P P     . A   A 1 14 ? -16.207 -5.647  -4.144  1.00 48.38  ? 6187 A   A P     1 
ATOM   278 O OP1   . A   A 1 14 ? -17.608 -5.403  -3.731  1.00 49.43  ? 6187 A   A OP1   1 
ATOM   279 O OP2   . A   A 1 14 ? -15.481 -6.832  -3.627  1.00 48.47  ? 6187 A   A OP2   1 
ATOM   280 O "O5'" . A   A 1 14 ? -16.136 -5.647  -5.729  1.00 48.10  ? 6187 A   A "O5'" 1 
ATOM   281 C "C5'" . A   A 1 14 ? -16.622 -6.740  -6.478  1.00 49.60  ? 6187 A   A "C5'" 1 
ATOM   282 C "C4'" . A   A 1 14 ? -16.815 -6.315  -7.896  1.00 48.51  ? 6187 A   A "C4'" 1 
ATOM   283 O "O4'" . A   A 1 14 ? -17.900 -5.374  -7.928  1.00 49.90  ? 6187 A   A "O4'" 1 
ATOM   284 C "C3'" . A   A 1 14 ? -15.633 -5.545  -8.449  1.00 47.92  ? 6187 A   A "C3'" 1 
ATOM   285 O "O3'" . A   A 1 14 ? -14.683 -6.431  -9.010  1.00 49.21  ? 6187 A   A "O3'" 1 
ATOM   286 C "C2'" . A   A 1 14 ? -16.278 -4.686  -9.515  1.00 50.76  ? 6187 A   A "C2'" 1 
ATOM   287 O "O2'" . A   A 1 14 ? -16.519 -5.428  -10.689 1.00 57.67  ? 6187 A   A "O2'" 1 
ATOM   288 C "C1'" . A   A 1 14 ? -17.602 -4.343  -8.842  1.00 49.00  ? 6187 A   A "C1'" 1 
ATOM   289 N N9    . A   A 1 14 ? -17.612 -3.076  -8.112  1.00 44.13  ? 6187 A   A N9    1 
ATOM   290 C C8    . A   A 1 14 ? -17.831 -2.877  -6.769  1.00 43.86  ? 6187 A   A C8    1 
ATOM   291 N N7    . A   A 1 14 ? -17.853 -1.612  -6.421  1.00 41.58  ? 6187 A   A N7    1 
ATOM   292 C C5    . A   A 1 14 ? -17.619 -0.935  -7.612  1.00 40.27  ? 6187 A   A C5    1 
ATOM   293 C C6    . A   A 1 14 ? -17.534 0.438   -7.924  1.00 40.15  ? 6187 A   A C6    1 
ATOM   294 N N6    . A   A 1 14 ? -17.703 1.416   -7.029  1.00 38.33  ? 6187 A   A N6    1 
ATOM   295 N N1    . A   A 1 14 ? -17.277 0.777   -9.206  1.00 42.08  ? 6187 A   A N1    1 
ATOM   296 C C2    . A   A 1 14 ? -17.127 -0.203  -10.108 1.00 42.55  ? 6187 A   A C2    1 
ATOM   297 N N3    . A   A 1 14 ? -17.194 -1.526  -9.940  1.00 42.65  ? 6187 A   A N3    1 
ATOM   298 C C4    . A   A 1 14 ? -17.447 -1.826  -8.656  1.00 42.26  ? 6187 A   A C4    1 
ATOM   299 P P     . G   A 1 15 ? -13.179 -6.425  -8.457  1.00 38.84  ? 6188 G   A P     1 
ATOM   300 O OP1   . G   A 1 15 ? -12.620 -7.762  -8.749  1.00 40.01  ? 6188 G   A OP1   1 
ATOM   301 O OP2   . G   A 1 15 ? -13.227 -5.934  -7.049  1.00 38.01  ? 6188 G   A OP2   1 
ATOM   302 O "O5'" . G   A 1 15 ? -12.450 -5.354  -9.385  1.00 39.72  ? 6188 G   A "O5'" 1 
ATOM   303 C "C5'" . G   A 1 15 ? -12.497 -5.488  -10.799 1.00 40.43  ? 6188 G   A "C5'" 1 
ATOM   304 C "C4'" . G   A 1 15 ? -12.548 -4.132  -11.472 1.00 41.21  ? 6188 G   A "C4'" 1 
ATOM   305 O "O4'" . G   A 1 15 ? -13.735 -3.407  -11.054 1.00 40.94  ? 6188 G   A "O4'" 1 
ATOM   306 C "C3'" . G   A 1 15 ? -11.434 -3.160  -11.141 1.00 43.29  ? 6188 G   A "C3'" 1 
ATOM   307 O "O3'" . G   A 1 15 ? -10.237 -3.465  -11.843 1.00 44.71  ? 6188 G   A "O3'" 1 
ATOM   308 C "C2'" . G   A 1 15 ? -12.043 -1.844  -11.598 1.00 42.38  ? 6188 G   A "C2'" 1 
ATOM   309 O "O2'" . G   A 1 15 ? -12.061 -1.732  -13.001 1.00 43.32  ? 6188 G   A "O2'" 1 
ATOM   310 C "C1'" . G   A 1 15 ? -13.487 -2.012  -11.138 1.00 40.75  ? 6188 G   A "C1'" 1 
ATOM   311 N N9    . G   A 1 15 ? -13.764 -1.404  -9.842  1.00 39.60  ? 6188 G   A N9    1 
ATOM   312 C C8    . G   A 1 15 ? -14.037 -2.050  -8.660  1.00 40.10  ? 6188 G   A C8    1 
ATOM   313 N N7    . G   A 1 15 ? -14.305 -1.230  -7.677  1.00 39.43  ? 6188 G   A N7    1 
ATOM   314 C C5    . G   A 1 15 ? -14.195 0.033   -8.245  1.00 38.67  ? 6188 G   A C5    1 
ATOM   315 C C6    . G   A 1 15 ? -14.398 1.325   -7.674  1.00 37.31  ? 6188 G   A C6    1 
ATOM   316 O O6    . G   A 1 15 ? -14.767 1.620   -6.526  1.00 36.69  ? 6188 G   A O6    1 
ATOM   317 N N1    . G   A 1 15 ? -14.143 2.332   -8.593  1.00 37.37  ? 6188 G   A N1    1 
ATOM   318 C C2    . G   A 1 15 ? -13.767 2.135   -9.894  1.00 38.90  ? 6188 G   A C2    1 
ATOM   319 N N2    . G   A 1 15 ? -13.554 3.251   -10.611 1.00 40.44  ? 6188 G   A N2    1 
ATOM   320 N N3    . G   A 1 15 ? -13.606 0.939   -10.451 1.00 39.34  ? 6188 G   A N3    1 
ATOM   321 C C4    . G   A 1 15 ? -13.833 -0.058  -9.573  1.00 39.05  ? 6188 G   A C4    1 
ATOM   322 P P     . G   A 1 16 ? -8.820  -3.072  -11.193 1.00 46.46  ? 6189 G   A P     1 
ATOM   323 O OP1   . G   A 1 16 ? -7.740  -3.712  -11.988 1.00 48.45  ? 6189 G   A OP1   1 
ATOM   324 O OP2   . G   A 1 16 ? -8.886  -3.325  -9.739  1.00 48.07  ? 6189 G   A OP2   1 
ATOM   325 O "O5'" . G   A 1 16 ? -8.757  -1.493  -11.408 1.00 46.38  ? 6189 G   A "O5'" 1 
ATOM   326 C "C5'" . G   A 1 16 ? -8.971  -0.921  -12.700 1.00 44.65  ? 6189 G   A "C5'" 1 
ATOM   327 C "C4'" . G   A 1 16 ? -8.954  0.587   -12.617 1.00 43.68  ? 6189 G   A "C4'" 1 
ATOM   328 O "O4'" . G   A 1 16 ? -10.161 1.064   -11.983 1.00 42.09  ? 6189 G   A "O4'" 1 
ATOM   329 C "C3'" . G   A 1 16 ? -7.848  1.168   -11.762 1.00 44.82  ? 6189 G   A "C3'" 1 
ATOM   330 O "O3'" . G   A 1 16 ? -6.644  1.260   -12.502 1.00 48.38  ? 6189 G   A "O3'" 1 
ATOM   331 C "C2'" . G   A 1 16 ? -8.392  2.544   -11.414 1.00 44.31  ? 6189 G   A "C2'" 1 
ATOM   332 O "O2'" . G   A 1 16 ? -8.184  3.489   -12.440 1.00 43.53  ? 6189 G   A "O2'" 1 
ATOM   333 C "C1'" . G   A 1 16 ? -9.885  2.252   -11.261 1.00 41.24  ? 6189 G   A "C1'" 1 
ATOM   334 N N9    . G   A 1 16 ? -10.294 2.033   -9.881  1.00 38.76  ? 6189 G   A N9    1 
ATOM   335 C C8    . G   A 1 16 ? -10.510 0.820   -9.275  1.00 39.22  ? 6189 G   A C8    1 
ATOM   336 N N7    . G   A 1 16 ? -10.912 0.931   -8.034  1.00 39.52  ? 6189 G   A N7    1 
ATOM   337 C C5    . G   A 1 16 ? -10.954 2.301   -7.810  1.00 38.17  ? 6189 G   A C5    1 
ATOM   338 C C6    . G   A 1 16 ? -11.324 3.031   -6.647  1.00 37.82  ? 6189 G   A C6    1 
ATOM   339 O O6    . G   A 1 16 ? -11.711 2.594   -5.552  1.00 36.97  ? 6189 G   A O6    1 
ATOM   340 N N1    . G   A 1 16 ? -11.212 4.405   -6.851  1.00 37.22  ? 6189 G   A N1    1 
ATOM   341 C C2    . G   A 1 16 ? -10.796 4.997   -8.022  1.00 37.10  ? 6189 G   A C2    1 
ATOM   342 N N2    . G   A 1 16 ? -10.736 6.339   -8.026  1.00 35.45  ? 6189 G   A N2    1 
ATOM   343 N N3    . G   A 1 16 ? -10.459 4.323   -9.111  1.00 37.22  ? 6189 G   A N3    1 
ATOM   344 C C4    . G   A 1 16 ? -10.561 2.994   -8.936  1.00 37.07  ? 6189 G   A C4    1 
ATOM   345 P P     . U   A 1 17 ? -5.243  1.179   -11.732 1.00 50.83  ? 6190 U   A P     1 
ATOM   346 O OP1   . U   A 1 17 ? -4.190  1.140   -12.780 1.00 50.05  ? 6190 U   A OP1   1 
ATOM   347 O OP2   . U   A 1 17 ? -5.331  0.080   -10.735 1.00 49.76  ? 6190 U   A OP2   1 
ATOM   348 O "O5'" . U   A 1 17 ? -5.166  2.580   -10.972 1.00 50.24  ? 6190 U   A "O5'" 1 
ATOM   349 C "C5'" . U   A 1 17 ? -4.873  3.778   -11.687 1.00 49.91  ? 6190 U   A "C5'" 1 
ATOM   350 C "C4'" . U   A 1 17 ? -4.988  4.972   -10.776 1.00 50.71  ? 6190 U   A "C4'" 1 
ATOM   351 O "O4'" . U   A 1 17 ? -6.355  5.054   -10.297 1.00 51.00  ? 6190 U   A "O4'" 1 
ATOM   352 C "C3'" . U   A 1 17 ? -4.166  4.910   -9.500  1.00 52.44  ? 6190 U   A "C3'" 1 
ATOM   353 O "O3'" . U   A 1 17 ? -2.822  5.323   -9.714  1.00 54.19  ? 6190 U   A "O3'" 1 
ATOM   354 C "C2'" . U   A 1 17 ? -4.927  5.863   -8.586  1.00 52.31  ? 6190 U   A "C2'" 1 
ATOM   355 O "O2'" . U   A 1 17 ? -4.652  7.226   -8.849  1.00 53.74  ? 6190 U   A "O2'" 1 
ATOM   356 C "C1'" . U   A 1 17 ? -6.372  5.534   -8.960  1.00 50.44  ? 6190 U   A "C1'" 1 
ATOM   357 N N1    . U   A 1 17 ? -6.952  4.487   -8.111  1.00 49.27  ? 6190 U   A N1    1 
ATOM   358 C C2    . U   A 1 17 ? -7.569  4.874   -6.937  1.00 49.31  ? 6190 U   A C2    1 
ATOM   359 O O2    . U   A 1 17 ? -7.658  6.040   -6.594  1.00 49.82  ? 6190 U   A O2    1 
ATOM   360 N N3    . U   A 1 17 ? -8.079  3.844   -6.180  1.00 48.33  ? 6190 U   A N3    1 
ATOM   361 C C4    . U   A 1 17 ? -8.033  2.494   -6.480  1.00 48.59  ? 6190 U   A C4    1 
ATOM   362 O O4    . U   A 1 17 ? -8.518  1.679   -5.692  1.00 49.39  ? 6190 U   A O4    1 
ATOM   363 C C5    . U   A 1 17 ? -7.385  2.177   -7.719  1.00 48.46  ? 6190 U   A C5    1 
ATOM   364 C C6    . U   A 1 17 ? -6.879  3.161   -8.472  1.00 48.54  ? 6190 U   A C6    1 
ATOM   365 P P     . A   A 1 18 ? -1.620  4.571   -8.936  1.00 57.14  ? 6191 A   A P     1 
ATOM   366 O OP1   . A   A 1 18 ? -0.372  5.175   -9.477  1.00 56.91  ? 6191 A   A OP1   1 
ATOM   367 O OP2   . A   A 1 18 ? -1.794  3.089   -8.971  1.00 55.51  ? 6191 A   A OP2   1 
ATOM   368 O "O5'" . A   A 1 18 ? -1.784  5.057   -7.430  1.00 53.09  ? 6191 A   A "O5'" 1 
ATOM   369 C "C5'" . A   A 1 18 ? -1.497  6.397   -7.103  1.00 51.31  ? 6191 A   A "C5'" 1 
ATOM   370 C "C4'" . A   A 1 18 ? -2.105  6.758   -5.786  1.00 49.54  ? 6191 A   A "C4'" 1 
ATOM   371 O "O4'" . A   A 1 18 ? -3.524  6.461   -5.826  1.00 48.54  ? 6191 A   A "O4'" 1 
ATOM   372 C "C3'" . A   A 1 18 ? -1.665  5.964   -4.572  1.00 50.93  ? 6191 A   A "C3'" 1 
ATOM   373 O "O3'" . A   A 1 18 ? -0.380  6.332   -4.089  1.00 51.93  ? 6191 A   A "O3'" 1 
ATOM   374 C "C2'" . A   A 1 18 ? -2.763  6.340   -3.587  1.00 49.41  ? 6191 A   A "C2'" 1 
ATOM   375 O "O2'" . A   A 1 18 ? -2.628  7.653   -3.080  1.00 48.29  ? 6191 A   A "O2'" 1 
ATOM   376 C "C1'" . A   A 1 18 ? -3.990  6.288   -4.496  1.00 47.38  ? 6191 A   A "C1'" 1 
ATOM   377 N N9    . A   A 1 18 ? -4.673  5.002   -4.377  1.00 44.05  ? 6191 A   A N9    1 
ATOM   378 C C8    . A   A 1 18 ? -4.719  3.925   -5.230  1.00 42.65  ? 6191 A   A C8    1 
ATOM   379 N N7    . A   A 1 18 ? -5.439  2.923   -4.770  1.00 41.86  ? 6191 A   A N7    1 
ATOM   380 C C5    . A   A 1 18 ? -5.895  3.379   -3.537  1.00 41.23  ? 6191 A   A C5    1 
ATOM   381 C C6    . A   A 1 18 ? -6.709  2.798   -2.546  1.00 40.74  ? 6191 A   A C6    1 
ATOM   382 N N6    . A   A 1 18 ? -7.226  1.572   -2.632  1.00 40.03  ? 6191 A   A N6    1 
ATOM   383 N N1    . A   A 1 18 ? -6.974  3.533   -1.441  1.00 40.22  ? 6191 A   A N1    1 
ATOM   384 C C2    . A   A 1 18 ? -6.447  4.753   -1.345  1.00 39.63  ? 6191 A   A C2    1 
ATOM   385 N N3    . A   A 1 18 ? -5.665  5.402   -2.200  1.00 40.06  ? 6191 A   A N3    1 
ATOM   386 C C4    . A   A 1 18 ? -5.429  4.653   -3.287  1.00 41.24  ? 6191 A   A C4    1 
ATOM   387 P P     . G   A 1 19 ? 0.476   5.268   -3.234  1.00 54.28  ? 6192 G   A P     1 
ATOM   388 O OP1   . G   A 1 19 ? 1.784   5.865   -2.858  1.00 54.78  ? 6192 G   A OP1   1 
ATOM   389 O OP2   . G   A 1 19 ? 0.441   3.972   -3.961  1.00 54.19  ? 6192 G   A OP2   1 
ATOM   390 O "O5'" . G   A 1 19 ? -0.364  5.093   -1.894  1.00 51.18  ? 6192 G   A "O5'" 1 
ATOM   391 C "C5'" . G   A 1 19 ? -0.405  6.132   -0.935  1.00 48.18  ? 6192 G   A "C5'" 1 
ATOM   392 C "C4'" . G   A 1 19 ? -1.329  5.758   0.184   1.00 46.05  ? 6192 G   A "C4'" 1 
ATOM   393 O "O4'" . G   A 1 19 ? -2.624  5.425   -0.384  1.00 45.93  ? 6192 G   A "O4'" 1 
ATOM   394 C "C3'" . G   A 1 19 ? -0.978  4.499   0.947   1.00 47.36  ? 6192 G   A "C3'" 1 
ATOM   395 O "O3'" . G   A 1 19 ? 0.007   4.742   1.943   1.00 48.47  ? 6192 G   A "O3'" 1 
ATOM   396 C "C2'" . G   A 1 19 ? -2.315  4.185   1.597   1.00 46.05  ? 6192 G   A "C2'" 1 
ATOM   397 O "O2'" . G   A 1 19 ? -2.555  5.089   2.652   1.00 44.58  ? 6192 G   A "O2'" 1 
ATOM   398 C "C1'" . G   A 1 19 ? -3.280  4.474   0.443   1.00 44.60  ? 6192 G   A "C1'" 1 
ATOM   399 N N9    . G   A 1 19 ? -3.582  3.281   -0.353  1.00 42.13  ? 6192 G   A N9    1 
ATOM   400 C C8    . G   A 1 19 ? -3.061  2.943   -1.583  1.00 42.40  ? 6192 G   A C8    1 
ATOM   401 N N7    . G   A 1 19 ? -3.470  1.779   -2.013  1.00 40.54  ? 6192 G   A N7    1 
ATOM   402 C C5    . G   A 1 19 ? -4.323  1.325   -1.013  1.00 40.20  ? 6192 G   A C5    1 
ATOM   403 C C6    . G   A 1 19 ? -5.050  0.105   -0.904  1.00 39.52  ? 6192 G   A C6    1 
ATOM   404 O O6    . G   A 1 19 ? -5.067  -0.855  -1.682  1.00 40.69  ? 6192 G   A O6    1 
ATOM   405 N N1    . G   A 1 19 ? -5.799  0.060   0.263   1.00 38.75  ? 6192 G   A N1    1 
ATOM   406 C C2    . G   A 1 19 ? -5.833  1.048   1.210   1.00 39.76  ? 6192 G   A C2    1 
ATOM   407 N N2    . G   A 1 19 ? -6.612  0.816   2.272   1.00 39.41  ? 6192 G   A N2    1 
ATOM   408 N N3    . G   A 1 19 ? -5.152  2.181   1.129   1.00 39.18  ? 6192 G   A N3    1 
ATOM   409 C C4    . G   A 1 19 ? -4.422  2.250   0.004   1.00 39.95  ? 6192 G   A C4    1 
ATOM   410 P P     . U   A 1 20 ? 0.990   3.546   2.408   1.00 50.25  ? 6193 U   A P     1 
ATOM   411 O OP1   . U   A 1 20 ? 1.883   4.103   3.468   1.00 48.49  ? 6193 U   A OP1   1 
ATOM   412 O OP2   . U   A 1 20 ? 1.583   2.925   1.182   1.00 46.06  ? 6193 U   A OP2   1 
ATOM   413 O "O5'" . U   A 1 20 ? 0.028   2.483   3.103   1.00 47.31  ? 6193 U   A "O5'" 1 
ATOM   414 C "C5'" . U   A 1 20 ? -0.738  2.827   4.247   1.00 46.94  ? 6193 U   A "C5'" 1 
ATOM   415 C "C4'" . U   A 1 20 ? -1.691  1.704   4.580   1.00 47.40  ? 6193 U   A "C4'" 1 
ATOM   416 O "O4'" . U   A 1 20 ? -2.705  1.602   3.547   1.00 47.18  ? 6193 U   A "O4'" 1 
ATOM   417 C "C3'" . U   A 1 20 ? -1.069  0.319   4.622   1.00 48.02  ? 6193 U   A "C3'" 1 
ATOM   418 O "O3'" . U   A 1 20 ? -0.471  0.067   5.887   1.00 48.98  ? 6193 U   A "O3'" 1 
ATOM   419 C "C2'" . U   A 1 20 ? -2.273  -0.578  4.371   1.00 46.93  ? 6193 U   A "C2'" 1 
ATOM   420 O "O2'" . U   A 1 20 ? -3.078  -0.775  5.518   1.00 48.38  ? 6193 U   A "O2'" 1 
ATOM   421 C "C1'" . U   A 1 20 ? -3.038  0.243   3.336   1.00 45.36  ? 6193 U   A "C1'" 1 
ATOM   422 N N1    . U   A 1 20 ? -2.615  -0.114  1.983   1.00 44.13  ? 6193 U   A N1    1 
ATOM   423 C C2    . U   A 1 20 ? -3.141  -1.262  1.453   1.00 42.99  ? 6193 U   A C2    1 
ATOM   424 O O2    . U   A 1 20 ? -3.948  -1.944  2.060   1.00 42.54  ? 6193 U   A O2    1 
ATOM   425 N N3    . U   A 1 20 ? -2.687  -1.583  0.197   1.00 41.87  ? 6193 U   A N3    1 
ATOM   426 C C4    . U   A 1 20 ? -1.774  -0.878  -0.557  1.00 43.13  ? 6193 U   A C4    1 
ATOM   427 O O4    . U   A 1 20 ? -1.396  -1.334  -1.639  1.00 44.87  ? 6193 U   A O4    1 
ATOM   428 C C5    . U   A 1 20 ? -1.287  0.317   0.062   1.00 43.65  ? 6193 U   A C5    1 
ATOM   429 C C6    . U   A 1 20 ? -1.717  0.651   1.281   1.00 44.48  ? 6193 U   A C6    1 
ATOM   430 P P     . C   A 1 21 ? 0.909   -0.746  5.957   1.00 49.31  ? 6194 C   A P     1 
ATOM   431 O OP1   . C   A 1 21 ? 1.346   -0.662  7.374   1.00 49.33  ? 6194 C   A OP1   1 
ATOM   432 O OP2   . C   A 1 21 ? 1.801   -0.246  4.872   1.00 47.83  ? 6194 C   A OP2   1 
ATOM   433 O "O5'" . C   A 1 21 ? 0.487   -2.252  5.623   1.00 47.17  ? 6194 C   A "O5'" 1 
ATOM   434 C "C5'" . C   A 1 21 ? -0.488  -2.924  6.427   1.00 44.79  ? 6194 C   A "C5'" 1 
ATOM   435 C "C4'" . C   A 1 21 ? -0.909  -4.234  5.789   1.00 43.00  ? 6194 C   A "C4'" 1 
ATOM   436 O "O4'" . C   A 1 21 ? -1.696  -4.004  4.586   1.00 40.08  ? 6194 C   A "O4'" 1 
ATOM   437 C "C3'" . C   A 1 21 ? 0.215   -5.134  5.329   1.00 42.91  ? 6194 C   A "C3'" 1 
ATOM   438 O "O3'" . C   A 1 21 ? 0.756   -5.865  6.421   1.00 45.80  ? 6194 C   A "O3'" 1 
ATOM   439 C "C2'" . C   A 1 21 ? -0.489  -6.017  4.302   1.00 40.72  ? 6194 C   A "C2'" 1 
ATOM   440 O "O2'" . C   A 1 21 ? -1.280  -7.033  4.878   1.00 40.50  ? 6194 C   A "O2'" 1 
ATOM   441 C "C1'" . C   A 1 21 ? -1.413  -5.007  3.629   1.00 37.54  ? 6194 C   A "C1'" 1 
ATOM   442 N N1    . C   A 1 21 ? -0.784  -4.360  2.474   1.00 34.66  ? 6194 C   A N1    1 
ATOM   443 C C2    . C   A 1 21 ? -0.724  -5.060  1.262   1.00 33.79  ? 6194 C   A C2    1 
ATOM   444 O O2    . C   A 1 21 ? -1.189  -6.201  1.207   1.00 35.32  ? 6194 C   A O2    1 
ATOM   445 N N3    . C   A 1 21 ? -0.156  -4.478  0.189   1.00 32.00  ? 6194 C   A N3    1 
ATOM   446 C C4    . C   A 1 21 ? 0.344   -3.249  0.290   1.00 31.67  ? 6194 C   A C4    1 
ATOM   447 N N4    . C   A 1 21 ? 0.900   -2.722  -0.794  1.00 32.10  ? 6194 C   A N4    1 
ATOM   448 C C5    . C   A 1 21 ? 0.297   -2.508  1.513   1.00 32.33  ? 6194 C   A C5    1 
ATOM   449 C C6    . C   A 1 21 ? -0.268  -3.098  2.569   1.00 32.46  ? 6194 C   A C6    1 
ATOM   450 P P     . G   A 1 22 ? 2.295   -6.326  6.372   1.00 48.74  ? 6195 G   A P     1 
ATOM   451 O OP1   . G   A 1 22 ? 2.606   -7.078  7.621   1.00 46.65  ? 6195 G   A OP1   1 
ATOM   452 O OP2   . G   A 1 22 ? 3.122   -5.147  5.991   1.00 46.86  ? 6195 G   A OP2   1 
ATOM   453 O "O5'" . G   A 1 22 ? 2.327   -7.326  5.133   1.00 47.16  ? 6195 G   A "O5'" 1 
ATOM   454 C "C5'" . G   A 1 22 ? 1.535   -8.507  5.148   1.00 44.85  ? 6195 G   A "C5'" 1 
ATOM   455 C "C4'" . G   A 1 22 ? 1.751   -9.311  3.887   1.00 43.50  ? 6195 G   A "C4'" 1 
ATOM   456 O "O4'" . G   A 1 22 ? 1.140   -8.656  2.740   1.00 41.55  ? 6195 G   A "O4'" 1 
ATOM   457 C "C3'" . G   A 1 22 ? 3.188   -9.522  3.443   1.00 43.31  ? 6195 G   A "C3'" 1 
ATOM   458 O "O3'" . G   A 1 22 ? 3.839   -10.519 4.236   1.00 45.77  ? 6195 G   A "O3'" 1 
ATOM   459 C "C2'" . G   A 1 22 ? 2.989   -9.953  1.991   1.00 40.67  ? 6195 G   A "C2'" 1 
ATOM   460 O "O2'" . G   A 1 22 ? 2.577   -11.301 1.872   1.00 40.09  ? 6195 G   A "O2'" 1 
ATOM   461 C "C1'" . G   A 1 22 ? 1.827   -9.051  1.561   1.00 38.49  ? 6195 G   A "C1'" 1 
ATOM   462 N N9    . G   A 1 22 ? 2.250   -7.853  0.845   1.00 35.80  ? 6195 G   A N9    1 
ATOM   463 C C8    . G   A 1 22 ? 2.387   -6.585  1.351   1.00 34.88  ? 6195 G   A C8    1 
ATOM   464 N N7    . G   A 1 22 ? 2.743   -5.713  0.448   1.00 33.41  ? 6195 G   A N7    1 
ATOM   465 C C5    . G   A 1 22 ? 2.851   -6.451  -0.719  1.00 33.45  ? 6195 G   A C5    1 
ATOM   466 C C6    . G   A 1 22 ? 3.195   -6.044  -2.038  1.00 35.87  ? 6195 G   A C6    1 
ATOM   467 O O6    . G   A 1 22 ? 3.448   -4.900  -2.453  1.00 36.04  ? 6195 G   A O6    1 
ATOM   468 N N1    . G   A 1 22 ? 3.218   -7.124  -2.914  1.00 35.04  ? 6195 G   A N1    1 
ATOM   469 C C2    . G   A 1 22 ? 2.934   -8.424  -2.567  1.00 36.16  ? 6195 G   A C2    1 
ATOM   470 N N2    . G   A 1 22 ? 3.027   -9.334  -3.543  1.00 38.07  ? 6195 G   A N2    1 
ATOM   471 N N3    . G   A 1 22 ? 2.586   -8.808  -1.348  1.00 36.11  ? 6195 G   A N3    1 
ATOM   472 C C4    . G   A 1 22 ? 2.569   -7.777  -0.483  1.00 34.27  ? 6195 G   A C4    1 
ATOM   473 P P     . A   A 1 23 ? 5.451   -10.560 4.314   1.00 46.12  ? 6196 A   A P     1 
ATOM   474 O OP1   . A   A 1 23 ? 5.830   -11.567 5.335   1.00 46.23  ? 6196 A   A OP1   1 
ATOM   475 O OP2   . A   A 1 23 ? 5.934   -9.162  4.435   1.00 46.65  ? 6196 A   A OP2   1 
ATOM   476 O "O5'" . A   A 1 23 ? 5.886   -11.128 2.896   1.00 44.27  ? 6196 A   A "O5'" 1 
ATOM   477 C "C5'" . A   A 1 23 ? 5.484   -12.425 2.516   1.00 43.00  ? 6196 A   A "C5'" 1 
ATOM   478 C "C4'" . A   A 1 23 ? 5.742   -12.637 1.058   1.00 43.84  ? 6196 A   A "C4'" 1 
ATOM   479 O "O4'" . A   A 1 23 ? 4.993   -11.662 0.299   1.00 43.92  ? 6196 A   A "O4'" 1 
ATOM   480 C "C3'" . A   A 1 23 ? 7.164   -12.375 0.617   1.00 46.06  ? 6196 A   A "C3'" 1 
ATOM   481 O "O3'" . A   A 1 23 ? 8.000   -13.477 0.892   1.00 48.03  ? 6196 A   A "O3'" 1 
ATOM   482 C "C2'" . A   A 1 23 ? 6.990   -12.174 -0.873  1.00 44.07  ? 6196 A   A "C2'" 1 
ATOM   483 O "O2'" . A   A 1 23 ? 6.832   -13.419 -1.529  1.00 45.46  ? 6196 A   A "O2'" 1 
ATOM   484 C "C1'" . A   A 1 23 ? 5.697   -11.357 -0.895  1.00 41.75  ? 6196 A   A "C1'" 1 
ATOM   485 N N9    . A   A 1 23 ? 5.931   -9.915  -0.923  1.00 38.26  ? 6196 A   A N9    1 
ATOM   486 C C8    . A   A 1 23 ? 5.881   -9.002  0.108   1.00 35.53  ? 6196 A   A C8    1 
ATOM   487 N N7    . A   A 1 23 ? 6.119   -7.766  -0.274  1.00 33.49  ? 6196 A   A N7    1 
ATOM   488 C C5    . A   A 1 23 ? 6.346   -7.878  -1.639  1.00 31.81  ? 6196 A   A C5    1 
ATOM   489 C C6    . A   A 1 23 ? 6.649   -6.928  -2.628  1.00 32.40  ? 6196 A   A C6    1 
ATOM   490 N N6    . A   A 1 23 ? 6.772   -5.623  -2.388  1.00 31.18  ? 6196 A   A N6    1 
ATOM   491 N N1    . A   A 1 23 ? 6.823   -7.370  -3.897  1.00 32.84  ? 6196 A   A N1    1 
ATOM   492 C C2    . A   A 1 23 ? 6.698   -8.685  -4.141  1.00 34.57  ? 6196 A   A C2    1 
ATOM   493 N N3    . A   A 1 23 ? 6.412   -9.677  -3.292  1.00 34.11  ? 6196 A   A N3    1 
ATOM   494 C C4    . A   A 1 23 ? 6.244   -9.196  -2.048  1.00 34.73  ? 6196 A   A C4    1 
ATOM   495 P P     . A   A 1 24 ? 9.540   -13.215 1.235   1.00 49.53  ? 6197 A   A P     1 
ATOM   496 O OP1   . A   A 1 24 ? 10.033  -14.509 1.779   1.00 49.44  ? 6197 A   A OP1   1 
ATOM   497 O OP2   . A   A 1 24 ? 9.653   -11.974 2.050   1.00 48.13  ? 6197 A   A OP2   1 
ATOM   498 O "O5'" . A   A 1 24 ? 10.194  -12.922 -0.193  1.00 49.90  ? 6197 A   A "O5'" 1 
ATOM   499 C "C5'" . A   A 1 24 ? 10.123  -13.892 -1.235  1.00 51.94  ? 6197 A   A "C5'" 1 
ATOM   500 C "C4'" . A   A 1 24 ? 10.603  -13.303 -2.541  1.00 53.28  ? 6197 A   A "C4'" 1 
ATOM   501 O "O4'" . A   A 1 24 ? 9.660   -12.298 -3.002  1.00 53.31  ? 6197 A   A "O4'" 1 
ATOM   502 C "C3'" . A   A 1 24 ? 11.922  -12.553 -2.497  1.00 55.35  ? 6197 A   A "C3'" 1 
ATOM   503 O "O3'" . A   A 1 24 ? 13.038  -13.433 -2.552  1.00 57.34  ? 6197 A   A "O3'" 1 
ATOM   504 C "C2'" . A   A 1 24 ? 11.817  -11.699 -3.751  1.00 53.82  ? 6197 A   A "C2'" 1 
ATOM   505 O "O2'" . A   A 1 24 ? 12.008  -12.479 -4.918  1.00 54.62  ? 6197 A   A "O2'" 1 
ATOM   506 C "C1'" . A   A 1 24 ? 10.358  -11.259 -3.677  1.00 51.55  ? 6197 A   A "C1'" 1 
ATOM   507 N N9    . A   A 1 24 ? 10.160  -10.015 -2.927  1.00 49.04  ? 6197 A   A N9    1 
ATOM   508 C C8    . A   A 1 24 ? 9.771   -9.885  -1.617  1.00 48.70  ? 6197 A   A C8    1 
ATOM   509 N N7    . A   A 1 24 ? 9.666   -8.640  -1.215  1.00 48.06  ? 6197 A   A N7    1 
ATOM   510 C C5    . A   A 1 24 ? 10.015  -7.897  -2.332  1.00 45.86  ? 6197 A   A C5    1 
ATOM   511 C C6    . A   A 1 24 ? 10.114  -6.511  -2.551  1.00 45.24  ? 6197 A   A C6    1 
ATOM   512 N N6    . A   A 1 24 ? 9.861   -5.590  -1.617  1.00 44.97  ? 6197 A   A N6    1 
ATOM   513 N N1    . A   A 1 24 ? 10.490  -6.095  -3.778  1.00 44.95  ? 6197 A   A N1    1 
ATOM   514 C C2    . A   A 1 24 ? 10.751  -7.018  -4.718  1.00 46.06  ? 6197 A   A C2    1 
ATOM   515 N N3    . A   A 1 24 ? 10.697  -8.350  -4.632  1.00 47.36  ? 6197 A   A N3    1 
ATOM   516 C C4    . A   A 1 24 ? 10.320  -8.729  -3.397  1.00 47.05  ? 6197 A   A C4    1 
ATOM   517 P P     . U   A 1 25 ? 14.423  -12.999 -1.855  1.00 60.09  ? 6198 U   A P     1 
ATOM   518 O OP1   . U   A 1 25 ? 15.312  -14.186 -1.914  1.00 61.03  ? 6198 U   A OP1   1 
ATOM   519 O OP2   . U   A 1 25 ? 14.165  -12.331 -0.546  1.00 59.46  ? 6198 U   A OP2   1 
ATOM   520 O "O5'" . U   A 1 25 ? 15.013  -11.902 -2.843  1.00 61.26  ? 6198 U   A "O5'" 1 
ATOM   521 C "C5'" . U   A 1 25 ? 15.312  -12.231 -4.193  1.00 62.49  ? 6198 U   A "C5'" 1 
ATOM   522 C "C4'" . U   A 1 25 ? 15.738  -10.993 -4.941  1.00 63.59  ? 6198 U   A "C4'" 1 
ATOM   523 O "O4'" . U   A 1 25 ? 14.629  -10.052 -5.024  1.00 64.41  ? 6198 U   A "O4'" 1 
ATOM   524 C "C3'" . U   A 1 25 ? 16.812  -10.167 -4.262  1.00 63.11  ? 6198 U   A "C3'" 1 
ATOM   525 O "O3'" . U   A 1 25 ? 18.092  -10.737 -4.469  1.00 63.58  ? 6198 U   A "O3'" 1 
ATOM   526 C "C2'" . U   A 1 25 ? 16.662  -8.840  -4.987  1.00 62.15  ? 6198 U   A "C2'" 1 
ATOM   527 O "O2'" . U   A 1 25 ? 17.187  -8.946  -6.295  1.00 62.26  ? 6198 U   A "O2'" 1 
ATOM   528 C "C1'" . U   A 1 25 ? 15.138  -8.725  -5.079  1.00 62.21  ? 6198 U   A "C1'" 1 
ATOM   529 N N1    . U   A 1 25 ? 14.536  -7.940  -3.990  1.00 60.52  ? 6198 U   A N1    1 
ATOM   530 C C2    . U   A 1 25 ? 14.308  -6.577  -4.218  1.00 60.35  ? 6198 U   A C2    1 
ATOM   531 O O2    . U   A 1 25 ? 14.552  -6.026  -5.279  1.00 61.46  ? 6198 U   A O2    1 
ATOM   532 N N3    . U   A 1 25 ? 13.777  -5.889  -3.157  1.00 58.22  ? 6198 U   A N3    1 
ATOM   533 C C4    . U   A 1 25 ? 13.442  -6.402  -1.925  1.00 58.89  ? 6198 U   A C4    1 
ATOM   534 O O4    . U   A 1 25 ? 12.991  -5.644  -1.060  1.00 57.40  ? 6198 U   A O4    1 
ATOM   535 C C5    . U   A 1 25 ? 13.687  -7.815  -1.773  1.00 59.26  ? 6198 U   A C5    1 
ATOM   536 C C6    . U   A 1 25 ? 14.214  -8.516  -2.787  1.00 58.76  ? 6198 U   A C6    1 
ATOM   537 P P     . G   A 1 26 ? 19.296  -10.353 -3.480  1.00 64.31  ? 6199 G   A P     1 
ATOM   538 O OP1   . G   A 1 26 ? 20.450  -11.184 -3.913  1.00 64.47  ? 6199 G   A OP1   1 
ATOM   539 O OP2   . G   A 1 26 ? 18.829  -10.421 -2.073  1.00 64.10  ? 6199 G   A OP2   1 
ATOM   540 O "O5'" . G   A 1 26 ? 19.572  -8.811  -3.781  1.00 63.45  ? 6199 G   A "O5'" 1 
ATOM   541 C "C5'" . G   A 1 26 ? 19.967  -8.366  -5.078  1.00 61.20  ? 6199 G   A "C5'" 1 
ATOM   542 C "C4'" . G   A 1 26 ? 19.994  -6.853  -5.125  1.00 61.05  ? 6199 G   A "C4'" 1 
ATOM   543 O "O4'" . G   A 1 26 ? 18.644  -6.321  -5.055  1.00 61.01  ? 6199 G   A "O4'" 1 
ATOM   544 C "C3'" . G   A 1 26 ? 20.737  -6.179  -3.984  1.00 60.90  ? 6199 G   A "C3'" 1 
ATOM   545 O "O3'" . G   A 1 26 ? 22.128  -6.135  -4.286  1.00 61.54  ? 6199 G   A "O3'" 1 
ATOM   546 C "C2'" . G   A 1 26 ? 20.099  -4.795  -3.970  1.00 60.88  ? 6199 G   A "C2'" 1 
ATOM   547 O "O2'" . G   A 1 26 ? 20.622  -3.948  -4.974  1.00 59.77  ? 6199 G   A "O2'" 1 
ATOM   548 C "C1'" . G   A 1 26 ? 18.637  -5.131  -4.287  1.00 60.81  ? 6199 G   A "C1'" 1 
ATOM   549 N N9    . G   A 1 26 ? 17.835  -5.383  -3.095  1.00 61.79  ? 6199 G   A N9    1 
ATOM   550 C C8    . G   A 1 26 ? 17.503  -6.613  -2.577  1.00 62.69  ? 6199 G   A C8    1 
ATOM   551 N N7    . G   A 1 26 ? 16.801  -6.533  -1.478  1.00 63.15  ? 6199 G   A N7    1 
ATOM   552 C C5    . G   A 1 26 ? 16.656  -5.169  -1.259  1.00 62.74  ? 6199 G   A C5    1 
ATOM   553 C C6    . G   A 1 26 ? 16.004  -4.468  -0.207  1.00 63.16  ? 6199 G   A C6    1 
ATOM   554 O O6    . G   A 1 26 ? 15.399  -4.928  0.765   1.00 64.59  ? 6199 G   A O6    1 
ATOM   555 N N1    . G   A 1 26 ? 16.106  -3.094  -0.367  1.00 62.83  ? 6199 G   A N1    1 
ATOM   556 C C2    . G   A 1 26 ? 16.741  -2.470  -1.407  1.00 62.92  ? 6199 G   A C2    1 
ATOM   557 N N2    . G   A 1 26 ? 16.717  -1.132  -1.384  1.00 63.31  ? 6199 G   A N2    1 
ATOM   558 N N3    . G   A 1 26 ? 17.353  -3.107  -2.397  1.00 62.36  ? 6199 G   A N3    1 
ATOM   559 C C4    . G   A 1 26 ? 17.277  -4.445  -2.256  1.00 62.11  ? 6199 G   A C4    1 
ATOM   560 P P     . A   A 1 27 ? 23.214  -6.111  -3.100  1.00 60.70  ? 6200 A   A P     1 
ATOM   561 O OP1   . A   A 1 27 ? 24.518  -6.367  -3.759  1.00 61.59  ? 6200 A   A OP1   1 
ATOM   562 O OP2   . A   A 1 27 ? 22.778  -6.979  -1.979  1.00 62.38  ? 6200 A   A OP2   1 
ATOM   563 O "O5'" . A   A 1 27 ? 23.183  -4.604  -2.593  1.00 60.82  ? 6200 A   A "O5'" 1 
ATOM   564 C "C5'" . A   A 1 27 ? 23.467  -3.540  -3.489  1.00 62.17  ? 6200 A   A "C5'" 1 
ATOM   565 C "C4'" . A   A 1 27 ? 23.130  -2.218  -2.854  1.00 62.56  ? 6200 A   A "C4'" 1 
ATOM   566 O "O4'" . A   A 1 27 ? 21.690  -2.071  -2.730  1.00 61.84  ? 6200 A   A "O4'" 1 
ATOM   567 C "C3'" . A   A 1 27 ? 23.636  -2.045  -1.437  1.00 64.17  ? 6200 A   A "C3'" 1 
ATOM   568 O "O3'" . A   A 1 27 ? 25.013  -1.690  -1.421  1.00 67.37  ? 6200 A   A "O3'" 1 
ATOM   569 C "C2'" . A   A 1 27 ? 22.731  -0.933  -0.922  1.00 63.47  ? 6200 A   A "C2'" 1 
ATOM   570 O "O2'" . A   A 1 27 ? 23.130  0.353   -1.352  1.00 63.55  ? 6200 A   A "O2'" 1 
ATOM   571 C "C1'" . A   A 1 27 ? 21.394  -1.319  -1.566  1.00 62.66  ? 6200 A   A "C1'" 1 
ATOM   572 N N9    . A   A 1 27 ? 20.575  -2.144  -0.679  1.00 62.26  ? 6200 A   A N9    1 
ATOM   573 C C8    . A   A 1 27 ? 20.500  -3.514  -0.620  1.00 61.79  ? 6200 A   A C8    1 
ATOM   574 N N7    . A   A 1 27 ? 19.678  -3.959  0.300   1.00 62.02  ? 6200 A   A N7    1 
ATOM   575 C C5    . A   A 1 27 ? 19.174  -2.805  0.883   1.00 62.35  ? 6200 A   A C5    1 
ATOM   576 C C6    . A   A 1 27 ? 18.252  -2.594  1.927   1.00 62.94  ? 6200 A   A C6    1 
ATOM   577 N N6    . A   A 1 27 ? 17.650  -3.577  2.592   1.00 63.82  ? 6200 A   A N6    1 
ATOM   578 N N1    . A   A 1 27 ? 17.971  -1.320  2.268   1.00 63.69  ? 6200 A   A N1    1 
ATOM   579 C C2    . A   A 1 27 ? 18.580  -0.329  1.603   1.00 64.40  ? 6200 A   A C2    1 
ATOM   580 N N3    . A   A 1 27 ? 19.462  -0.399  0.606   1.00 63.23  ? 6200 A   A N3    1 
ATOM   581 C C4    . A   A 1 27 ? 19.718  -1.680  0.290   1.00 62.45  ? 6200 A   A C4    1 
ATOM   582 P P     . C   A 1 28 ? 25.833  -1.758  -0.039  1.00 69.70  ? 6201 C   A P     1 
ATOM   583 O OP1   . C   A 1 28 ? 27.280  -1.779  -0.370  1.00 70.13  ? 6201 C   A OP1   1 
ATOM   584 O OP2   . C   A 1 28 ? 25.264  -2.847  0.802   1.00 68.99  ? 6201 C   A OP2   1 
ATOM   585 O "O5'" . C   A 1 28 ? 25.501  -0.353  0.639   1.00 69.58  ? 6201 C   A "O5'" 1 
ATOM   586 C "C5'" . C   A 1 28 ? 25.678  -0.168  2.034   1.00 71.16  ? 6201 C   A "C5'" 1 
ATOM   587 C "C4'" . C   A 1 28 ? 24.725  0.875   2.554   1.00 71.39  ? 6201 C   A "C4'" 1 
ATOM   588 O "O4'" . C   A 1 28 ? 23.400  0.648   1.998   1.00 70.73  ? 6201 C   A "O4'" 1 
ATOM   589 C "C3'" . C   A 1 28 ? 24.528  0.810   4.060   1.00 72.39  ? 6201 C   A "C3'" 1 
ATOM   590 O "O3'" . C   A 1 28 ? 25.553  1.495   4.779   1.00 73.77  ? 6201 C   A "O3'" 1 
ATOM   591 C "C2'" . C   A 1 28 ? 23.143  1.417   4.228   1.00 71.70  ? 6201 C   A "C2'" 1 
ATOM   592 O "O2'" . C   A 1 28 ? 23.130  2.832   4.185   1.00 71.89  ? 6201 C   A "O2'" 1 
ATOM   593 C "C1'" . C   A 1 28 ? 22.422  0.827   3.013   1.00 70.76  ? 6201 C   A "C1'" 1 
ATOM   594 N N1    . C   A 1 28 ? 21.850  -0.488  3.330   1.00 70.34  ? 6201 C   A N1    1 
ATOM   595 C C2    . C   A 1 28 ? 20.811  -0.559  4.257   1.00 70.18  ? 6201 C   A C2    1 
ATOM   596 O O2    . C   A 1 28 ? 20.385  0.492   4.758   1.00 69.97  ? 6201 C   A O2    1 
ATOM   597 N N3    . C   A 1 28 ? 20.299  -1.768  4.586   1.00 70.76  ? 6201 C   A N3    1 
ATOM   598 C C4    . C   A 1 28 ? 20.787  -2.875  4.020   1.00 70.52  ? 6201 C   A C4    1 
ATOM   599 N N4    . C   A 1 28 ? 20.262  -4.047  4.387   1.00 70.37  ? 6201 C   A N4    1 
ATOM   600 C C5    . C   A 1 28 ? 21.836  -2.829  3.057   1.00 69.92  ? 6201 C   A C5    1 
ATOM   601 C C6    . C   A 1 28 ? 22.331  -1.626  2.744   1.00 70.18  ? 6201 C   A C6    1 
ATOM   602 P P     . C   A 1 29 ? 26.318  0.741   5.981   1.00 75.15  ? 6202 C   A P     1 
ATOM   603 O OP1   . C   A 1 29 ? 27.436  1.616   6.422   1.00 75.56  ? 6202 C   A OP1   1 
ATOM   604 O OP2   . C   A 1 29 ? 26.613  -0.647  5.519   1.00 74.82  ? 6202 C   A OP2   1 
ATOM   605 O "O5'" . C   A 1 29 ? 25.238  0.679   7.159   1.00 73.39  ? 6202 C   A "O5'" 1 
ATOM   606 C "C5'" . C   A 1 29 ? 24.589  1.863   7.621   1.00 71.32  ? 6202 C   A "C5'" 1 
ATOM   607 C "C4'" . C   A 1 29 ? 23.286  1.520   8.306   1.00 70.68  ? 6202 C   A "C4'" 1 
ATOM   608 O "O4'" . C   A 1 29 ? 22.525  0.626   7.460   1.00 70.96  ? 6202 C   A "O4'" 1 
ATOM   609 C "C3'" . C   A 1 29 ? 23.384  0.759   9.616   1.00 70.41  ? 6202 C   A "C3'" 1 
ATOM   610 O "O3'" . C   A 1 29 ? 23.667  1.617   10.723  1.00 69.38  ? 6202 C   A "O3'" 1 
ATOM   611 C "C2'" . C   A 1 29 ? 22.009  0.112   9.730   1.00 70.97  ? 6202 C   A "C2'" 1 
ATOM   612 O "O2'" . C   A 1 29 ? 21.023  0.976   10.257  1.00 70.54  ? 6202 C   A "O2'" 1 
ATOM   613 C "C1'" . C   A 1 29 ? 21.697  -0.200  8.266   1.00 71.97  ? 6202 C   A "C1'" 1 
ATOM   614 N N1    . C   A 1 29 ? 21.929  -1.603  7.892   1.00 73.98  ? 6202 C   A N1    1 
ATOM   615 C C2    . C   A 1 29 ? 21.109  -2.594  8.442   1.00 75.03  ? 6202 C   A C2    1 
ATOM   616 O O2    . C   A 1 29 ? 20.238  -2.267  9.259   1.00 75.61  ? 6202 C   A O2    1 
ATOM   617 N N3    . C   A 1 29 ? 21.292  -3.882  8.076   1.00 75.39  ? 6202 C   A N3    1 
ATOM   618 C C4    . C   A 1 29 ? 22.263  -4.197  7.216   1.00 76.54  ? 6202 C   A C4    1 
ATOM   619 N N4    . C   A 1 29 ? 22.421  -5.485  6.892   1.00 77.20  ? 6202 C   A N4    1 
ATOM   620 C C5    . C   A 1 29 ? 23.123  -3.211  6.655   1.00 76.36  ? 6202 C   A C5    1 
ATOM   621 C C6    . C   A 1 29 ? 22.922  -1.938  7.016   1.00 75.10  ? 6202 C   A C6    1 
ATOM   622 O OP3   . U   B 2 1  ? -18.425 17.134  7.995   1.00 79.80  ? 6203 U   B OP3   1 
ATOM   623 P P     . U   B 2 1  ? -17.116 16.984  8.749   1.00 79.51  ? 6203 U   B P     1 
ATOM   624 O OP1   . U   B 2 1  ? -17.137 17.672  10.103  1.00 80.30  ? 6203 U   B OP1   1 
ATOM   625 O OP2   . U   B 2 1  ? -16.667 15.540  8.868   1.00 81.12  ? 6203 U   B OP2   1 
ATOM   626 O "O5'" . U   B 2 1  ? -15.992 17.748  7.842   1.00 76.94  ? 6203 U   B "O5'" 1 
ATOM   627 C "C5'" . U   B 2 1  ? -16.073 17.736  6.402   1.00 72.85  ? 6203 U   B "C5'" 1 
ATOM   628 C "C4'" . U   B 2 1  ? -15.044 18.671  5.800   1.00 70.02  ? 6203 U   B "C4'" 1 
ATOM   629 O "O4'" . U   B 2 1  ? -14.954 19.876  6.605   1.00 68.35  ? 6203 U   B "O4'" 1 
ATOM   630 C "C3'" . U   B 2 1  ? -13.616 18.158  5.765   1.00 68.79  ? 6203 U   B "C3'" 1 
ATOM   631 O "O3'" . U   B 2 1  ? -13.387 17.314  4.645   1.00 69.84  ? 6203 U   B "O3'" 1 
ATOM   632 C "C2'" . U   B 2 1  ? -12.811 19.450  5.679   1.00 66.76  ? 6203 U   B "C2'" 1 
ATOM   633 O "O2'" . U   B 2 1  ? -12.732 20.005  4.385   1.00 64.91  ? 6203 U   B "O2'" 1 
ATOM   634 C "C1'" . U   B 2 1  ? -13.618 20.362  6.600   1.00 65.96  ? 6203 U   B "C1'" 1 
ATOM   635 N N1    . U   B 2 1  ? -13.096 20.300  7.971   1.00 64.03  ? 6203 U   B N1    1 
ATOM   636 C C2    . U   B 2 1  ? -12.004 21.080  8.274   1.00 63.06  ? 6203 U   B C2    1 
ATOM   637 O O2    . U   B 2 1  ? -11.496 21.845  7.475   1.00 63.08  ? 6203 U   B O2    1 
ATOM   638 N N3    . U   B 2 1  ? -11.524 20.931  9.550   1.00 62.26  ? 6203 U   B N3    1 
ATOM   639 C C4    . U   B 2 1  ? -12.018 20.102  10.529  1.00 61.73  ? 6203 U   B C4    1 
ATOM   640 O O4    . U   B 2 1  ? -11.429 20.015  11.609  1.00 62.04  ? 6203 U   B O4    1 
ATOM   641 C C5    . U   B 2 1  ? -13.168 19.353  10.142  1.00 62.57  ? 6203 U   B C5    1 
ATOM   642 C C6    . U   B 2 1  ? -13.656 19.477  8.907   1.00 63.22  ? 6203 U   B C6    1 
ATOM   643 P P     . A   B 2 2  ? -12.259 16.171  4.731   1.00 70.58  ? 6204 A   B P     1 
ATOM   644 O OP1   . A   B 2 2  ? -12.180 15.502  3.400   1.00 71.09  ? 6204 A   B OP1   1 
ATOM   645 O OP2   . A   B 2 2  ? -12.531 15.355  5.950   1.00 70.15  ? 6204 A   B OP2   1 
ATOM   646 O "O5'" . A   B 2 2  ? -10.906 16.995  4.932   1.00 66.96  ? 6204 A   B "O5'" 1 
ATOM   647 C "C5'" . A   B 2 2  ? -10.369 17.773  3.864   1.00 62.76  ? 6204 A   B "C5'" 1 
ATOM   648 C "C4'" . A   B 2 2  ? -9.064  18.419  4.278   1.00 60.23  ? 6204 A   B "C4'" 1 
ATOM   649 O "O4'" . A   B 2 2  ? -9.310  19.415  5.310   1.00 59.31  ? 6204 A   B "O4'" 1 
ATOM   650 C "C3'" . A   B 2 2  ? -8.029  17.503  4.906   1.00 58.48  ? 6204 A   B "C3'" 1 
ATOM   651 O "O3'" . A   B 2 2  ? -7.284  16.771  3.945   1.00 56.45  ? 6204 A   B "O3'" 1 
ATOM   652 C "C2'" . A   B 2 2  ? -7.166  18.498  5.665   1.00 56.76  ? 6204 A   B "C2'" 1 
ATOM   653 O "O2'" . A   B 2 2  ? -6.317  19.234  4.804   1.00 56.99  ? 6204 A   B "O2'" 1 
ATOM   654 C "C1'" . A   B 2 2  ? -8.240  19.413  6.246   1.00 55.69  ? 6204 A   B "C1'" 1 
ATOM   655 N N9    . A   B 2 2  ? -8.762  18.914  7.518   1.00 52.40  ? 6204 A   B N9    1 
ATOM   656 C C8    . A   B 2 2  ? -9.897  18.166  7.737   1.00 51.60  ? 6204 A   B C8    1 
ATOM   657 N N7    . A   B 2 2  ? -10.107 17.884  8.998   1.00 50.61  ? 6204 A   B N7    1 
ATOM   658 C C5    . A   B 2 2  ? -9.038  18.480  9.653   1.00 50.50  ? 6204 A   B C5    1 
ATOM   659 C C6    . A   B 2 2  ? -8.678  18.551  11.016  1.00 50.69  ? 6204 A   B C6    1 
ATOM   660 N N6    . A   B 2 2  ? -9.406  18.013  12.008  1.00 50.33  ? 6204 A   B N6    1 
ATOM   661 N N1    . A   B 2 2  ? -7.534  19.208  11.330  1.00 49.04  ? 6204 A   B N1    1 
ATOM   662 C C2    . A   B 2 2  ? -6.828  19.768  10.339  1.00 48.33  ? 6204 A   B C2    1 
ATOM   663 N N3    . A   B 2 2  ? -7.075  19.785  9.029   1.00 48.35  ? 6204 A   B N3    1 
ATOM   664 C C4    . A   B 2 2  ? -8.202  19.113  8.752   1.00 50.21  ? 6204 A   B C4    1 
ATOM   665 P P     . A   B 2 3  ? -6.681  15.340  4.353   1.00 55.89  ? 6205 A   B P     1 
ATOM   666 O OP1   . A   B 2 3  ? -5.821  14.910  3.221   1.00 56.43  ? 6205 A   B OP1   1 
ATOM   667 O OP2   . A   B 2 3  ? -7.781  14.453  4.842   1.00 54.02  ? 6205 A   B OP2   1 
ATOM   668 O "O5'" . A   B 2 3  ? -5.712  15.667  5.575   1.00 53.73  ? 6205 A   B "O5'" 1 
ATOM   669 C "C5'" . A   B 2 3  ? -4.560  16.490  5.392   1.00 50.10  ? 6205 A   B "C5'" 1 
ATOM   670 C "C4'" . A   B 2 3  ? -3.884  16.746  6.717   1.00 47.43  ? 6205 A   B "C4'" 1 
ATOM   671 O "O4'" . A   B 2 3  ? -4.794  17.456  7.601   1.00 47.57  ? 6205 A   B "O4'" 1 
ATOM   672 C "C3'" . A   B 2 3  ? -3.535  15.498  7.493   1.00 46.91  ? 6205 A   B "C3'" 1 
ATOM   673 O "O3'" . A   B 2 3  ? -2.306  14.964  7.048   1.00 47.61  ? 6205 A   B "O3'" 1 
ATOM   674 C "C2'" . A   B 2 3  ? -3.472  16.016  8.919   1.00 46.18  ? 6205 A   B "C2'" 1 
ATOM   675 O "O2'" . A   B 2 3  ? -2.287  16.742  9.163   1.00 47.96  ? 6205 A   B "O2'" 1 
ATOM   676 C "C1'" . A   B 2 3  ? -4.662  16.974  8.929   1.00 45.43  ? 6205 A   B "C1'" 1 
ATOM   677 N N9    . A   B 2 3  ? -5.928  16.337  9.309   1.00 42.17  ? 6205 A   B N9    1 
ATOM   678 C C8    . A   B 2 3  ? -6.920  15.904  8.472   1.00 42.14  ? 6205 A   B C8    1 
ATOM   679 N N7    . A   B 2 3  ? -7.933  15.355  9.090   1.00 42.18  ? 6205 A   B N7    1 
ATOM   680 C C5    . A   B 2 3  ? -7.589  15.433  10.429  1.00 40.65  ? 6205 A   B C5    1 
ATOM   681 C C6    . A   B 2 3  ? -8.254  15.026  11.607  1.00 41.08  ? 6205 A   B C6    1 
ATOM   682 N N6    . A   B 2 3  ? -9.458  14.439  11.623  1.00 40.16  ? 6205 A   B N6    1 
ATOM   683 N N1    . A   B 2 3  ? -7.634  15.254  12.787  1.00 40.89  ? 6205 A   B N1    1 
ATOM   684 C C2    . A   B 2 3  ? -6.442  15.856  12.774  1.00 40.91  ? 6205 A   B C2    1 
ATOM   685 N N3    . A   B 2 3  ? -5.722  16.288  11.735  1.00 41.63  ? 6205 A   B N3    1 
ATOM   686 C C4    . A   B 2 3  ? -6.359  16.041  10.579  1.00 40.69  ? 6205 A   B C4    1 
ATOM   687 P P     . G   B 2 4  ? -2.080  13.380  7.113   1.00 46.41  ? 6206 G   B P     1 
ATOM   688 O OP1   . G   B 2 4  ? -0.686  13.096  6.690   1.00 46.92  ? 6206 G   B OP1   1 
ATOM   689 O OP2   . G   B 2 4  ? -3.212  12.724  6.407   1.00 46.71  ? 6206 G   B OP2   1 
ATOM   690 O "O5'" . G   B 2 4  ? -2.255  13.059  8.660   1.00 45.19  ? 6206 G   B "O5'" 1 
ATOM   691 C "C5'" . G   B 2 4  ? -1.292  13.487  9.609   1.00 41.33  ? 6206 G   B "C5'" 1 
ATOM   692 C "C4'" . G   B 2 4  ? -1.770  13.158  10.999  1.00 41.28  ? 6206 G   B "C4'" 1 
ATOM   693 O "O4'" . G   B 2 4  ? -3.044  13.814  11.226  1.00 39.59  ? 6206 G   B "O4'" 1 
ATOM   694 C "C3'" . G   B 2 4  ? -2.083  11.697  11.259  1.00 41.41  ? 6206 G   B "C3'" 1 
ATOM   695 O "O3'" . G   B 2 4  ? -0.893  10.985  11.579  1.00 42.72  ? 6206 G   B "O3'" 1 
ATOM   696 C "C2'" . G   B 2 4  ? -3.015  11.794  12.457  1.00 39.67  ? 6206 G   B "C2'" 1 
ATOM   697 O "O2'" . G   B 2 4  ? -2.309  11.997  13.658  1.00 40.32  ? 6206 G   B "O2'" 1 
ATOM   698 C "C1'" . G   B 2 4  ? -3.816  13.048  12.121  1.00 38.59  ? 6206 G   B "C1'" 1 
ATOM   699 N N9    . G   B 2 4  ? -5.061  12.705  11.459  1.00 39.01  ? 6206 G   B N9    1 
ATOM   700 C C8    . G   B 2 4  ? -5.363  12.830  10.127  1.00 38.44  ? 6206 G   B C8    1 
ATOM   701 N N7    . G   B 2 4  ? -6.545  12.362  9.826   1.00 39.67  ? 6206 G   B N7    1 
ATOM   702 C C5    . G   B 2 4  ? -7.058  11.917  11.038  1.00 40.19  ? 6206 G   B C5    1 
ATOM   703 C C6    . G   B 2 4  ? -8.298  11.290  11.348  1.00 41.33  ? 6206 G   B C6    1 
ATOM   704 O O6    . G   B 2 4  ? -9.222  10.979  10.582  1.00 42.63  ? 6206 G   B O6    1 
ATOM   705 N N1    . G   B 2 4  ? -8.406  11.015  12.707  1.00 40.61  ? 6206 G   B N1    1 
ATOM   706 C C2    . G   B 2 4  ? -7.446  11.292  13.649  1.00 40.95  ? 6206 G   B C2    1 
ATOM   707 N N2    . G   B 2 4  ? -7.738  10.939  14.910  1.00 43.29  ? 6206 G   B N2    1 
ATOM   708 N N3    . G   B 2 4  ? -6.289  11.867  13.376  1.00 40.32  ? 6206 G   B N3    1 
ATOM   709 C C4    . G   B 2 4  ? -6.161  12.147  12.059  1.00 39.95  ? 6206 G   B C4    1 
ATOM   710 P P     . A   B 2 5  ? -0.709  9.464   11.082  1.00 45.05  ? 6207 A   B P     1 
ATOM   711 O OP1   . A   B 2 5  ? 0.685   9.098   11.462  1.00 45.88  ? 6207 A   B OP1   1 
ATOM   712 O OP2   . A   B 2 5  ? -1.142  9.324   9.664   1.00 45.38  ? 6207 A   B OP2   1 
ATOM   713 O "O5'" . A   B 2 5  ? -1.746  8.652   11.983  1.00 44.84  ? 6207 A   B "O5'" 1 
ATOM   714 C "C5'" . A   B 2 5  ? -1.690  8.727   13.407  1.00 43.64  ? 6207 A   B "C5'" 1 
ATOM   715 C "C4'" . A   B 2 5  ? -2.965  8.204   14.010  1.00 43.09  ? 6207 A   B "C4'" 1 
ATOM   716 O "O4'" . A   B 2 5  ? -4.069  9.062   13.619  1.00 44.26  ? 6207 A   B "O4'" 1 
ATOM   717 C "C3'" . A   B 2 5  ? -3.404  6.842   13.516  1.00 44.67  ? 6207 A   B "C3'" 1 
ATOM   718 O "O3'" . A   B 2 5  ? -2.720  5.799   14.180  1.00 44.00  ? 6207 A   B "O3'" 1 
ATOM   719 C "C2'" . A   B 2 5  ? -4.886  6.847   13.860  1.00 45.34  ? 6207 A   B "C2'" 1 
ATOM   720 O "O2'" . A   B 2 5  ? -5.117  6.604   15.233  1.00 46.49  ? 6207 A   B "O2'" 1 
ATOM   721 C "C1'" . A   B 2 5  ? -5.261  8.291   13.523  1.00 45.64  ? 6207 A   B "C1'" 1 
ATOM   722 N N9    . A   B 2 5  ? -5.796  8.433   12.168  1.00 46.35  ? 6207 A   B N9    1 
ATOM   723 C C8    . A   B 2 5  ? -5.146  8.892   11.046  1.00 46.27  ? 6207 A   B C8    1 
ATOM   724 N N7    . A   B 2 5  ? -5.896  8.905   9.971   1.00 46.74  ? 6207 A   B N7    1 
ATOM   725 C C5    . A   B 2 5  ? -7.120  8.420   10.411  1.00 46.71  ? 6207 A   B C5    1 
ATOM   726 C C6    . A   B 2 5  ? -8.338  8.204   9.753   1.00 47.74  ? 6207 A   B C6    1 
ATOM   727 N N6    . A   B 2 5  ? -8.524  8.456   8.455   1.00 50.38  ? 6207 A   B N6    1 
ATOM   728 N N1    . A   B 2 5  ? -9.372  7.718   10.477  1.00 47.24  ? 6207 A   B N1    1 
ATOM   729 C C2    . A   B 2 5  ? -9.179  7.475   11.775  1.00 47.11  ? 6207 A   B C2    1 
ATOM   730 N N3    . A   B 2 5  ? -8.079  7.642   12.511  1.00 47.32  ? 6207 A   B N3    1 
ATOM   731 C C4    . A   B 2 5  ? -7.074  8.124   11.760  1.00 46.50  ? 6207 A   B C4    1 
ATOM   732 P P     . A   B 2 6  ? -2.318  4.484   13.359  1.00 44.89  ? 6208 A   B P     1 
ATOM   733 O OP1   . A   B 2 6  ? -1.766  3.511   14.328  1.00 46.71  ? 6208 A   B OP1   1 
ATOM   734 O OP2   . A   B 2 6  ? -1.528  4.856   12.152  1.00 45.73  ? 6208 A   B OP2   1 
ATOM   735 O "O5'" . A   B 2 6  ? -3.715  3.924   12.859  1.00 46.06  ? 6208 A   B "O5'" 1 
ATOM   736 C "C5'" . A   B 2 6  ? -4.639  3.374   13.776  1.00 47.15  ? 6208 A   B "C5'" 1 
ATOM   737 C "C4'" . A   B 2 6  ? -5.923  3.026   13.066  1.00 48.59  ? 6208 A   B "C4'" 1 
ATOM   738 O "O4'" . A   B 2 6  ? -6.559  4.236   12.568  1.00 48.66  ? 6208 A   B "O4'" 1 
ATOM   739 C "C3'" . A   B 2 6  ? -5.781  2.144   11.839  1.00 48.17  ? 6208 A   B "C3'" 1 
ATOM   740 O "O3'" . A   B 2 6  ? -5.709  0.782   12.242  1.00 47.57  ? 6208 A   B "O3'" 1 
ATOM   741 C "C2'" . A   B 2 6  ? -7.081  2.460   11.120  1.00 48.58  ? 6208 A   B "C2'" 1 
ATOM   742 O "O2'" . A   B 2 6  ? -8.179  1.895   11.805  1.00 49.58  ? 6208 A   B "O2'" 1 
ATOM   743 C "C1'" . A   B 2 6  ? -7.153  3.974   11.313  1.00 49.50  ? 6208 A   B "C1'" 1 
ATOM   744 N N9    . A   B 2 6  ? -6.384  4.695   10.303  1.00 50.78  ? 6208 A   B N9    1 
ATOM   745 C C8    . A   B 2 6  ? -5.095  5.162   10.410  1.00 51.33  ? 6208 A   B C8    1 
ATOM   746 N N7    . A   B 2 6  ? -4.656  5.759   9.328   1.00 50.76  ? 6208 A   B N7    1 
ATOM   747 C C5    . A   B 2 6  ? -5.729  5.686   8.453   1.00 50.21  ? 6208 A   B C5    1 
ATOM   748 C C6    . A   B 2 6  ? -5.897  6.133   7.143   1.00 50.13  ? 6208 A   B C6    1 
ATOM   749 N N6    . A   B 2 6  ? -4.951  6.786   6.462   1.00 50.94  ? 6208 A   B N6    1 
ATOM   750 N N1    . A   B 2 6  ? -7.082  5.890   6.543   1.00 50.29  ? 6208 A   B N1    1 
ATOM   751 C C2    . A   B 2 6  ? -8.031  5.243   7.234   1.00 50.71  ? 6208 A   B C2    1 
ATOM   752 N N3    . A   B 2 6  ? -7.996  4.776   8.477   1.00 51.08  ? 6208 A   B N3    1 
ATOM   753 C C4    . A   B 2 6  ? -6.800  5.034   9.040   1.00 50.79  ? 6208 A   B C4    1 
ATOM   754 P P     . A   B 2 7  ? -4.879  -0.278  11.359  1.00 48.21  ? 6209 A   B P     1 
ATOM   755 O OP1   . A   B 2 7  ? -5.166  -1.606  11.959  1.00 48.92  ? 6209 A   B OP1   1 
ATOM   756 O OP2   . A   B 2 7  ? -3.468  0.158   11.186  1.00 47.73  ? 6209 A   B OP2   1 
ATOM   757 O "O5'" . A   B 2 7  ? -5.585  -0.225  9.931   1.00 49.39  ? 6209 A   B "O5'" 1 
ATOM   758 C "C5'" . A   B 2 7  ? -6.911  -0.723  9.750   1.00 47.85  ? 6209 A   B "C5'" 1 
ATOM   759 C "C4'" . A   B 2 7  ? -7.337  -0.574  8.306   1.00 48.16  ? 6209 A   B "C4'" 1 
ATOM   760 O "O4'" . A   B 2 7  ? -7.552  0.831   7.997   1.00 48.64  ? 6209 A   B "O4'" 1 
ATOM   761 C "C3'" . A   B 2 7  ? -6.333  -1.020  7.255   1.00 47.66  ? 6209 A   B "C3'" 1 
ATOM   762 O "O3'" . A   B 2 7  ? -6.364  -2.425  7.054   1.00 46.45  ? 6209 A   B "O3'" 1 
ATOM   763 C "C2'" . A   B 2 7  ? -6.846  -0.277  6.037   1.00 47.29  ? 6209 A   B "C2'" 1 
ATOM   764 O "O2'" . A   B 2 7  ? -8.035  -0.862  5.554   1.00 47.47  ? 6209 A   B "O2'" 1 
ATOM   765 C "C1'" . A   B 2 7  ? -7.189  1.076   6.653   1.00 47.98  ? 6209 A   B "C1'" 1 
ATOM   766 N N9    . A   B 2 7  ? -6.040  1.970   6.660   1.00 48.90  ? 6209 A   B N9    1 
ATOM   767 C C8    . A   B 2 7  ? -5.210  2.273   7.709   1.00 49.01  ? 6209 A   B C8    1 
ATOM   768 N N7    . A   B 2 7  ? -4.268  3.136   7.406   1.00 49.76  ? 6209 A   B N7    1 
ATOM   769 C C5    . A   B 2 7  ? -4.494  3.414   6.066   1.00 49.82  ? 6209 A   B C5    1 
ATOM   770 C C6    . A   B 2 7  ? -3.849  4.263   5.157   1.00 49.84  ? 6209 A   B C6    1 
ATOM   771 N N6    . A   B 2 7  ? -2.786  5.003   5.465   1.00 50.40  ? 6209 A   B N6    1 
ATOM   772 N N1    . A   B 2 7  ? -4.336  4.323   3.902   1.00 49.13  ? 6209 A   B N1    1 
ATOM   773 C C2    . A   B 2 7  ? -5.383  3.562   3.584   1.00 49.96  ? 6209 A   B C2    1 
ATOM   774 N N3    . A   B 2 7  ? -6.071  2.716   4.345   1.00 49.95  ? 6209 A   B N3    1 
ATOM   775 C C4    . A   B 2 7  ? -5.575  2.694   5.592   1.00 49.55  ? 6209 A   B C4    1 
ATOM   776 P P     . U   B 2 8  ? -4.989  -3.263  7.076   1.00 47.09  ? 6210 U   B P     1 
ATOM   777 O OP1   . U   B 2 8  ? -5.132  -4.326  8.100   1.00 46.78  ? 6210 U   B OP1   1 
ATOM   778 O OP2   . U   B 2 8  ? -3.865  -2.294  7.175   1.00 45.90  ? 6210 U   B OP2   1 
ATOM   779 O "O5'" . U   B 2 8  ? -4.933  -3.967  5.646   1.00 46.85  ? 6210 U   B "O5'" 1 
ATOM   780 C "C5'" . U   B 2 8  ? -5.164  -3.232  4.442   1.00 46.32  ? 6210 U   B "C5'" 1 
ATOM   781 C "C4'" . U   B 2 8  ? -6.200  -3.942  3.609   1.00 45.83  ? 6210 U   B "C4'" 1 
ATOM   782 O "O4'" . U   B 2 8  ? -5.693  -5.239  3.255   1.00 45.12  ? 6210 U   B "O4'" 1 
ATOM   783 C "C3'" . U   B 2 8  ? -7.485  -4.189  4.374   1.00 46.39  ? 6210 U   B "C3'" 1 
ATOM   784 O "O3'" . U   B 2 8  ? -8.400  -3.073  4.237   1.00 47.42  ? 6210 U   B "O3'" 1 
ATOM   785 C "C2'" . U   B 2 8  ? -7.973  -5.576  3.952   1.00 44.21  ? 6210 U   B "C2'" 1 
ATOM   786 O "O2'" . U   B 2 8  ? -9.053  -5.594  3.041   1.00 46.51  ? 6210 U   B "O2'" 1 
ATOM   787 C "C1'" . U   B 2 8  ? -6.723  -6.196  3.325   1.00 44.93  ? 6210 U   B "C1'" 1 
ATOM   788 N N1    . U   B 2 8  ? -6.168  -7.414  3.926   1.00 45.33  ? 6210 U   B N1    1 
ATOM   789 C C2    . U   B 2 8  ? -6.552  -8.623  3.385   1.00 44.92  ? 6210 U   B C2    1 
ATOM   790 O O2    . U   B 2 8  ? -7.409  -8.718  2.531   1.00 44.07  ? 6210 U   B O2    1 
ATOM   791 N N3    . U   B 2 8  ? -5.905  -9.716  3.891   1.00 44.87  ? 6210 U   B N3    1 
ATOM   792 C C4    . U   B 2 8  ? -4.954  -9.730  4.889   1.00 46.16  ? 6210 U   B C4    1 
ATOM   793 O O4    . U   B 2 8  ? -4.387  -10.791 5.173   1.00 47.40  ? 6210 U   B O4    1 
ATOM   794 C C5    . U   B 2 8  ? -4.658  -8.444  5.445   1.00 45.78  ? 6210 U   B C5    1 
ATOM   795 C C6    . U   B 2 8  ? -5.262  -7.358  4.955   1.00 45.38  ? 6210 U   B C6    1 
ATOM   796 P P     . U   B 2 9  ? -8.795  -2.467  2.782   1.00 46.51  ? 6211 U   B P     1 
ATOM   797 O OP1   . U   B 2 9  ? -8.662  -3.437  1.683   1.00 48.75  ? 6211 U   B OP1   1 
ATOM   798 O OP2   . U   B 2 9  ? -8.076  -1.184  2.674   1.00 47.86  ? 6211 U   B OP2   1 
ATOM   799 O "O5'" . U   B 2 9  ? -10.349 -2.180  2.963   1.00 44.72  ? 6211 U   B "O5'" 1 
ATOM   800 C "C5'" . U   B 2 9  ? -11.182 -3.138  3.628   1.00 46.66  ? 6211 U   B "C5'" 1 
ATOM   801 C "C4'" . U   B 2 9  ? -12.029 -2.480  4.702   1.00 47.95  ? 6211 U   B "C4'" 1 
ATOM   802 O "O4'" . U   B 2 9  ? -12.190 -3.422  5.780   1.00 49.30  ? 6211 U   B "O4'" 1 
ATOM   803 C "C3'" . U   B 2 9  ? -11.394 -1.248  5.304   1.00 48.57  ? 6211 U   B "C3'" 1 
ATOM   804 O "O3'" . U   B 2 9  ? -11.886 -0.086  4.622   1.00 49.17  ? 6211 U   B "O3'" 1 
ATOM   805 C "C2'" . U   B 2 9  ? -11.640 -1.326  6.807   1.00 49.01  ? 6211 U   B "C2'" 1 
ATOM   806 O "O2'" . U   B 2 9  ? -12.644 -0.493  7.321   1.00 51.14  ? 6211 U   B "O2'" 1 
ATOM   807 C "C1'" . U   B 2 9  ? -11.950 -2.806  7.024   1.00 50.16  ? 6211 U   B "C1'" 1 
ATOM   808 N N1    . U   B 2 9  ? -10.878 -3.557  7.681   1.00 52.10  ? 6211 U   B N1    1 
ATOM   809 C C2    . U   B 2 9  ? -11.236 -4.443  8.676   1.00 54.03  ? 6211 U   B C2    1 
ATOM   810 O O2    . U   B 2 9  ? -12.391 -4.594  9.045   1.00 55.03  ? 6211 U   B O2    1 
ATOM   811 N N3    . U   B 2 9  ? -10.192 -5.147  9.223   1.00 54.69  ? 6211 U   B N3    1 
ATOM   812 C C4    . U   B 2 9  ? -8.859  -5.048  8.883   1.00 54.84  ? 6211 U   B C4    1 
ATOM   813 O O4    . U   B 2 9  ? -8.048  -5.839  9.366   1.00 55.90  ? 6211 U   B O4    1 
ATOM   814 C C5    . U   B 2 9  ? -8.577  -4.082  7.869   1.00 54.40  ? 6211 U   B C5    1 
ATOM   815 C C6    . U   B 2 9  ? -9.573  -3.390  7.316   1.00 53.27  ? 6211 U   B C6    1 
ATOM   816 P P     . U   B 2 10 ? -13.450 0.352   4.701   1.00 45.88  ? 6212 U   B P     1 
ATOM   817 O OP1   . U   B 2 10 ? -14.169 -0.151  5.878   1.00 46.96  ? 6212 U   B OP1   1 
ATOM   818 O OP2   . U   B 2 10 ? -14.048 0.143   3.363   1.00 47.76  ? 6212 U   B OP2   1 
ATOM   819 O "O5'" . U   B 2 10 ? -13.288 1.914   4.902   1.00 46.62  ? 6212 U   B "O5'" 1 
ATOM   820 C "C5'" . U   B 2 10 ? -12.490 2.415   5.967   1.00 44.74  ? 6212 U   B "C5'" 1 
ATOM   821 C "C4'" . U   B 2 10 ? -11.487 3.417   5.454   1.00 42.96  ? 6212 U   B "C4'" 1 
ATOM   822 O "O4'" . U   B 2 10 ? -10.308 2.756   4.937   1.00 42.91  ? 6212 U   B "O4'" 1 
ATOM   823 C "C3'" . U   B 2 10 ? -11.930 4.275   4.293   1.00 43.50  ? 6212 U   B "C3'" 1 
ATOM   824 O "O3'" . U   B 2 10 ? -12.837 5.287   4.709   1.00 45.63  ? 6212 U   B "O3'" 1 
ATOM   825 C "C2'" . U   B 2 10 ? -10.591 4.806   3.785   1.00 43.26  ? 6212 U   B "C2'" 1 
ATOM   826 O "O2'" . U   B 2 10 ? -10.051 5.840   4.574   1.00 45.07  ? 6212 U   B "O2'" 1 
ATOM   827 C "C1'" . U   B 2 10 ? -9.697  3.582   3.962   1.00 41.44  ? 6212 U   B "C1'" 1 
ATOM   828 N N1    . U   B 2 10 ? -9.570  2.817   2.720   1.00 40.89  ? 6212 U   B N1    1 
ATOM   829 C C2    . U   B 2 10 ? -8.764  3.346   1.751   1.00 40.85  ? 6212 U   B C2    1 
ATOM   830 O O2    . U   B 2 10 ? -8.180  4.395   1.894   1.00 42.17  ? 6212 U   B O2    1 
ATOM   831 N N3    . U   B 2 10 ? -8.672  2.604   0.603   1.00 41.17  ? 6212 U   B N3    1 
ATOM   832 C C4    . U   B 2 10 ? -9.303  1.412   0.336   1.00 40.11  ? 6212 U   B C4    1 
ATOM   833 O O4    . U   B 2 10 ? -9.146  0.880   -0.764  1.00 41.55  ? 6212 U   B O4    1 
ATOM   834 C C5    . U   B 2 10 ? -10.127 0.926   1.397   1.00 40.21  ? 6212 U   B C5    1 
ATOM   835 C C6    . U   B 2 10 ? -10.228 1.629   2.527   1.00 40.21  ? 6212 U   B C6    1 
ATOM   836 P P     . A   B 2 11 ? -13.920 5.858   3.664   1.00 48.83  ? 6213 A   B P     1 
ATOM   837 O OP1   . A   B 2 11 ? -14.824 6.755   4.427   1.00 48.02  ? 6213 A   B OP1   1 
ATOM   838 O OP2   . A   B 2 11 ? -14.499 4.737   2.871   1.00 48.33  ? 6213 A   B OP2   1 
ATOM   839 O "O5'" . A   B 2 11 ? -13.030 6.758   2.696   1.00 48.06  ? 6213 A   B "O5'" 1 
ATOM   840 C "C5'" . A   B 2 11 ? -12.308 7.859   3.229   1.00 46.82  ? 6213 A   B "C5'" 1 
ATOM   841 C "C4'" . A   B 2 11 ? -11.550 8.566   2.147   1.00 45.66  ? 6213 A   B "C4'" 1 
ATOM   842 O "O4'" . A   B 2 11 ? -10.435 7.754   1.712   1.00 45.12  ? 6213 A   B "O4'" 1 
ATOM   843 C "C3'" . A   B 2 11 ? -12.323 8.829   0.875   1.00 47.13  ? 6213 A   B "C3'" 1 
ATOM   844 O "O3'" . A   B 2 11 ? -13.167 9.958   1.034   1.00 49.67  ? 6213 A   B "O3'" 1 
ATOM   845 C "C2'" . A   B 2 11 ? -11.193 9.046   -0.127  1.00 45.87  ? 6213 A   B "C2'" 1 
ATOM   846 O "O2'" . A   B 2 11 ? -10.604 10.330  -0.054  1.00 46.35  ? 6213 A   B "O2'" 1 
ATOM   847 C "C1'" . A   B 2 11 ? -10.171 8.004   0.341   1.00 44.18  ? 6213 A   B "C1'" 1 
ATOM   848 N N9    . A   B 2 11 ? -10.249 6.732   -0.381  1.00 43.18  ? 6213 A   B N9    1 
ATOM   849 C C8    . A   B 2 11 ? -10.916 5.587   -0.010  1.00 41.69  ? 6213 A   B C8    1 
ATOM   850 N N7    . A   B 2 11 ? -10.787 4.602   -0.867  1.00 41.02  ? 6213 A   B N7    1 
ATOM   851 C C5    . A   B 2 11 ? -9.983  5.131   -1.867  1.00 40.47  ? 6213 A   B C5    1 
ATOM   852 C C6    . A   B 2 11 ? -9.477  4.585   -3.062  1.00 41.73  ? 6213 A   B C6    1 
ATOM   853 N N6    . A   B 2 11 ? -9.715  3.339   -3.465  1.00 41.23  ? 6213 A   B N6    1 
ATOM   854 N N1    . A   B 2 11 ? -8.707  5.376   -3.840  1.00 40.91  ? 6213 A   B N1    1 
ATOM   855 C C2    . A   B 2 11 ? -8.476  6.632   -3.439  1.00 42.14  ? 6213 A   B C2    1 
ATOM   856 N N3    . A   B 2 11 ? -8.899  7.262   -2.339  1.00 41.59  ? 6213 A   B N3    1 
ATOM   857 C C4    . A   B 2 11 ? -9.653  6.443   -1.587  1.00 41.76  ? 6213 A   B C4    1 
ATOM   858 P P     . C   B 2 12 ? -14.466 10.122  0.097   1.00 53.08  ? 6214 C   B P     1 
ATOM   859 O OP1   . C   B 2 12 ? -15.043 11.433  0.455   1.00 54.29  ? 6214 C   B OP1   1 
ATOM   860 O OP2   . C   B 2 12 ? -15.325 8.911   0.157   1.00 52.81  ? 6214 C   B OP2   1 
ATOM   861 O "O5'" . C   B 2 12 ? -13.862 10.250  -1.372  1.00 52.12  ? 6214 C   B "O5'" 1 
ATOM   862 C "C5'" . C   B 2 12 ? -13.078 11.379  -1.733  1.00 51.17  ? 6214 C   B "C5'" 1 
ATOM   863 C "C4'" . C   B 2 12 ? -12.510 11.201  -3.117  1.00 51.46  ? 6214 C   B "C4'" 1 
ATOM   864 O "O4'" . C   B 2 12 ? -11.542 10.125  -3.105  1.00 51.30  ? 6214 C   B "O4'" 1 
ATOM   865 C "C3'" . C   B 2 12 ? -13.501 10.793  -4.189  1.00 53.29  ? 6214 C   B "C3'" 1 
ATOM   866 O "O3'" . C   B 2 12 ? -14.172 11.928  -4.708  1.00 57.85  ? 6214 C   B "O3'" 1 
ATOM   867 C "C2'" . C   B 2 12 ? -12.593 10.156  -5.230  1.00 50.99  ? 6214 C   B "C2'" 1 
ATOM   868 O "O2'" . C   B 2 12 ? -11.907 11.097  -6.025  1.00 51.50  ? 6214 C   B "O2'" 1 
ATOM   869 C "C1'" . C   B 2 12 ? -11.589 9.428   -4.340  1.00 49.50  ? 6214 C   B "C1'" 1 
ATOM   870 N N1    . C   B 2 12 ? -11.992 8.047   -4.064  1.00 45.97  ? 6214 C   B N1    1 
ATOM   871 C C2    . C   B 2 12 ? -11.627 7.044   -4.968  1.00 43.91  ? 6214 C   B C2    1 
ATOM   872 O O2    . C   B 2 12 ? -10.975 7.357   -5.978  1.00 39.85  ? 6214 C   B O2    1 
ATOM   873 N N3    . C   B 2 12 ? -11.990 5.763   -4.714  1.00 44.68  ? 6214 C   B N3    1 
ATOM   874 C C4    . C   B 2 12 ? -12.681 5.475   -3.602  1.00 46.93  ? 6214 C   B C4    1 
ATOM   875 N N4    . C   B 2 12 ? -12.995 4.200   -3.367  1.00 48.07  ? 6214 C   B N4    1 
ATOM   876 C C5    . C   B 2 12 ? -13.075 6.485   -2.674  1.00 46.96  ? 6214 C   B C5    1 
ATOM   877 C C6    . C   B 2 12 ? -12.712 7.743   -2.942  1.00 46.23  ? 6214 C   B C6    1 
ATOM   878 P P     . C   B 2 13 ? -15.618 11.758  -5.396  1.00 62.33  ? 6215 C   B P     1 
ATOM   879 O OP1   . C   B 2 13 ? -16.025 13.141  -5.755  1.00 63.15  ? 6215 C   B OP1   1 
ATOM   880 O OP2   . C   B 2 13 ? -16.504 10.932  -4.526  1.00 60.73  ? 6215 C   B OP2   1 
ATOM   881 O "O5'" . C   B 2 13 ? -15.319 10.964  -6.748  1.00 57.77  ? 6215 C   B "O5'" 1 
ATOM   882 C "C5'" . C   B 2 13 ? -14.536 11.563  -7.764  1.00 55.33  ? 6215 C   B "C5'" 1 
ATOM   883 C "C4'" . C   B 2 13 ? -14.153 10.543  -8.800  1.00 53.56  ? 6215 C   B "C4'" 1 
ATOM   884 O "O4'" . C   B 2 13 ? -13.451 9.453   -8.155  1.00 52.43  ? 6215 C   B "O4'" 1 
ATOM   885 C "C3'" . C   B 2 13 ? -15.297 9.839   -9.498  1.00 52.85  ? 6215 C   B "C3'" 1 
ATOM   886 O "O3'" . C   B 2 13 ? -15.791 10.612  -10.576 1.00 54.45  ? 6215 C   B "O3'" 1 
ATOM   887 C "C2'" . C   B 2 13 ? -14.615 8.590   -10.029 1.00 50.18  ? 6215 C   B "C2'" 1 
ATOM   888 O "O2'" . C   B 2 13 ? -13.847 8.895   -11.167 1.00 49.62  ? 6215 C   B "O2'" 1 
ATOM   889 C "C1'" . C   B 2 13 ? -13.677 8.250   -8.876  1.00 48.58  ? 6215 C   B "C1'" 1 
ATOM   890 N N1    . C   B 2 13 ? -14.196 7.234   -7.948  1.00 44.60  ? 6215 C   B N1    1 
ATOM   891 C C2    . C   B 2 13 ? -14.146 5.897   -8.332  1.00 43.04  ? 6215 C   B C2    1 
ATOM   892 O O2    . C   B 2 13 ? -13.722 5.619   -9.465  1.00 41.44  ? 6215 C   B O2    1 
ATOM   893 N N3    . C   B 2 13 ? -14.564 4.943   -7.464  1.00 41.03  ? 6215 C   B N3    1 
ATOM   894 C C4    . C   B 2 13 ? -15.032 5.290   -6.265  1.00 41.44  ? 6215 C   B C4    1 
ATOM   895 N N4    . C   B 2 13 ? -15.426 4.320   -5.441  1.00 42.40  ? 6215 C   B N4    1 
ATOM   896 C C5    . C   B 2 13 ? -15.117 6.650   -5.856  1.00 42.05  ? 6215 C   B C5    1 
ATOM   897 C C6    . C   B 2 13 ? -14.696 7.582   -6.722  1.00 42.79  ? 6215 C   B C6    1 
ATOM   898 P P     . U   B 2 14 ? -17.317 10.440  -11.023 1.00 55.92  ? 6216 U   B P     1 
ATOM   899 O OP1   . U   B 2 14 ? -17.614 11.604  -11.895 1.00 57.34  ? 6216 U   B OP1   1 
ATOM   900 O OP2   . U   B 2 14 ? -18.126 10.218  -9.788  1.00 52.59  ? 6216 U   B OP2   1 
ATOM   901 O "O5'" . U   B 2 14 ? -17.316 9.121   -11.928 1.00 53.51  ? 6216 U   B "O5'" 1 
ATOM   902 C "C5'" . U   B 2 14 ? -16.916 9.175   -13.298 1.00 51.78  ? 6216 U   B "C5'" 1 
ATOM   903 C "C4'" . U   B 2 14 ? -16.822 7.778   -13.882 1.00 51.99  ? 6216 U   B "C4'" 1 
ATOM   904 O "O4'" . U   B 2 14 ? -16.000 6.978   -12.990 1.00 51.52  ? 6216 U   B "O4'" 1 
ATOM   905 C "C3'" . U   B 2 14 ? -18.110 6.961   -14.035 1.00 52.17  ? 6216 U   B "C3'" 1 
ATOM   906 O "O3'" . U   B 2 14 ? -18.952 7.202   -15.204 1.00 48.58  ? 6216 U   B "O3'" 1 
ATOM   907 C "C2'" . U   B 2 14 ? -17.576 5.529   -14.042 1.00 51.84  ? 6216 U   B "C2'" 1 
ATOM   908 O "O2'" . U   B 2 14 ? -17.053 5.136   -15.309 1.00 52.20  ? 6216 U   B "O2'" 1 
ATOM   909 C "C1'" . U   B 2 14 ? -16.443 5.627   -13.011 1.00 50.59  ? 6216 U   B "C1'" 1 
ATOM   910 N N1    . U   B 2 14 ? -16.821 5.257   -11.638 1.00 47.20  ? 6216 U   B N1    1 
ATOM   911 C C2    . U   B 2 14 ? -16.765 3.920   -11.281 1.00 47.07  ? 6216 U   B C2    1 
ATOM   912 O O2    . U   B 2 14 ? -16.448 3.034   -12.062 1.00 48.63  ? 6216 U   B O2    1 
ATOM   913 N N3    . U   B 2 14 ? -17.095 3.657   -9.974  1.00 43.86  ? 6216 U   B N3    1 
ATOM   914 C C4    . U   B 2 14 ? -17.471 4.570   -9.021  1.00 43.70  ? 6216 U   B C4    1 
ATOM   915 O O4    . U   B 2 14 ? -17.709 4.187   -7.883  1.00 43.46  ? 6216 U   B O4    1 
ATOM   916 C C5    . U   B 2 14 ? -17.520 5.919   -9.472  1.00 44.65  ? 6216 U   B C5    1 
ATOM   917 C C6    . U   B 2 14 ? -17.203 6.210   -10.734 1.00 45.52  ? 6216 U   B C6    1 
HETATM 918 S S     . SO4 C 3 .  ? 2.556   -12.663 -2.961  1.00 88.35  ? 100  SO4 A S     1 
HETATM 919 O O1    . SO4 C 3 .  ? 2.853   -12.509 -1.518  1.00 87.10  ? 100  SO4 A O1    1 
HETATM 920 O O2    . SO4 C 3 .  ? 1.357   -11.852 -3.272  1.00 89.37  ? 100  SO4 A O2    1 
HETATM 921 O O3    . SO4 C 3 .  ? 3.697   -12.203 -3.782  1.00 87.14  ? 100  SO4 A O3    1 
HETATM 922 O O4    . SO4 C 3 .  ? 2.295   -14.084 -3.279  1.00 86.28  ? 100  SO4 A O4    1 
HETATM 923 S S     . SO4 D 3 .  ? 23.000  -6.938  4.002   1.00 91.47  ? 103  SO4 A S     1 
HETATM 924 O O1    . SO4 D 3 .  ? 21.602  -7.227  3.613   1.00 90.87  ? 103  SO4 A O1    1 
HETATM 925 O O2    . SO4 D 3 .  ? 23.337  -7.701  5.229   1.00 92.36  ? 103  SO4 A O2    1 
HETATM 926 O O3    . SO4 D 3 .  ? 23.916  -7.325  2.904   1.00 90.65  ? 103  SO4 A O3    1 
HETATM 927 O O4    . SO4 D 3 .  ? 23.156  -5.491  4.268   1.00 89.29  ? 103  SO4 A O4    1 
HETATM 928 S S     . SO4 E 3 .  ? -16.680 3.350   -2.145  1.00 83.94  ? 101  SO4 B S     1 
HETATM 929 O O1    . SO4 E 3 .  ? -16.577 3.518   -0.675  1.00 82.95  ? 101  SO4 B O1    1 
HETATM 930 O O2    . SO4 E 3 .  ? -18.076 2.984   -2.489  1.00 84.44  ? 101  SO4 B O2    1 
HETATM 931 O O3    . SO4 E 3 .  ? -16.302 4.612   -2.823  1.00 82.28  ? 101  SO4 B O3    1 
HETATM 932 O O4    . SO4 E 3 .  ? -15.760 2.281   -2.595  1.00 82.10  ? 101  SO4 B O4    1 
HETATM 933 S S     . SO4 F 3 .  ? -11.382 10.309  14.208  1.00 94.33  ? 102  SO4 B S     1 
HETATM 934 O O1    . SO4 F 3 .  ? -10.413 9.797   15.203  1.00 92.91  ? 102  SO4 B O1    1 
HETATM 935 O O2    . SO4 F 3 .  ? -12.724 9.783   14.536  1.00 94.68  ? 102  SO4 B O2    1 
HETATM 936 O O3    . SO4 F 3 .  ? -11.410 11.797  14.218  1.00 92.30  ? 102  SO4 B O3    1 
HETATM 937 O O4    . SO4 F 3 .  ? -10.996 9.844   12.860  1.00 92.07  ? 102  SO4 B O4    1 
# 
loop_
_pdbx_poly_seq_scheme.asym_id 
_pdbx_poly_seq_scheme.entity_id 
_pdbx_poly_seq_scheme.seq_id 
_pdbx_poly_seq_scheme.mon_id 
_pdbx_poly_seq_scheme.ndb_seq_num 
_pdbx_poly_seq_scheme.pdb_seq_num 
_pdbx_poly_seq_scheme.auth_seq_num 
_pdbx_poly_seq_scheme.pdb_mon_id 
_pdbx_poly_seq_scheme.auth_mon_id 
_pdbx_poly_seq_scheme.pdb_strand_id 
_pdbx_poly_seq_scheme.pdb_ins_code 
_pdbx_poly_seq_scheme.hetero 
A 1 1  G 1  6174 6174 G G A . n 
A 1 2  G 2  6175 6175 G G A . n 
A 1 3  U 3  6176 6176 U U A . n 
A 1 4  U 4  6177 6177 U U A . n 
A 1 5  A 5  6178 6178 A A A . n 
A 1 6  U 6  6179 6179 U U A . n 
A 1 7  U 7  6180 6180 U U A . n 
A 1 8  C 8  6181 6181 C C A . n 
A 1 9  A 9  6182 6182 A A A . n 
A 1 10 G 10 6183 6183 G G A . n 
A 1 11 A 11 6184 6184 A A A . n 
A 1 12 U 12 6185 6185 U U A . n 
A 1 13 U 13 6186 6186 U U A . n 
A 1 14 A 14 6187 6187 A A A . n 
A 1 15 G 15 6188 6188 G G A . n 
A 1 16 G 16 6189 6189 G G A . n 
A 1 17 U 17 6190 6190 U U A . n 
A 1 18 A 18 6191 6191 A A A . n 
A 1 19 G 19 6192 6192 G G A . n 
A 1 20 U 20 6193 6193 U U A . n 
A 1 21 C 21 6194 6194 C C A . n 
A 1 22 G 22 6195 6195 G G A . n 
A 1 23 A 23 6196 6196 A A A . n 
A 1 24 A 24 6197 6197 A A A . n 
A 1 25 U 25 6198 6198 U U A . n 
A 1 26 G 26 6199 6199 G G A . n 
A 1 27 A 27 6200 6200 A A A . n 
A 1 28 C 28 6201 6201 C C A . n 
A 1 29 C 29 6202 6202 C C A . n 
B 2 1  U 1  6203 6203 U U B . n 
B 2 2  A 2  6204 6204 A A B . n 
B 2 3  A 3  6205 6205 A A B . n 
B 2 4  G 4  6206 6206 G G B . n 
B 2 5  A 5  6207 6207 A A B . n 
B 2 6  A 6  6208 6208 A A B . n 
B 2 7  A 7  6209 6209 A A B . n 
B 2 8  U 8  6210 6210 U U B . n 
B 2 9  U 9  6211 6211 U U B . n 
B 2 10 U 10 6212 6212 U U B . n 
B 2 11 A 11 6213 6213 A A B . n 
B 2 12 C 12 6214 6214 C C B . n 
B 2 13 C 13 6215 6215 C C B . n 
B 2 14 U 14 6216 6216 U U B . n 
# 
loop_
_pdbx_nonpoly_scheme.asym_id 
_pdbx_nonpoly_scheme.entity_id 
_pdbx_nonpoly_scheme.mon_id 
_pdbx_nonpoly_scheme.ndb_seq_num 
_pdbx_nonpoly_scheme.pdb_seq_num 
_pdbx_nonpoly_scheme.auth_seq_num 
_pdbx_nonpoly_scheme.pdb_mon_id 
_pdbx_nonpoly_scheme.auth_mon_id 
_pdbx_nonpoly_scheme.pdb_strand_id 
_pdbx_nonpoly_scheme.pdb_ins_code 
C 3 SO4 1 100 100 SO4 SO4 A . 
D 3 SO4 1 103 103 SO4 SO4 A . 
E 3 SO4 1 101 101 SO4 SO4 B . 
F 3 SO4 1 102 102 SO4 SO4 B . 
# 
_pdbx_struct_assembly.id                   1 
_pdbx_struct_assembly.details              author_and_software_defined_assembly 
_pdbx_struct_assembly.method_details       PISA 
_pdbx_struct_assembly.oligomeric_details   dimeric 
_pdbx_struct_assembly.oligomeric_count     2 
# 
_pdbx_struct_assembly_gen.assembly_id       1 
_pdbx_struct_assembly_gen.oper_expression   1 
_pdbx_struct_assembly_gen.asym_id_list      A,B,C,D,E,F 
# 
loop_
_pdbx_struct_assembly_prop.biol_id 
_pdbx_struct_assembly_prop.type 
_pdbx_struct_assembly_prop.value 
_pdbx_struct_assembly_prop.details 
1 'ABSA (A^2)' 1590 ? 
1 MORE         -47  ? 
1 'SSA (A^2)'  7820 ? 
# 
_pdbx_struct_oper_list.id                   1 
_pdbx_struct_oper_list.type                 'identity operation' 
_pdbx_struct_oper_list.name                 1_555 
_pdbx_struct_oper_list.symmetry_operation   x,y,z 
_pdbx_struct_oper_list.matrix[1][1]         1.0000000000 
_pdbx_struct_oper_list.matrix[1][2]         0.0000000000 
_pdbx_struct_oper_list.matrix[1][3]         0.0000000000 
_pdbx_struct_oper_list.vector[1]            0.0000000000 
_pdbx_struct_oper_list.matrix[2][1]         0.0000000000 
_pdbx_struct_oper_list.matrix[2][2]         1.0000000000 
_pdbx_struct_oper_list.matrix[2][3]         0.0000000000 
_pdbx_struct_oper_list.vector[2]            0.0000000000 
_pdbx_struct_oper_list.matrix[3][1]         0.0000000000 
_pdbx_struct_oper_list.matrix[3][2]         0.0000000000 
_pdbx_struct_oper_list.matrix[3][3]         1.0000000000 
_pdbx_struct_oper_list.vector[3]            0.0000000000 
# 
loop_
_pdbx_audit_revision_history.ordinal 
_pdbx_audit_revision_history.data_content_type 
_pdbx_audit_revision_history.major_revision 
_pdbx_audit_revision_history.minor_revision 
_pdbx_audit_revision_history.revision_date 
1 'Structure model' 1 0 2010-05-19 
2 'Structure model' 1 1 2011-07-13 
3 'Structure model' 1 2 2023-09-06 
# 
_pdbx_audit_revision_details.ordinal             1 
_pdbx_audit_revision_details.revision_ordinal    1 
_pdbx_audit_revision_details.data_content_type   'Structure model' 
_pdbx_audit_revision_details.provider            repository 
_pdbx_audit_revision_details.type                'Initial release' 
_pdbx_audit_revision_details.description         ? 
_pdbx_audit_revision_details.details             ? 
# 
loop_
_pdbx_audit_revision_group.ordinal 
_pdbx_audit_revision_group.revision_ordinal 
_pdbx_audit_revision_group.data_content_type 
_pdbx_audit_revision_group.group 
1 2 'Structure model' 'Version format compliance' 
2 3 'Structure model' 'Data collection'           
3 3 'Structure model' 'Database references'       
4 3 'Structure model' 'Derived calculations'      
5 3 'Structure model' 'Refinement description'    
# 
loop_
_pdbx_audit_revision_category.ordinal 
_pdbx_audit_revision_category.revision_ordinal 
_pdbx_audit_revision_category.data_content_type 
_pdbx_audit_revision_category.category 
1 3 'Structure model' chem_comp_atom                
2 3 'Structure model' chem_comp_bond                
3 3 'Structure model' database_2                    
4 3 'Structure model' pdbx_initial_refinement_model 
5 3 'Structure model' struct_site                   
# 
loop_
_pdbx_audit_revision_item.ordinal 
_pdbx_audit_revision_item.revision_ordinal 
_pdbx_audit_revision_item.data_content_type 
_pdbx_audit_revision_item.item 
1 3 'Structure model' '_database_2.pdbx_DOI'                
2 3 'Structure model' '_database_2.pdbx_database_accession' 
3 3 'Structure model' '_struct_site.pdbx_auth_asym_id'      
4 3 'Structure model' '_struct_site.pdbx_auth_comp_id'      
5 3 'Structure model' '_struct_site.pdbx_auth_seq_id'       
# 
loop_
_software.pdbx_ordinal 
_software.name 
_software.version 
_software.date 
_software.type 
_software.contact_author 
_software.contact_author_email 
_software.classification 
_software.location 
_software.language 
_software.citation_id 
1 CNS         .     ?               package 'Axel T. Brunger' axel.brunger@yale.edu refinement        http://cns-online.org/ 
Fortran_77 ? 
2 PDB_EXTRACT 3.100 'Jan. 22, 2010' package PDB               help@deposit.rcsb.org 'data extraction' 
http://sw-tools.pdb.org/apps/PDB_EXTRACT/ C++        ? 
# 
loop_
_pdbx_validate_rmsd_bond.id 
_pdbx_validate_rmsd_bond.PDB_model_num 
_pdbx_validate_rmsd_bond.auth_atom_id_1 
_pdbx_validate_rmsd_bond.auth_asym_id_1 
_pdbx_validate_rmsd_bond.auth_comp_id_1 
_pdbx_validate_rmsd_bond.auth_seq_id_1 
_pdbx_validate_rmsd_bond.PDB_ins_code_1 
_pdbx_validate_rmsd_bond.label_alt_id_1 
_pdbx_validate_rmsd_bond.auth_atom_id_2 
_pdbx_validate_rmsd_bond.auth_asym_id_2 
_pdbx_validate_rmsd_bond.auth_comp_id_2 
_pdbx_validate_rmsd_bond.auth_seq_id_2 
_pdbx_validate_rmsd_bond.PDB_ins_code_2 
_pdbx_validate_rmsd_bond.label_alt_id_2 
_pdbx_validate_rmsd_bond.bond_value 
_pdbx_validate_rmsd_bond.bond_target_value 
_pdbx_validate_rmsd_bond.bond_deviation 
_pdbx_validate_rmsd_bond.bond_standard_deviation 
_pdbx_validate_rmsd_bond.linker_flag 
1 1 P A G 6174 ? ? OP3 A G 6174 ? ? 1.531 1.607 -0.076 0.012 N 
2 1 P B U 6203 ? ? OP3 B U 6203 ? ? 1.518 1.607 -0.089 0.012 N 
# 
loop_
_pdbx_validate_planes.id 
_pdbx_validate_planes.PDB_model_num 
_pdbx_validate_planes.auth_comp_id 
_pdbx_validate_planes.auth_asym_id 
_pdbx_validate_planes.auth_seq_id 
_pdbx_validate_planes.PDB_ins_code 
_pdbx_validate_planes.label_alt_id 
_pdbx_validate_planes.rmsd 
_pdbx_validate_planes.type 
1 1 U A 6180 ? ? 0.074 'SIDE CHAIN' 
2 1 U B 6210 ? ? 0.064 'SIDE CHAIN' 
# 
loop_
_chem_comp_atom.comp_id 
_chem_comp_atom.atom_id 
_chem_comp_atom.type_symbol 
_chem_comp_atom.pdbx_aromatic_flag 
_chem_comp_atom.pdbx_stereo_config 
_chem_comp_atom.pdbx_ordinal 
A   OP3    O N N 1   
A   P      P N N 2   
A   OP1    O N N 3   
A   OP2    O N N 4   
A   "O5'"  O N N 5   
A   "C5'"  C N N 6   
A   "C4'"  C N R 7   
A   "O4'"  O N N 8   
A   "C3'"  C N S 9   
A   "O3'"  O N N 10  
A   "C2'"  C N R 11  
A   "O2'"  O N N 12  
A   "C1'"  C N R 13  
A   N9     N Y N 14  
A   C8     C Y N 15  
A   N7     N Y N 16  
A   C5     C Y N 17  
A   C6     C Y N 18  
A   N6     N N N 19  
A   N1     N Y N 20  
A   C2     C Y N 21  
A   N3     N Y N 22  
A   C4     C Y N 23  
A   HOP3   H N N 24  
A   HOP2   H N N 25  
A   "H5'"  H N N 26  
A   "H5''" H N N 27  
A   "H4'"  H N N 28  
A   "H3'"  H N N 29  
A   "HO3'" H N N 30  
A   "H2'"  H N N 31  
A   "HO2'" H N N 32  
A   "H1'"  H N N 33  
A   H8     H N N 34  
A   H61    H N N 35  
A   H62    H N N 36  
A   H2     H N N 37  
C   OP3    O N N 38  
C   P      P N N 39  
C   OP1    O N N 40  
C   OP2    O N N 41  
C   "O5'"  O N N 42  
C   "C5'"  C N N 43  
C   "C4'"  C N R 44  
C   "O4'"  O N N 45  
C   "C3'"  C N S 46  
C   "O3'"  O N N 47  
C   "C2'"  C N R 48  
C   "O2'"  O N N 49  
C   "C1'"  C N R 50  
C   N1     N N N 51  
C   C2     C N N 52  
C   O2     O N N 53  
C   N3     N N N 54  
C   C4     C N N 55  
C   N4     N N N 56  
C   C5     C N N 57  
C   C6     C N N 58  
C   HOP3   H N N 59  
C   HOP2   H N N 60  
C   "H5'"  H N N 61  
C   "H5''" H N N 62  
C   "H4'"  H N N 63  
C   "H3'"  H N N 64  
C   "HO3'" H N N 65  
C   "H2'"  H N N 66  
C   "HO2'" H N N 67  
C   "H1'"  H N N 68  
C   H41    H N N 69  
C   H42    H N N 70  
C   H5     H N N 71  
C   H6     H N N 72  
G   OP3    O N N 73  
G   P      P N N 74  
G   OP1    O N N 75  
G   OP2    O N N 76  
G   "O5'"  O N N 77  
G   "C5'"  C N N 78  
G   "C4'"  C N R 79  
G   "O4'"  O N N 80  
G   "C3'"  C N S 81  
G   "O3'"  O N N 82  
G   "C2'"  C N R 83  
G   "O2'"  O N N 84  
G   "C1'"  C N R 85  
G   N9     N Y N 86  
G   C8     C Y N 87  
G   N7     N Y N 88  
G   C5     C Y N 89  
G   C6     C N N 90  
G   O6     O N N 91  
G   N1     N N N 92  
G   C2     C N N 93  
G   N2     N N N 94  
G   N3     N N N 95  
G   C4     C Y N 96  
G   HOP3   H N N 97  
G   HOP2   H N N 98  
G   "H5'"  H N N 99  
G   "H5''" H N N 100 
G   "H4'"  H N N 101 
G   "H3'"  H N N 102 
G   "HO3'" H N N 103 
G   "H2'"  H N N 104 
G   "HO2'" H N N 105 
G   "H1'"  H N N 106 
G   H8     H N N 107 
G   H1     H N N 108 
G   H21    H N N 109 
G   H22    H N N 110 
SO4 S      S N N 111 
SO4 O1     O N N 112 
SO4 O2     O N N 113 
SO4 O3     O N N 114 
SO4 O4     O N N 115 
U   OP3    O N N 116 
U   P      P N N 117 
U   OP1    O N N 118 
U   OP2    O N N 119 
U   "O5'"  O N N 120 
U   "C5'"  C N N 121 
U   "C4'"  C N R 122 
U   "O4'"  O N N 123 
U   "C3'"  C N S 124 
U   "O3'"  O N N 125 
U   "C2'"  C N R 126 
U   "O2'"  O N N 127 
U   "C1'"  C N R 128 
U   N1     N N N 129 
U   C2     C N N 130 
U   O2     O N N 131 
U   N3     N N N 132 
U   C4     C N N 133 
U   O4     O N N 134 
U   C5     C N N 135 
U   C6     C N N 136 
U   HOP3   H N N 137 
U   HOP2   H N N 138 
U   "H5'"  H N N 139 
U   "H5''" H N N 140 
U   "H4'"  H N N 141 
U   "H3'"  H N N 142 
U   "HO3'" H N N 143 
U   "H2'"  H N N 144 
U   "HO2'" H N N 145 
U   "H1'"  H N N 146 
U   H3     H N N 147 
U   H5     H N N 148 
U   H6     H N N 149 
# 
loop_
_chem_comp_bond.comp_id 
_chem_comp_bond.atom_id_1 
_chem_comp_bond.atom_id_2 
_chem_comp_bond.value_order 
_chem_comp_bond.pdbx_aromatic_flag 
_chem_comp_bond.pdbx_stereo_config 
_chem_comp_bond.pdbx_ordinal 
A   OP3   P      sing N N 1   
A   OP3   HOP3   sing N N 2   
A   P     OP1    doub N N 3   
A   P     OP2    sing N N 4   
A   P     "O5'"  sing N N 5   
A   OP2   HOP2   sing N N 6   
A   "O5'" "C5'"  sing N N 7   
A   "C5'" "C4'"  sing N N 8   
A   "C5'" "H5'"  sing N N 9   
A   "C5'" "H5''" sing N N 10  
A   "C4'" "O4'"  sing N N 11  
A   "C4'" "C3'"  sing N N 12  
A   "C4'" "H4'"  sing N N 13  
A   "O4'" "C1'"  sing N N 14  
A   "C3'" "O3'"  sing N N 15  
A   "C3'" "C2'"  sing N N 16  
A   "C3'" "H3'"  sing N N 17  
A   "O3'" "HO3'" sing N N 18  
A   "C2'" "O2'"  sing N N 19  
A   "C2'" "C1'"  sing N N 20  
A   "C2'" "H2'"  sing N N 21  
A   "O2'" "HO2'" sing N N 22  
A   "C1'" N9     sing N N 23  
A   "C1'" "H1'"  sing N N 24  
A   N9    C8     sing Y N 25  
A   N9    C4     sing Y N 26  
A   C8    N7     doub Y N 27  
A   C8    H8     sing N N 28  
A   N7    C5     sing Y N 29  
A   C5    C6     sing Y N 30  
A   C5    C4     doub Y N 31  
A   C6    N6     sing N N 32  
A   C6    N1     doub Y N 33  
A   N6    H61    sing N N 34  
A   N6    H62    sing N N 35  
A   N1    C2     sing Y N 36  
A   C2    N3     doub Y N 37  
A   C2    H2     sing N N 38  
A   N3    C4     sing Y N 39  
C   OP3   P      sing N N 40  
C   OP3   HOP3   sing N N 41  
C   P     OP1    doub N N 42  
C   P     OP2    sing N N 43  
C   P     "O5'"  sing N N 44  
C   OP2   HOP2   sing N N 45  
C   "O5'" "C5'"  sing N N 46  
C   "C5'" "C4'"  sing N N 47  
C   "C5'" "H5'"  sing N N 48  
C   "C5'" "H5''" sing N N 49  
C   "C4'" "O4'"  sing N N 50  
C   "C4'" "C3'"  sing N N 51  
C   "C4'" "H4'"  sing N N 52  
C   "O4'" "C1'"  sing N N 53  
C   "C3'" "O3'"  sing N N 54  
C   "C3'" "C2'"  sing N N 55  
C   "C3'" "H3'"  sing N N 56  
C   "O3'" "HO3'" sing N N 57  
C   "C2'" "O2'"  sing N N 58  
C   "C2'" "C1'"  sing N N 59  
C   "C2'" "H2'"  sing N N 60  
C   "O2'" "HO2'" sing N N 61  
C   "C1'" N1     sing N N 62  
C   "C1'" "H1'"  sing N N 63  
C   N1    C2     sing N N 64  
C   N1    C6     sing N N 65  
C   C2    O2     doub N N 66  
C   C2    N3     sing N N 67  
C   N3    C4     doub N N 68  
C   C4    N4     sing N N 69  
C   C4    C5     sing N N 70  
C   N4    H41    sing N N 71  
C   N4    H42    sing N N 72  
C   C5    C6     doub N N 73  
C   C5    H5     sing N N 74  
C   C6    H6     sing N N 75  
G   OP3   P      sing N N 76  
G   OP3   HOP3   sing N N 77  
G   P     OP1    doub N N 78  
G   P     OP2    sing N N 79  
G   P     "O5'"  sing N N 80  
G   OP2   HOP2   sing N N 81  
G   "O5'" "C5'"  sing N N 82  
G   "C5'" "C4'"  sing N N 83  
G   "C5'" "H5'"  sing N N 84  
G   "C5'" "H5''" sing N N 85  
G   "C4'" "O4'"  sing N N 86  
G   "C4'" "C3'"  sing N N 87  
G   "C4'" "H4'"  sing N N 88  
G   "O4'" "C1'"  sing N N 89  
G   "C3'" "O3'"  sing N N 90  
G   "C3'" "C2'"  sing N N 91  
G   "C3'" "H3'"  sing N N 92  
G   "O3'" "HO3'" sing N N 93  
G   "C2'" "O2'"  sing N N 94  
G   "C2'" "C1'"  sing N N 95  
G   "C2'" "H2'"  sing N N 96  
G   "O2'" "HO2'" sing N N 97  
G   "C1'" N9     sing N N 98  
G   "C1'" "H1'"  sing N N 99  
G   N9    C8     sing Y N 100 
G   N9    C4     sing Y N 101 
G   C8    N7     doub Y N 102 
G   C8    H8     sing N N 103 
G   N7    C5     sing Y N 104 
G   C5    C6     sing N N 105 
G   C5    C4     doub Y N 106 
G   C6    O6     doub N N 107 
G   C6    N1     sing N N 108 
G   N1    C2     sing N N 109 
G   N1    H1     sing N N 110 
G   C2    N2     sing N N 111 
G   C2    N3     doub N N 112 
G   N2    H21    sing N N 113 
G   N2    H22    sing N N 114 
G   N3    C4     sing N N 115 
SO4 S     O1     doub N N 116 
SO4 S     O2     doub N N 117 
SO4 S     O3     sing N N 118 
SO4 S     O4     sing N N 119 
U   OP3   P      sing N N 120 
U   OP3   HOP3   sing N N 121 
U   P     OP1    doub N N 122 
U   P     OP2    sing N N 123 
U   P     "O5'"  sing N N 124 
U   OP2   HOP2   sing N N 125 
U   "O5'" "C5'"  sing N N 126 
U   "C5'" "C4'"  sing N N 127 
U   "C5'" "H5'"  sing N N 128 
U   "C5'" "H5''" sing N N 129 
U   "C4'" "O4'"  sing N N 130 
U   "C4'" "C3'"  sing N N 131 
U   "C4'" "H4'"  sing N N 132 
U   "O4'" "C1'"  sing N N 133 
U   "C3'" "O3'"  sing N N 134 
U   "C3'" "C2'"  sing N N 135 
U   "C3'" "H3'"  sing N N 136 
U   "O3'" "HO3'" sing N N 137 
U   "C2'" "O2'"  sing N N 138 
U   "C2'" "C1'"  sing N N 139 
U   "C2'" "H2'"  sing N N 140 
U   "O2'" "HO2'" sing N N 141 
U   "C1'" N1     sing N N 142 
U   "C1'" "H1'"  sing N N 143 
U   N1    C2     sing N N 144 
U   N1    C6     sing N N 145 
U   C2    O2     doub N N 146 
U   C2    N3     sing N N 147 
U   N3    C4     sing N N 148 
U   N3    H3     sing N N 149 
U   C4    O4     doub N N 150 
U   C4    C5     sing N N 151 
U   C5    C6     doub N N 152 
U   C5    H5     sing N N 153 
U   C6    H6     sing N N 154 
# 
loop_
_ndb_struct_conf_na.entry_id 
_ndb_struct_conf_na.feature 
3MJB 'double helix'         
3MJB 'a-form double helix'  
3MJB 'bulge loop'           
3MJB 'mismatched base pair' 
# 
loop_
_ndb_struct_na_base_pair.model_number 
_ndb_struct_na_base_pair.i_label_asym_id 
_ndb_struct_na_base_pair.i_label_comp_id 
_ndb_struct_na_base_pair.i_label_seq_id 
_ndb_struct_na_base_pair.i_symmetry 
_ndb_struct_na_base_pair.j_label_asym_id 
_ndb_struct_na_base_pair.j_label_comp_id 
_ndb_struct_na_base_pair.j_label_seq_id 
_ndb_struct_na_base_pair.j_symmetry 
_ndb_struct_na_base_pair.shear 
_ndb_struct_na_base_pair.stretch 
_ndb_struct_na_base_pair.stagger 
_ndb_struct_na_base_pair.buckle 
_ndb_struct_na_base_pair.propeller 
_ndb_struct_na_base_pair.opening 
_ndb_struct_na_base_pair.pair_number 
_ndb_struct_na_base_pair.pair_name 
_ndb_struct_na_base_pair.i_auth_asym_id 
_ndb_struct_na_base_pair.i_auth_seq_id 
_ndb_struct_na_base_pair.i_PDB_ins_code 
_ndb_struct_na_base_pair.j_auth_asym_id 
_ndb_struct_na_base_pair.j_auth_seq_id 
_ndb_struct_na_base_pair.j_PDB_ins_code 
_ndb_struct_na_base_pair.hbond_type_28 
_ndb_struct_na_base_pair.hbond_type_12 
1 A G 1  1_555 A C 29 1_555 -1.450 -0.594 0.413  3.359   -24.519 0.987   1  A_G6174:C6202_A A 6174 ? A 6202 ? 19 1 
1 A G 2  1_555 A C 28 1_555 0.465  0.015  0.301  4.005   -9.141  -2.650  2  A_G6175:C6201_A A 6175 ? A 6201 ? 19 1 
1 A U 3  1_555 A A 27 1_555 0.991  0.102  0.164  -4.271  -10.023 -7.001  3  A_U6176:A6200_A A 6176 ? A 6200 ? 20 1 
1 A U 4  1_555 A G 26 1_555 -0.601 -0.220 0.032  10.624  -16.095 1.616   4  A_U6177:G6199_A A 6177 ? A 6199 ? ?  1 
1 A A 5  1_555 A U 25 1_555 1.039  -0.409 -0.459 -8.992  -9.667  1.527   5  A_A6178:U6198_A A 6178 ? A 6198 ? 20 1 
1 A U 6  1_555 A A 24 1_555 -0.284 -0.186 0.331  -4.803  -11.104 3.880   6  A_U6179:A6197_A A 6179 ? A 6197 ? 20 1 
1 A U 7  1_555 A A 23 1_555 0.896  -0.392 -0.266 -1.555  -15.857 4.148   7  A_U6180:A6196_A A 6180 ? A 6196 ? 20 1 
1 A C 8  1_555 A G 22 1_555 0.100  -0.459 -0.240 6.444   -3.035  -6.186  8  A_C6181:G6195_A A 6181 ? A 6195 ? 19 1 
1 A G 10 1_555 A C 21 1_555 -0.068 -0.265 0.437  -1.576  -11.584 0.815   9  A_G6183:C6194_A A 6183 ? A 6194 ? 19 1 
1 A A 11 1_555 A U 20 1_555 -0.338 0.028  0.707  -21.580 -27.854 -1.667  10 A_A6184:U6193_A A 6184 ? A 6193 ? 20 1 
1 B A 7  1_555 A G 19 1_555 2.295  6.616  -1.699 45.421  7.491   137.944 11 B_A6209:G6192_A B 6209 ? A 6192 ? ?  6 
1 B U 10 1_555 A A 18 1_555 0.004  -0.109 0.120  -0.032  -4.826  -4.593  12 B_U6212:A6191_A B 6212 ? A 6191 ? 20 1 
1 B A 11 1_555 A U 17 1_555 -1.079 -0.478 -0.215 -1.122  -12.199 -0.075  13 B_A6213:U6190_A B 6213 ? A 6190 ? 20 1 
1 B C 12 1_555 A G 16 1_555 0.774  -0.458 0.171  1.131   -13.487 8.190   14 B_C6214:G6189_A B 6214 ? A 6189 ? 19 1 
1 B C 13 1_555 A G 15 1_555 0.618  -0.196 0.082  -5.391  -9.121  4.882   15 B_C6215:G6188_A B 6215 ? A 6188 ? 19 1 
1 B U 14 1_555 A A 14 1_555 0.327  0.004  0.116  2.599   -8.892  -4.690  16 B_U6216:A6187_A B 6216 ? A 6187 ? 20 1 
# 
loop_
_ndb_struct_na_base_pair_step.model_number 
_ndb_struct_na_base_pair_step.i_label_asym_id_1 
_ndb_struct_na_base_pair_step.i_label_comp_id_1 
_ndb_struct_na_base_pair_step.i_label_seq_id_1 
_ndb_struct_na_base_pair_step.i_symmetry_1 
_ndb_struct_na_base_pair_step.j_label_asym_id_1 
_ndb_struct_na_base_pair_step.j_label_comp_id_1 
_ndb_struct_na_base_pair_step.j_label_seq_id_1 
_ndb_struct_na_base_pair_step.j_symmetry_1 
_ndb_struct_na_base_pair_step.i_label_asym_id_2 
_ndb_struct_na_base_pair_step.i_label_comp_id_2 
_ndb_struct_na_base_pair_step.i_label_seq_id_2 
_ndb_struct_na_base_pair_step.i_symmetry_2 
_ndb_struct_na_base_pair_step.j_label_asym_id_2 
_ndb_struct_na_base_pair_step.j_label_comp_id_2 
_ndb_struct_na_base_pair_step.j_label_seq_id_2 
_ndb_struct_na_base_pair_step.j_symmetry_2 
_ndb_struct_na_base_pair_step.shift 
_ndb_struct_na_base_pair_step.slide 
_ndb_struct_na_base_pair_step.rise 
_ndb_struct_na_base_pair_step.tilt 
_ndb_struct_na_base_pair_step.roll 
_ndb_struct_na_base_pair_step.twist 
_ndb_struct_na_base_pair_step.x_displacement 
_ndb_struct_na_base_pair_step.y_displacement 
_ndb_struct_na_base_pair_step.helical_rise 
_ndb_struct_na_base_pair_step.inclination 
_ndb_struct_na_base_pair_step.tip 
_ndb_struct_na_base_pair_step.helical_twist 
_ndb_struct_na_base_pair_step.step_number 
_ndb_struct_na_base_pair_step.step_name 
_ndb_struct_na_base_pair_step.i_auth_asym_id_1 
_ndb_struct_na_base_pair_step.i_auth_seq_id_1 
_ndb_struct_na_base_pair_step.i_PDB_ins_code_1 
_ndb_struct_na_base_pair_step.j_auth_asym_id_1 
_ndb_struct_na_base_pair_step.j_auth_seq_id_1 
_ndb_struct_na_base_pair_step.j_PDB_ins_code_1 
_ndb_struct_na_base_pair_step.i_auth_asym_id_2 
_ndb_struct_na_base_pair_step.i_auth_seq_id_2 
_ndb_struct_na_base_pair_step.i_PDB_ins_code_2 
_ndb_struct_na_base_pair_step.j_auth_asym_id_2 
_ndb_struct_na_base_pair_step.j_auth_seq_id_2 
_ndb_struct_na_base_pair_step.j_PDB_ins_code_2 
1 A G 1  1_555 A C 29 1_555 A G 2  1_555 A C 28 1_555 -1.019 -1.741 3.215  -4.047   -0.121   45.254  -2.244 0.963  3.294 -0.157  
5.247   45.425  1  AA_G6174G6175:C6201C6202_AA A 6174 ? A 6202 ? A 6175 ? A 6201 ? 
1 A G 2  1_555 A C 28 1_555 A U 3  1_555 A A 27 1_555 -0.375 -1.368 3.614  2.138    7.447    32.433  -3.695 1.029  3.199 13.101  
-3.762  33.321  2  AA_G6175U6176:A6200C6201_AA A 6175 ? A 6201 ? A 6176 ? A 6200 ? 
1 A U 3  1_555 A A 27 1_555 A U 4  1_555 A G 26 1_555 0.463  -1.340 2.753  2.120    5.119    25.323  -4.133 -0.559 2.468 11.502  
-4.763  25.913  3  AA_U6176U6177:G6199A6200_AA A 6176 ? A 6200 ? A 6177 ? A 6199 ? 
1 A U 4  1_555 A G 26 1_555 A A 5  1_555 A U 25 1_555 -0.487 -1.101 3.585  0.748    21.256   39.998  -3.391 0.703  2.692 28.750  
-1.012  45.096  4  AA_U6177A6178:U6198G6199_AA A 6177 ? A 6199 ? A 6178 ? A 6198 ? 
1 A A 5  1_555 A U 25 1_555 A U 6  1_555 A A 24 1_555 0.003  -1.355 3.273  -9.257   3.644    27.149  -3.508 -2.015 2.912 7.452   
18.933  28.882  5  AA_A6178U6179:A6197U6198_AA A 6178 ? A 6198 ? A 6179 ? A 6197 ? 
1 A U 6  1_555 A A 24 1_555 A U 7  1_555 A A 23 1_555 -0.048 -0.969 3.153  5.347    4.482    38.506  -1.957 0.681  2.993 6.728   
-8.028  39.109  6  AA_U6179U6180:A6196A6197_AA A 6179 ? A 6197 ? A 6180 ? A 6196 ? 
1 A U 7  1_555 A A 23 1_555 A C 8  1_555 A G 22 1_555 -0.175 -1.269 3.257  3.017    8.346    22.840  -5.393 1.280  2.593 20.127  
-7.275  24.482  7  AA_U6180C6181:G6195A6196_AA A 6180 ? A 6196 ? A 6181 ? A 6195 ? 
1 A C 8  1_555 A G 22 1_555 A G 10 1_555 A C 21 1_555 0.352  -2.123 3.336  -4.221   6.586    30.469  -5.085 -1.398 2.756 12.279  
7.870   31.434  8  AA_C6181G6183:C6194G6195_AA A 6181 ? A 6195 ? A 6183 ? A 6194 ? 
1 A G 10 1_555 A C 21 1_555 A A 11 1_555 A U 20 1_555 -0.345 -1.766 3.606  0.365    6.314    37.850  -3.523 0.574  3.277 9.651   
-0.558  38.356  9  AA_G6183A6184:U6193C6194_AA A 6183 ? A 6194 ? A 6184 ? A 6193 ? 
1 A A 11 1_555 A U 20 1_555 B A 7  1_555 A G 19 1_555 -1.890 -2.896 -5.222 -152.433 26.877   25.052  -1.123 3.001  0.165 15.146  
85.898  155.394 10 AB_A6184A6209:G6192U6193_AA A 6184 ? A 6193 ? B 6209 ? A 6192 ? 
1 B A 7  1_555 A G 19 1_555 B U 10 1_555 A A 18 1_555 -2.373 -2.235 2.437  88.741   -132.157 129.907 -0.677 1.488  2.437 -66.876 
-44.906 171.229 11 BB_A6209U6212:A6191G6192_AA B 6209 ? A 6192 ? B 6212 ? A 6191 ? 
1 B U 10 1_555 A A 18 1_555 B A 11 1_555 A U 17 1_555 -0.362 -1.655 3.048  1.621    16.586   24.910  -5.901 0.966  1.625 34.018  
-3.324  29.897  12 BB_U6212A6213:U6190A6191_AA B 6212 ? A 6191 ? B 6213 ? A 6190 ? 
1 B A 11 1_555 A U 17 1_555 B C 12 1_555 A G 16 1_555 0.681  -0.722 3.120  -1.658   6.847    41.318  -1.677 -1.114 2.941 9.620   
2.330   41.888  13 BB_A6213C6214:G6189U6190_AA B 6213 ? A 6190 ? B 6214 ? A 6189 ? 
1 B C 12 1_555 A G 16 1_555 B C 13 1_555 A G 15 1_555 0.169  -1.452 3.234  3.166    7.605    31.191  -3.888 0.225  2.815 13.843  
-5.764  32.235  14 BB_C6214C6215:G6188G6189_AA B 6214 ? A 6189 ? B 6215 ? A 6188 ? 
1 B C 13 1_555 A G 15 1_555 B U 14 1_555 A A 14 1_555 -0.634 -1.230 3.018  2.020    5.903    33.349  -2.948 1.373  2.724 10.175  
-3.482  33.911  15 BB_C6215U6216:A6187G6188_AA B 6215 ? A 6188 ? B 6216 ? A 6187 ? 
# 
_pdbx_entity_nonpoly.entity_id   3 
_pdbx_entity_nonpoly.name        'SULFATE ION' 
_pdbx_entity_nonpoly.comp_id     SO4 
# 
_pdbx_initial_refinement_model.id               1 
_pdbx_initial_refinement_model.entity_id_list   ? 
_pdbx_initial_refinement_model.type             'experimental model' 
_pdbx_initial_refinement_model.source_name      PDB 
_pdbx_initial_refinement_model.accession_code   3B31 
_pdbx_initial_refinement_model.details          'PDB entry 3B31' 
# 
